data_2FD5
# 
_entry.id   2FD5 
# 
_audit_conform.dict_name       mmcif_pdbx.dic 
_audit_conform.dict_version    5.387 
_audit_conform.dict_location   http://mmcif.pdb.org/dictionaries/ascii/mmcif_pdbx.dic 
# 
loop_
_database_2.database_id 
_database_2.database_code 
_database_2.pdbx_database_accession 
_database_2.pdbx_DOI 
PDB   2FD5         pdb_00002fd5 10.2210/pdb2fd5/pdb 
RCSB  RCSB035734   ?            ?                   
WWPDB D_1000035734 ?            ?                   
# 
loop_
_pdbx_audit_revision_history.ordinal 
_pdbx_audit_revision_history.data_content_type 
_pdbx_audit_revision_history.major_revision 
_pdbx_audit_revision_history.minor_revision 
_pdbx_audit_revision_history.revision_date 
1 'Structure model' 1 0 2006-01-24 
2 'Structure model' 1 1 2008-05-01 
3 'Structure model' 1 2 2011-07-13 
4 'Structure model' 1 3 2024-02-14 
# 
_pdbx_audit_revision_details.ordinal             1 
_pdbx_audit_revision_details.revision_ordinal    1 
_pdbx_audit_revision_details.data_content_type   'Structure model' 
_pdbx_audit_revision_details.provider            repository 
_pdbx_audit_revision_details.type                'Initial release' 
_pdbx_audit_revision_details.description         ? 
_pdbx_audit_revision_details.details             ? 
# 
loop_
_pdbx_audit_revision_group.ordinal 
_pdbx_audit_revision_group.revision_ordinal 
_pdbx_audit_revision_group.data_content_type 
_pdbx_audit_revision_group.group 
1 2 'Structure model' 'Version format compliance' 
2 3 'Structure model' 'Derived calculations'      
3 3 'Structure model' 'Source and taxonomy'       
4 3 'Structure model' 'Version format compliance' 
5 4 'Structure model' 'Data collection'           
6 4 'Structure model' 'Database references'       
# 
loop_
_pdbx_audit_revision_category.ordinal 
_pdbx_audit_revision_category.revision_ordinal 
_pdbx_audit_revision_category.data_content_type 
_pdbx_audit_revision_category.category 
1 4 'Structure model' chem_comp_atom 
2 4 'Structure model' chem_comp_bond 
3 4 'Structure model' database_2     
# 
loop_
_pdbx_audit_revision_item.ordinal 
_pdbx_audit_revision_item.revision_ordinal 
_pdbx_audit_revision_item.data_content_type 
_pdbx_audit_revision_item.item 
1 4 'Structure model' '_database_2.pdbx_DOI'                
2 4 'Structure model' '_database_2.pdbx_database_accession' 
# 
_pdbx_database_status.status_code                     REL 
_pdbx_database_status.entry_id                        2FD5 
_pdbx_database_status.recvd_initial_deposition_date   2005-12-13 
_pdbx_database_status.deposit_site                    RCSB 
_pdbx_database_status.process_site                    RCSB 
_pdbx_database_status.status_code_sf                  REL 
_pdbx_database_status.status_code_mr                  ? 
_pdbx_database_status.SG_entry                        Y 
_pdbx_database_status.pdb_format_compatible           Y 
_pdbx_database_status.status_code_cs                  ? 
_pdbx_database_status.status_code_nmr_data            ? 
_pdbx_database_status.methods_development_category    ? 
# 
_pdbx_database_related.db_name        TargetDB 
_pdbx_database_related.db_id          APC5936 
_pdbx_database_related.details        . 
_pdbx_database_related.content_type   unspecified 
# 
loop_
_audit_author.name 
_audit_author.pdbx_ordinal 
'Zhang, R.'                                     1 
'Skarina, T.'                                   2 
'Onopriyenko, O.'                               3 
'Savchenko, A.'                                 4 
'Edwards, A.'                                   5 
'Joachimiak, A.'                                6 
'Midwest Center for Structural Genomics (MCSG)' 7 
# 
_citation.id                        primary 
_citation.title                     'The crystal structure of a transcriptional regulator from Pseudomonas aeruginosa PAO1' 
_citation.journal_abbrev            'To be Published' 
_citation.journal_volume            ? 
_citation.page_first                ? 
_citation.page_last                 ? 
_citation.year                      ? 
_citation.journal_id_ASTM           ? 
_citation.country                   ? 
_citation.journal_id_ISSN           ? 
_citation.journal_id_CSD            0353 
_citation.book_publisher            ? 
_citation.pdbx_database_id_PubMed   ? 
_citation.pdbx_database_id_DOI      ? 
# 
loop_
_citation_author.citation_id 
_citation_author.name 
_citation_author.ordinal 
_citation_author.identifier_ORCID 
primary 'Zhang, R.'       1 ? 
primary 'Skarina, T.'     2 ? 
primary 'Onopriyenko, O.' 3 ? 
primary 'Savchenko, A.'   4 ? 
primary 'Edwards, A.'     5 ? 
primary 'Joachimiak, A.'  6 ? 
# 
loop_
_entity.id 
_entity.type 
_entity.src_method 
_entity.pdbx_description 
_entity.formula_weight 
_entity.pdbx_number_of_molecules 
_entity.pdbx_ec 
_entity.pdbx_mutation 
_entity.pdbx_fragment 
_entity.details 
1 polymer man 'transcriptional regulator' 19200.100 1   ? ? ? ? 
2 water   nat water                       18.015    195 ? ? ? ? 
# 
_entity_poly.entity_id                      1 
_entity_poly.type                           'polypeptide(L)' 
_entity_poly.nstd_linkage                   no 
_entity_poly.nstd_monomer                   no 
_entity_poly.pdbx_seq_one_letter_code       
;MSDKKTQTRARILGAATQALLERGAVEPSVGEVMGAAGLTVGGFYAHFQSKDALMLEAFEQLLGKRRELLGELDPGLSGK
ERRALAAAFYLSRKHRDAQVDAGCPLPATLAEVARLPEGFREVLSRHVEIMVTSLAESPEETDVALADLVLMIGGLALAR
ALGPGELSDRVLRAAKQAVN
;
_entity_poly.pdbx_seq_one_letter_code_can   
;MSDKKTQTRARILGAATQALLERGAVEPSVGEVMGAAGLTVGGFYAHFQSKDALMLEAFEQLLGKRRELLGELDPGLSGK
ERRALAAAFYLSRKHRDAQVDAGCPLPATLAEVARLPEGFREVLSRHVEIMVTSLAESPEETDVALADLVLMIGGLALAR
ALGPGELSDRVLRAAKQAVN
;
_entity_poly.pdbx_strand_id                 A 
_entity_poly.pdbx_target_identifier         APC5936 
# 
_pdbx_entity_nonpoly.entity_id   2 
_pdbx_entity_nonpoly.name        water 
_pdbx_entity_nonpoly.comp_id     HOH 
# 
loop_
_entity_poly_seq.entity_id 
_entity_poly_seq.num 
_entity_poly_seq.mon_id 
_entity_poly_seq.hetero 
1 1   MET n 
1 2   SER n 
1 3   ASP n 
1 4   LYS n 
1 5   LYS n 
1 6   THR n 
1 7   GLN n 
1 8   THR n 
1 9   ARG n 
1 10  ALA n 
1 11  ARG n 
1 12  ILE n 
1 13  LEU n 
1 14  GLY n 
1 15  ALA n 
1 16  ALA n 
1 17  THR n 
1 18  GLN n 
1 19  ALA n 
1 20  LEU n 
1 21  LEU n 
1 22  GLU n 
1 23  ARG n 
1 24  GLY n 
1 25  ALA n 
1 26  VAL n 
1 27  GLU n 
1 28  PRO n 
1 29  SER n 
1 30  VAL n 
1 31  GLY n 
1 32  GLU n 
1 33  VAL n 
1 34  MET n 
1 35  GLY n 
1 36  ALA n 
1 37  ALA n 
1 38  GLY n 
1 39  LEU n 
1 40  THR n 
1 41  VAL n 
1 42  GLY n 
1 43  GLY n 
1 44  PHE n 
1 45  TYR n 
1 46  ALA n 
1 47  HIS n 
1 48  PHE n 
1 49  GLN n 
1 50  SER n 
1 51  LYS n 
1 52  ASP n 
1 53  ALA n 
1 54  LEU n 
1 55  MET n 
1 56  LEU n 
1 57  GLU n 
1 58  ALA n 
1 59  PHE n 
1 60  GLU n 
1 61  GLN n 
1 62  LEU n 
1 63  LEU n 
1 64  GLY n 
1 65  LYS n 
1 66  ARG n 
1 67  ARG n 
1 68  GLU n 
1 69  LEU n 
1 70  LEU n 
1 71  GLY n 
1 72  GLU n 
1 73  LEU n 
1 74  ASP n 
1 75  PRO n 
1 76  GLY n 
1 77  LEU n 
1 78  SER n 
1 79  GLY n 
1 80  LYS n 
1 81  GLU n 
1 82  ARG n 
1 83  ARG n 
1 84  ALA n 
1 85  LEU n 
1 86  ALA n 
1 87  ALA n 
1 88  ALA n 
1 89  PHE n 
1 90  TYR n 
1 91  LEU n 
1 92  SER n 
1 93  ARG n 
1 94  LYS n 
1 95  HIS n 
1 96  ARG n 
1 97  ASP n 
1 98  ALA n 
1 99  GLN n 
1 100 VAL n 
1 101 ASP n 
1 102 ALA n 
1 103 GLY n 
1 104 CYS n 
1 105 PRO n 
1 106 LEU n 
1 107 PRO n 
1 108 ALA n 
1 109 THR n 
1 110 LEU n 
1 111 ALA n 
1 112 GLU n 
1 113 VAL n 
1 114 ALA n 
1 115 ARG n 
1 116 LEU n 
1 117 PRO n 
1 118 GLU n 
1 119 GLY n 
1 120 PHE n 
1 121 ARG n 
1 122 GLU n 
1 123 VAL n 
1 124 LEU n 
1 125 SER n 
1 126 ARG n 
1 127 HIS n 
1 128 VAL n 
1 129 GLU n 
1 130 ILE n 
1 131 MET n 
1 132 VAL n 
1 133 THR n 
1 134 SER n 
1 135 LEU n 
1 136 ALA n 
1 137 GLU n 
1 138 SER n 
1 139 PRO n 
1 140 GLU n 
1 141 GLU n 
1 142 THR n 
1 143 ASP n 
1 144 VAL n 
1 145 ALA n 
1 146 LEU n 
1 147 ALA n 
1 148 ASP n 
1 149 LEU n 
1 150 VAL n 
1 151 LEU n 
1 152 MET n 
1 153 ILE n 
1 154 GLY n 
1 155 GLY n 
1 156 LEU n 
1 157 ALA n 
1 158 LEU n 
1 159 ALA n 
1 160 ARG n 
1 161 ALA n 
1 162 LEU n 
1 163 GLY n 
1 164 PRO n 
1 165 GLY n 
1 166 GLU n 
1 167 LEU n 
1 168 SER n 
1 169 ASP n 
1 170 ARG n 
1 171 VAL n 
1 172 LEU n 
1 173 ARG n 
1 174 ALA n 
1 175 ALA n 
1 176 LYS n 
1 177 GLN n 
1 178 ALA n 
1 179 VAL n 
1 180 ASN n 
# 
_entity_src_gen.entity_id                          1 
_entity_src_gen.pdbx_src_id                        1 
_entity_src_gen.pdbx_alt_source_flag               sample 
_entity_src_gen.pdbx_seq_type                      ? 
_entity_src_gen.pdbx_beg_seq_num                   ? 
_entity_src_gen.pdbx_end_seq_num                   ? 
_entity_src_gen.gene_src_common_name               ? 
_entity_src_gen.gene_src_genus                     Pseudomonas 
_entity_src_gen.pdbx_gene_src_gene                 GI:15598329 
_entity_src_gen.gene_src_species                   'Pseudomonas aeruginosa' 
_entity_src_gen.gene_src_strain                    PAO1 
_entity_src_gen.gene_src_tissue                    ? 
_entity_src_gen.gene_src_tissue_fraction           ? 
_entity_src_gen.gene_src_details                   ? 
_entity_src_gen.pdbx_gene_src_fragment             ? 
_entity_src_gen.pdbx_gene_src_scientific_name      'Pseudomonas aeruginosa' 
_entity_src_gen.pdbx_gene_src_ncbi_taxonomy_id     208964 
_entity_src_gen.pdbx_gene_src_variant              ? 
_entity_src_gen.pdbx_gene_src_cell_line            ? 
_entity_src_gen.pdbx_gene_src_atcc                 ? 
_entity_src_gen.pdbx_gene_src_organ                ? 
_entity_src_gen.pdbx_gene_src_organelle            ? 
_entity_src_gen.pdbx_gene_src_cell                 ? 
_entity_src_gen.pdbx_gene_src_cellular_location    ? 
_entity_src_gen.host_org_common_name               ? 
_entity_src_gen.pdbx_host_org_scientific_name      'Escherichia coli BL21(DE3)' 
_entity_src_gen.pdbx_host_org_ncbi_taxonomy_id     469008 
_entity_src_gen.host_org_genus                     Escherichia 
_entity_src_gen.pdbx_host_org_gene                 ? 
_entity_src_gen.pdbx_host_org_organ                ? 
_entity_src_gen.host_org_species                   'Escherichia coli' 
_entity_src_gen.pdbx_host_org_tissue               ? 
_entity_src_gen.pdbx_host_org_tissue_fraction      ? 
_entity_src_gen.pdbx_host_org_strain               'BL21(DE3)' 
_entity_src_gen.pdbx_host_org_variant              ? 
_entity_src_gen.pdbx_host_org_cell_line            ? 
_entity_src_gen.pdbx_host_org_atcc                 ? 
_entity_src_gen.pdbx_host_org_culture_collection   ? 
_entity_src_gen.pdbx_host_org_cell                 ? 
_entity_src_gen.pdbx_host_org_organelle            ? 
_entity_src_gen.pdbx_host_org_cellular_location    ? 
_entity_src_gen.pdbx_host_org_vector_type          plasmid 
_entity_src_gen.pdbx_host_org_vector               ? 
_entity_src_gen.host_org_details                   ? 
_entity_src_gen.expression_system_id               ? 
_entity_src_gen.plasmid_name                       pET15b 
_entity_src_gen.plasmid_details                    ? 
_entity_src_gen.pdbx_description                   ? 
# 
loop_
_chem_comp.id 
_chem_comp.type 
_chem_comp.mon_nstd_flag 
_chem_comp.name 
_chem_comp.pdbx_synonyms 
_chem_comp.formula 
_chem_comp.formula_weight 
ALA 'L-peptide linking' y ALANINE         ? 'C3 H7 N O2'     89.093  
ARG 'L-peptide linking' y ARGININE        ? 'C6 H15 N4 O2 1' 175.209 
ASN 'L-peptide linking' y ASPARAGINE      ? 'C4 H8 N2 O3'    132.118 
ASP 'L-peptide linking' y 'ASPARTIC ACID' ? 'C4 H7 N O4'     133.103 
CYS 'L-peptide linking' y CYSTEINE        ? 'C3 H7 N O2 S'   121.158 
GLN 'L-peptide linking' y GLUTAMINE       ? 'C5 H10 N2 O3'   146.144 
GLU 'L-peptide linking' y 'GLUTAMIC ACID' ? 'C5 H9 N O4'     147.129 
GLY 'peptide linking'   y GLYCINE         ? 'C2 H5 N O2'     75.067  
HIS 'L-peptide linking' y HISTIDINE       ? 'C6 H10 N3 O2 1' 156.162 
HOH non-polymer         . WATER           ? 'H2 O'           18.015  
ILE 'L-peptide linking' y ISOLEUCINE      ? 'C6 H13 N O2'    131.173 
LEU 'L-peptide linking' y LEUCINE         ? 'C6 H13 N O2'    131.173 
LYS 'L-peptide linking' y LYSINE          ? 'C6 H15 N2 O2 1' 147.195 
MET 'L-peptide linking' y METHIONINE      ? 'C5 H11 N O2 S'  149.211 
PHE 'L-peptide linking' y PHENYLALANINE   ? 'C9 H11 N O2'    165.189 
PRO 'L-peptide linking' y PROLINE         ? 'C5 H9 N O2'     115.130 
SER 'L-peptide linking' y SERINE          ? 'C3 H7 N O3'     105.093 
THR 'L-peptide linking' y THREONINE       ? 'C4 H9 N O3'     119.119 
TYR 'L-peptide linking' y TYROSINE        ? 'C9 H11 N O3'    181.189 
VAL 'L-peptide linking' y VALINE          ? 'C5 H11 N O2'    117.146 
# 
loop_
_pdbx_poly_seq_scheme.asym_id 
_pdbx_poly_seq_scheme.entity_id 
_pdbx_poly_seq_scheme.seq_id 
_pdbx_poly_seq_scheme.mon_id 
_pdbx_poly_seq_scheme.ndb_seq_num 
_pdbx_poly_seq_scheme.pdb_seq_num 
_pdbx_poly_seq_scheme.auth_seq_num 
_pdbx_poly_seq_scheme.pdb_mon_id 
_pdbx_poly_seq_scheme.auth_mon_id 
_pdbx_poly_seq_scheme.pdb_strand_id 
_pdbx_poly_seq_scheme.pdb_ins_code 
_pdbx_poly_seq_scheme.hetero 
A 1 1   MET 1   1   1   MET MET A . n 
A 1 2   SER 2   2   2   SER SER A . n 
A 1 3   ASP 3   3   3   ASP ASP A . n 
A 1 4   LYS 4   4   4   LYS LYS A . n 
A 1 5   LYS 5   5   5   LYS LYS A . n 
A 1 6   THR 6   6   6   THR THR A . n 
A 1 7   GLN 7   7   7   GLN GLN A . n 
A 1 8   THR 8   8   8   THR THR A . n 
A 1 9   ARG 9   9   9   ARG ARG A . n 
A 1 10  ALA 10  10  10  ALA ALA A . n 
A 1 11  ARG 11  11  11  ARG ARG A . n 
A 1 12  ILE 12  12  12  ILE ILE A . n 
A 1 13  LEU 13  13  13  LEU LEU A . n 
A 1 14  GLY 14  14  14  GLY GLY A . n 
A 1 15  ALA 15  15  15  ALA ALA A . n 
A 1 16  ALA 16  16  16  ALA ALA A . n 
A 1 17  THR 17  17  17  THR THR A . n 
A 1 18  GLN 18  18  18  GLN GLN A . n 
A 1 19  ALA 19  19  19  ALA ALA A . n 
A 1 20  LEU 20  20  20  LEU LEU A . n 
A 1 21  LEU 21  21  21  LEU LEU A . n 
A 1 22  GLU 22  22  22  GLU GLU A . n 
A 1 23  ARG 23  23  23  ARG ARG A . n 
A 1 24  GLY 24  24  24  GLY GLY A . n 
A 1 25  ALA 25  25  25  ALA ALA A . n 
A 1 26  VAL 26  26  26  VAL VAL A . n 
A 1 27  GLU 27  27  27  GLU GLU A . n 
A 1 28  PRO 28  28  28  PRO PRO A . n 
A 1 29  SER 29  29  29  SER SER A . n 
A 1 30  VAL 30  30  30  VAL VAL A . n 
A 1 31  GLY 31  31  31  GLY GLY A . n 
A 1 32  GLU 32  32  32  GLU GLU A . n 
A 1 33  VAL 33  33  33  VAL VAL A . n 
A 1 34  MET 34  34  34  MET MET A . n 
A 1 35  GLY 35  35  35  GLY GLY A . n 
A 1 36  ALA 36  36  36  ALA ALA A . n 
A 1 37  ALA 37  37  37  ALA ALA A . n 
A 1 38  GLY 38  38  38  GLY GLY A . n 
A 1 39  LEU 39  39  39  LEU LEU A . n 
A 1 40  THR 40  40  40  THR THR A . n 
A 1 41  VAL 41  41  41  VAL VAL A . n 
A 1 42  GLY 42  42  42  GLY GLY A . n 
A 1 43  GLY 43  43  43  GLY GLY A . n 
A 1 44  PHE 44  44  44  PHE PHE A . n 
A 1 45  TYR 45  45  45  TYR TYR A . n 
A 1 46  ALA 46  46  46  ALA ALA A . n 
A 1 47  HIS 47  47  47  HIS HIS A . n 
A 1 48  PHE 48  48  48  PHE PHE A . n 
A 1 49  GLN 49  49  49  GLN GLN A . n 
A 1 50  SER 50  50  50  SER SER A . n 
A 1 51  LYS 51  51  51  LYS LYS A . n 
A 1 52  ASP 52  52  52  ASP ASP A . n 
A 1 53  ALA 53  53  53  ALA ALA A . n 
A 1 54  LEU 54  54  54  LEU LEU A . n 
A 1 55  MET 55  55  55  MET MET A . n 
A 1 56  LEU 56  56  56  LEU LEU A . n 
A 1 57  GLU 57  57  57  GLU GLU A . n 
A 1 58  ALA 58  58  58  ALA ALA A . n 
A 1 59  PHE 59  59  59  PHE PHE A . n 
A 1 60  GLU 60  60  60  GLU GLU A . n 
A 1 61  GLN 61  61  61  GLN GLN A . n 
A 1 62  LEU 62  62  62  LEU LEU A . n 
A 1 63  LEU 63  63  63  LEU LEU A . n 
A 1 64  GLY 64  64  64  GLY GLY A . n 
A 1 65  LYS 65  65  65  LYS LYS A . n 
A 1 66  ARG 66  66  66  ARG ARG A . n 
A 1 67  ARG 67  67  67  ARG ARG A . n 
A 1 68  GLU 68  68  68  GLU GLU A . n 
A 1 69  LEU 69  69  69  LEU LEU A . n 
A 1 70  LEU 70  70  70  LEU LEU A . n 
A 1 71  GLY 71  71  71  GLY GLY A . n 
A 1 72  GLU 72  72  72  GLU GLU A . n 
A 1 73  LEU 73  73  73  LEU LEU A . n 
A 1 74  ASP 74  74  74  ASP ASP A . n 
A 1 75  PRO 75  75  75  PRO PRO A . n 
A 1 76  GLY 76  76  76  GLY GLY A . n 
A 1 77  LEU 77  77  77  LEU LEU A . n 
A 1 78  SER 78  78  78  SER SER A . n 
A 1 79  GLY 79  79  79  GLY GLY A . n 
A 1 80  LYS 80  80  80  LYS LYS A . n 
A 1 81  GLU 81  81  81  GLU GLU A . n 
A 1 82  ARG 82  82  82  ARG ARG A . n 
A 1 83  ARG 83  83  83  ARG ARG A . n 
A 1 84  ALA 84  84  84  ALA ALA A . n 
A 1 85  LEU 85  85  85  LEU LEU A . n 
A 1 86  ALA 86  86  86  ALA ALA A . n 
A 1 87  ALA 87  87  87  ALA ALA A . n 
A 1 88  ALA 88  88  88  ALA ALA A . n 
A 1 89  PHE 89  89  89  PHE PHE A . n 
A 1 90  TYR 90  90  90  TYR TYR A . n 
A 1 91  LEU 91  91  91  LEU LEU A . n 
A 1 92  SER 92  92  92  SER SER A . n 
A 1 93  ARG 93  93  93  ARG ARG A . n 
A 1 94  LYS 94  94  94  LYS LYS A . n 
A 1 95  HIS 95  95  95  HIS HIS A . n 
A 1 96  ARG 96  96  96  ARG ARG A . n 
A 1 97  ASP 97  97  97  ASP ASP A . n 
A 1 98  ALA 98  98  98  ALA ALA A . n 
A 1 99  GLN 99  99  99  GLN GLN A . n 
A 1 100 VAL 100 100 100 VAL VAL A . n 
A 1 101 ASP 101 101 101 ASP ASP A . n 
A 1 102 ALA 102 102 102 ALA ALA A . n 
A 1 103 GLY 103 103 103 GLY GLY A . n 
A 1 104 CYS 104 104 104 CYS CYS A . n 
A 1 105 PRO 105 105 105 PRO PRO A . n 
A 1 106 LEU 106 106 106 LEU LEU A . n 
A 1 107 PRO 107 107 107 PRO PRO A . n 
A 1 108 ALA 108 108 108 ALA ALA A . n 
A 1 109 THR 109 109 109 THR THR A . n 
A 1 110 LEU 110 110 110 LEU LEU A . n 
A 1 111 ALA 111 111 111 ALA ALA A . n 
A 1 112 GLU 112 112 112 GLU GLU A . n 
A 1 113 VAL 113 113 113 VAL VAL A . n 
A 1 114 ALA 114 114 114 ALA ALA A . n 
A 1 115 ARG 115 115 115 ARG ARG A . n 
A 1 116 LEU 116 116 116 LEU LEU A . n 
A 1 117 PRO 117 117 117 PRO PRO A . n 
A 1 118 GLU 118 118 118 GLU GLU A . n 
A 1 119 GLY 119 119 119 GLY GLY A . n 
A 1 120 PHE 120 120 120 PHE PHE A . n 
A 1 121 ARG 121 121 121 ARG ARG A . n 
A 1 122 GLU 122 122 122 GLU GLU A . n 
A 1 123 VAL 123 123 123 VAL VAL A . n 
A 1 124 LEU 124 124 124 LEU LEU A . n 
A 1 125 SER 125 125 125 SER SER A . n 
A 1 126 ARG 126 126 126 ARG ARG A . n 
A 1 127 HIS 127 127 127 HIS HIS A . n 
A 1 128 VAL 128 128 128 VAL VAL A . n 
A 1 129 GLU 129 129 129 GLU GLU A . n 
A 1 130 ILE 130 130 130 ILE ILE A . n 
A 1 131 MET 131 131 131 MET MET A . n 
A 1 132 VAL 132 132 132 VAL VAL A . n 
A 1 133 THR 133 133 133 THR THR A . n 
A 1 134 SER 134 134 134 SER SER A . n 
A 1 135 LEU 135 135 135 LEU LEU A . n 
A 1 136 ALA 136 136 136 ALA ALA A . n 
A 1 137 GLU 137 137 137 GLU GLU A . n 
A 1 138 SER 138 138 138 SER SER A . n 
A 1 139 PRO 139 139 139 PRO PRO A . n 
A 1 140 GLU 140 140 140 GLU GLU A . n 
A 1 141 GLU 141 141 141 GLU GLU A . n 
A 1 142 THR 142 142 142 THR THR A . n 
A 1 143 ASP 143 143 143 ASP ASP A . n 
A 1 144 VAL 144 144 144 VAL VAL A . n 
A 1 145 ALA 145 145 145 ALA ALA A . n 
A 1 146 LEU 146 146 146 LEU LEU A . n 
A 1 147 ALA 147 147 147 ALA ALA A . n 
A 1 148 ASP 148 148 148 ASP ASP A . n 
A 1 149 LEU 149 149 149 LEU LEU A . n 
A 1 150 VAL 150 150 150 VAL VAL A . n 
A 1 151 LEU 151 151 151 LEU LEU A . n 
A 1 152 MET 152 152 152 MET MET A . n 
A 1 153 ILE 153 153 153 ILE ILE A . n 
A 1 154 GLY 154 154 154 GLY GLY A . n 
A 1 155 GLY 155 155 155 GLY GLY A . n 
A 1 156 LEU 156 156 156 LEU LEU A . n 
A 1 157 ALA 157 157 157 ALA ALA A . n 
A 1 158 LEU 158 158 158 LEU LEU A . n 
A 1 159 ALA 159 159 159 ALA ALA A . n 
A 1 160 ARG 160 160 160 ARG ARG A . n 
A 1 161 ALA 161 161 161 ALA ALA A . n 
A 1 162 LEU 162 162 162 LEU LEU A . n 
A 1 163 GLY 163 163 163 GLY GLY A . n 
A 1 164 PRO 164 164 164 PRO PRO A . n 
A 1 165 GLY 165 165 165 GLY GLY A . n 
A 1 166 GLU 166 166 166 GLU GLU A . n 
A 1 167 LEU 167 167 167 LEU LEU A . n 
A 1 168 SER 168 168 168 SER SER A . n 
A 1 169 ASP 169 169 169 ASP ASP A . n 
A 1 170 ARG 170 170 170 ARG ARG A . n 
A 1 171 VAL 171 171 171 VAL VAL A . n 
A 1 172 LEU 172 172 172 LEU LEU A . n 
A 1 173 ARG 173 173 173 ARG ARG A . n 
A 1 174 ALA 174 174 174 ALA ALA A . n 
A 1 175 ALA 175 175 175 ALA ALA A . n 
A 1 176 LYS 176 176 176 LYS LYS A . n 
A 1 177 GLN 177 177 177 GLN GLN A . n 
A 1 178 ALA 178 178 178 ALA ALA A . n 
A 1 179 VAL 179 179 179 VAL VAL A . n 
A 1 180 ASN 180 180 180 ASN ASN A . n 
# 
loop_
_pdbx_nonpoly_scheme.asym_id 
_pdbx_nonpoly_scheme.entity_id 
_pdbx_nonpoly_scheme.mon_id 
_pdbx_nonpoly_scheme.ndb_seq_num 
_pdbx_nonpoly_scheme.pdb_seq_num 
_pdbx_nonpoly_scheme.auth_seq_num 
_pdbx_nonpoly_scheme.pdb_mon_id 
_pdbx_nonpoly_scheme.auth_mon_id 
_pdbx_nonpoly_scheme.pdb_strand_id 
_pdbx_nonpoly_scheme.pdb_ins_code 
B 2 HOH 1   181 2   HOH HOH A . 
B 2 HOH 2   182 3   HOH HOH A . 
B 2 HOH 3   183 4   HOH HOH A . 
B 2 HOH 4   184 5   HOH HOH A . 
B 2 HOH 5   185 6   HOH HOH A . 
B 2 HOH 6   186 7   HOH HOH A . 
B 2 HOH 7   187 8   HOH HOH A . 
B 2 HOH 8   188 9   HOH HOH A . 
B 2 HOH 9   189 10  HOH HOH A . 
B 2 HOH 10  190 11  HOH HOH A . 
B 2 HOH 11  191 12  HOH HOH A . 
B 2 HOH 12  192 13  HOH HOH A . 
B 2 HOH 13  193 14  HOH HOH A . 
B 2 HOH 14  194 15  HOH HOH A . 
B 2 HOH 15  195 16  HOH HOH A . 
B 2 HOH 16  196 17  HOH HOH A . 
B 2 HOH 17  197 18  HOH HOH A . 
B 2 HOH 18  198 19  HOH HOH A . 
B 2 HOH 19  199 20  HOH HOH A . 
B 2 HOH 20  200 21  HOH HOH A . 
B 2 HOH 21  201 22  HOH HOH A . 
B 2 HOH 22  202 23  HOH HOH A . 
B 2 HOH 23  203 24  HOH HOH A . 
B 2 HOH 24  204 25  HOH HOH A . 
B 2 HOH 25  205 26  HOH HOH A . 
B 2 HOH 26  206 27  HOH HOH A . 
B 2 HOH 27  207 28  HOH HOH A . 
B 2 HOH 28  208 29  HOH HOH A . 
B 2 HOH 29  209 30  HOH HOH A . 
B 2 HOH 30  210 31  HOH HOH A . 
B 2 HOH 31  211 32  HOH HOH A . 
B 2 HOH 32  212 33  HOH HOH A . 
B 2 HOH 33  213 34  HOH HOH A . 
B 2 HOH 34  214 35  HOH HOH A . 
B 2 HOH 35  215 36  HOH HOH A . 
B 2 HOH 36  216 37  HOH HOH A . 
B 2 HOH 37  217 38  HOH HOH A . 
B 2 HOH 38  218 39  HOH HOH A . 
B 2 HOH 39  219 40  HOH HOH A . 
B 2 HOH 40  220 41  HOH HOH A . 
B 2 HOH 41  221 42  HOH HOH A . 
B 2 HOH 42  222 43  HOH HOH A . 
B 2 HOH 43  223 44  HOH HOH A . 
B 2 HOH 44  224 45  HOH HOH A . 
B 2 HOH 45  225 46  HOH HOH A . 
B 2 HOH 46  226 47  HOH HOH A . 
B 2 HOH 47  227 48  HOH HOH A . 
B 2 HOH 48  228 49  HOH HOH A . 
B 2 HOH 49  229 50  HOH HOH A . 
B 2 HOH 50  230 51  HOH HOH A . 
B 2 HOH 51  231 52  HOH HOH A . 
B 2 HOH 52  232 53  HOH HOH A . 
B 2 HOH 53  233 54  HOH HOH A . 
B 2 HOH 54  234 56  HOH HOH A . 
B 2 HOH 55  235 57  HOH HOH A . 
B 2 HOH 56  236 58  HOH HOH A . 
B 2 HOH 57  237 59  HOH HOH A . 
B 2 HOH 58  238 60  HOH HOH A . 
B 2 HOH 59  239 61  HOH HOH A . 
B 2 HOH 60  240 62  HOH HOH A . 
B 2 HOH 61  241 63  HOH HOH A . 
B 2 HOH 62  242 65  HOH HOH A . 
B 2 HOH 63  243 66  HOH HOH A . 
B 2 HOH 64  244 67  HOH HOH A . 
B 2 HOH 65  245 68  HOH HOH A . 
B 2 HOH 66  246 69  HOH HOH A . 
B 2 HOH 67  247 70  HOH HOH A . 
B 2 HOH 68  248 71  HOH HOH A . 
B 2 HOH 69  249 72  HOH HOH A . 
B 2 HOH 70  250 73  HOH HOH A . 
B 2 HOH 71  251 74  HOH HOH A . 
B 2 HOH 72  252 75  HOH HOH A . 
B 2 HOH 73  253 76  HOH HOH A . 
B 2 HOH 74  254 77  HOH HOH A . 
B 2 HOH 75  255 78  HOH HOH A . 
B 2 HOH 76  256 79  HOH HOH A . 
B 2 HOH 77  257 80  HOH HOH A . 
B 2 HOH 78  258 81  HOH HOH A . 
B 2 HOH 79  259 82  HOH HOH A . 
B 2 HOH 80  260 83  HOH HOH A . 
B 2 HOH 81  261 84  HOH HOH A . 
B 2 HOH 82  262 85  HOH HOH A . 
B 2 HOH 83  263 86  HOH HOH A . 
B 2 HOH 84  264 87  HOH HOH A . 
B 2 HOH 85  265 88  HOH HOH A . 
B 2 HOH 86  266 89  HOH HOH A . 
B 2 HOH 87  267 90  HOH HOH A . 
B 2 HOH 88  268 92  HOH HOH A . 
B 2 HOH 89  269 93  HOH HOH A . 
B 2 HOH 90  270 94  HOH HOH A . 
B 2 HOH 91  271 95  HOH HOH A . 
B 2 HOH 92  272 96  HOH HOH A . 
B 2 HOH 93  273 97  HOH HOH A . 
B 2 HOH 94  274 98  HOH HOH A . 
B 2 HOH 95  275 99  HOH HOH A . 
B 2 HOH 96  276 100 HOH HOH A . 
B 2 HOH 97  277 101 HOH HOH A . 
B 2 HOH 98  278 102 HOH HOH A . 
B 2 HOH 99  279 103 HOH HOH A . 
B 2 HOH 100 280 104 HOH HOH A . 
B 2 HOH 101 281 105 HOH HOH A . 
B 2 HOH 102 282 106 HOH HOH A . 
B 2 HOH 103 283 107 HOH HOH A . 
B 2 HOH 104 284 108 HOH HOH A . 
B 2 HOH 105 285 109 HOH HOH A . 
B 2 HOH 106 286 110 HOH HOH A . 
B 2 HOH 107 287 111 HOH HOH A . 
B 2 HOH 108 288 112 HOH HOH A . 
B 2 HOH 109 289 113 HOH HOH A . 
B 2 HOH 110 290 114 HOH HOH A . 
B 2 HOH 111 291 115 HOH HOH A . 
B 2 HOH 112 292 116 HOH HOH A . 
B 2 HOH 113 293 118 HOH HOH A . 
B 2 HOH 114 294 119 HOH HOH A . 
B 2 HOH 115 295 120 HOH HOH A . 
B 2 HOH 116 296 121 HOH HOH A . 
B 2 HOH 117 297 122 HOH HOH A . 
B 2 HOH 118 298 123 HOH HOH A . 
B 2 HOH 119 299 124 HOH HOH A . 
B 2 HOH 120 300 125 HOH HOH A . 
B 2 HOH 121 301 126 HOH HOH A . 
B 2 HOH 122 302 127 HOH HOH A . 
B 2 HOH 123 303 128 HOH HOH A . 
B 2 HOH 124 304 129 HOH HOH A . 
B 2 HOH 125 305 130 HOH HOH A . 
B 2 HOH 126 306 131 HOH HOH A . 
B 2 HOH 127 307 132 HOH HOH A . 
B 2 HOH 128 308 133 HOH HOH A . 
B 2 HOH 129 309 134 HOH HOH A . 
B 2 HOH 130 310 136 HOH HOH A . 
B 2 HOH 131 311 138 HOH HOH A . 
B 2 HOH 132 312 139 HOH HOH A . 
B 2 HOH 133 313 140 HOH HOH A . 
B 2 HOH 134 314 141 HOH HOH A . 
B 2 HOH 135 315 143 HOH HOH A . 
B 2 HOH 136 316 144 HOH HOH A . 
B 2 HOH 137 317 145 HOH HOH A . 
B 2 HOH 138 318 146 HOH HOH A . 
B 2 HOH 139 319 147 HOH HOH A . 
B 2 HOH 140 320 148 HOH HOH A . 
B 2 HOH 141 321 149 HOH HOH A . 
B 2 HOH 142 322 150 HOH HOH A . 
B 2 HOH 143 323 151 HOH HOH A . 
B 2 HOH 144 324 152 HOH HOH A . 
B 2 HOH 145 325 154 HOH HOH A . 
B 2 HOH 146 326 155 HOH HOH A . 
B 2 HOH 147 327 156 HOH HOH A . 
B 2 HOH 148 328 157 HOH HOH A . 
B 2 HOH 149 329 158 HOH HOH A . 
B 2 HOH 150 330 159 HOH HOH A . 
B 2 HOH 151 331 160 HOH HOH A . 
B 2 HOH 152 332 161 HOH HOH A . 
B 2 HOH 153 333 162 HOH HOH A . 
B 2 HOH 154 334 163 HOH HOH A . 
B 2 HOH 155 335 164 HOH HOH A . 
B 2 HOH 156 336 165 HOH HOH A . 
B 2 HOH 157 337 166 HOH HOH A . 
B 2 HOH 158 338 167 HOH HOH A . 
B 2 HOH 159 339 168 HOH HOH A . 
B 2 HOH 160 340 169 HOH HOH A . 
B 2 HOH 161 341 171 HOH HOH A . 
B 2 HOH 162 342 172 HOH HOH A . 
B 2 HOH 163 343 173 HOH HOH A . 
B 2 HOH 164 344 174 HOH HOH A . 
B 2 HOH 165 345 175 HOH HOH A . 
B 2 HOH 166 346 176 HOH HOH A . 
B 2 HOH 167 347 177 HOH HOH A . 
B 2 HOH 168 348 179 HOH HOH A . 
B 2 HOH 169 349 180 HOH HOH A . 
B 2 HOH 170 350 181 HOH HOH A . 
B 2 HOH 171 351 182 HOH HOH A . 
B 2 HOH 172 352 183 HOH HOH A . 
B 2 HOH 173 353 184 HOH HOH A . 
B 2 HOH 174 354 185 HOH HOH A . 
B 2 HOH 175 355 187 HOH HOH A . 
B 2 HOH 176 356 188 HOH HOH A . 
B 2 HOH 177 357 189 HOH HOH A . 
B 2 HOH 178 358 190 HOH HOH A . 
B 2 HOH 179 359 191 HOH HOH A . 
B 2 HOH 180 360 192 HOH HOH A . 
B 2 HOH 181 361 193 HOH HOH A . 
B 2 HOH 182 362 194 HOH HOH A . 
B 2 HOH 183 363 195 HOH HOH A . 
B 2 HOH 184 364 196 HOH HOH A . 
B 2 HOH 185 365 197 HOH HOH A . 
B 2 HOH 186 366 198 HOH HOH A . 
B 2 HOH 187 367 199 HOH HOH A . 
B 2 HOH 188 368 200 HOH HOH A . 
B 2 HOH 189 369 201 HOH HOH A . 
B 2 HOH 190 370 203 HOH HOH A . 
B 2 HOH 191 371 204 HOH HOH A . 
B 2 HOH 192 372 205 HOH HOH A . 
B 2 HOH 193 373 206 HOH HOH A . 
B 2 HOH 194 374 207 HOH HOH A . 
B 2 HOH 195 375 208 HOH HOH A . 
# 
loop_
_software.name 
_software.classification 
_software.version 
_software.citation_id 
_software.pdbx_ordinal 
REFMAC      refinement        5.2.0005 ? 1 
SBC-Collect 'data collection' .        ? 2 
HKL-2000    'data scaling'    .        ? 3 
# 
_cell.entry_id           2FD5 
_cell.length_a           71.411 
_cell.length_b           71.411 
_cell.length_c           147.717 
_cell.angle_alpha        90.00 
_cell.angle_beta         90.00 
_cell.angle_gamma        120.00 
_cell.Z_PDB              12 
_cell.pdbx_unique_axis   ? 
_cell.length_a_esd       ? 
_cell.length_b_esd       ? 
_cell.length_c_esd       ? 
_cell.angle_alpha_esd    ? 
_cell.angle_beta_esd     ? 
_cell.angle_gamma_esd    ? 
# 
_symmetry.entry_id                         2FD5 
_symmetry.space_group_name_H-M             'P 61 2 2' 
_symmetry.pdbx_full_space_group_name_H-M   ? 
_symmetry.cell_setting                     ? 
_symmetry.Int_Tables_number                178 
_symmetry.space_group_name_Hall            ? 
# 
_exptl.entry_id          2FD5 
_exptl.method            'X-RAY DIFFRACTION' 
_exptl.crystals_number   1 
# 
_exptl_crystal.id                    1 
_exptl_crystal.density_meas          ? 
_exptl_crystal.density_Matthews      2.83 
_exptl_crystal.density_percent_sol   56.54 
_exptl_crystal.description           ? 
_exptl_crystal.F_000                 ? 
_exptl_crystal.preparation           ? 
# 
_exptl_crystal_grow.crystal_id      1 
_exptl_crystal_grow.method          'VAPOR DIFFUSION, HANGING DROP' 
_exptl_crystal_grow.temp            298 
_exptl_crystal_grow.temp_details    ? 
_exptl_crystal_grow.pH              5.3 
_exptl_crystal_grow.pdbx_details    
'PEG2KMME 30%, NaCitr. 0.1M, NaAcetate 0.2M, Tacsimate 1%, pH 5.3, VAPOR DIFFUSION, HANGING DROP, temperature 298K' 
_exptl_crystal_grow.pdbx_pH_range   . 
# 
_diffrn.id                     1 
_diffrn.ambient_temp           100 
_diffrn.ambient_temp_details   ? 
_diffrn.crystal_id             1 
# 
_diffrn_detector.diffrn_id              1 
_diffrn_detector.detector               CCD 
_diffrn_detector.type                   'ADSC QUANTUM 315' 
_diffrn_detector.pdbx_collection_date   2005-11-27 
_diffrn_detector.details                mirrors 
# 
_diffrn_radiation.diffrn_id                        1 
_diffrn_radiation.wavelength_id                    1 
_diffrn_radiation.pdbx_monochromatic_or_laue_m_l   M 
_diffrn_radiation.monochromator                    'Si 111 channel' 
_diffrn_radiation.pdbx_diffrn_protocol             'SINGLE WAVELENGTH' 
_diffrn_radiation.pdbx_scattering_type             x-ray 
# 
_diffrn_radiation_wavelength.id           1 
_diffrn_radiation_wavelength.wavelength   0.9798 
_diffrn_radiation_wavelength.wt           1.0 
# 
_diffrn_source.diffrn_id                   1 
_diffrn_source.source                      SYNCHROTRON 
_diffrn_source.type                        'APS BEAMLINE 19-ID' 
_diffrn_source.pdbx_synchrotron_site       APS 
_diffrn_source.pdbx_synchrotron_beamline   19-ID 
_diffrn_source.pdbx_wavelength             ? 
_diffrn_source.pdbx_wavelength_list        0.9798 
# 
_reflns.entry_id                     2FD5 
_reflns.observed_criterion_sigma_I   2.0 
_reflns.observed_criterion_sigma_F   2.0 
_reflns.d_resolution_low             61.9 
_reflns.d_resolution_high            1.70 
_reflns.number_obs                   23774 
_reflns.number_all                   24053 
_reflns.percent_possible_obs         98.84 
_reflns.pdbx_Rmerge_I_obs            0.096 
_reflns.pdbx_Rsym_value              ? 
_reflns.pdbx_netI_over_sigmaI        27.1 
_reflns.B_iso_Wilson_estimate        22.3 
_reflns.pdbx_redundancy              12.4 
_reflns.R_free_details               ? 
_reflns.limit_h_max                  ? 
_reflns.limit_h_min                  ? 
_reflns.limit_k_max                  ? 
_reflns.limit_k_min                  ? 
_reflns.limit_l_max                  ? 
_reflns.limit_l_min                  ? 
_reflns.observed_criterion_F_max     ? 
_reflns.observed_criterion_F_min     ? 
_reflns.pdbx_chi_squared             ? 
_reflns.pdbx_scaling_rejects         ? 
_reflns.pdbx_ordinal                 1 
_reflns.pdbx_diffrn_id               1 
# 
_reflns_shell.d_res_high             1.70 
_reflns_shell.d_res_low              1.76 
_reflns_shell.percent_possible_all   82.4 
_reflns_shell.Rmerge_I_obs           0.556 
_reflns_shell.pdbx_Rsym_value        ? 
_reflns_shell.meanI_over_sigI_obs    1.58 
_reflns_shell.pdbx_redundancy        4.2 
_reflns_shell.percent_possible_obs   ? 
_reflns_shell.number_unique_all      4627 
_reflns_shell.number_measured_all    ? 
_reflns_shell.number_measured_obs    ? 
_reflns_shell.number_unique_obs      ? 
_reflns_shell.pdbx_chi_squared       ? 
_reflns_shell.pdbx_ordinal           1 
_reflns_shell.pdbx_diffrn_id         1 
# 
_refine.entry_id                                 2FD5 
_refine.ls_number_reflns_obs                     23774 
_refine.ls_number_reflns_all                     24053 
_refine.pdbx_ls_sigma_I                          ? 
_refine.pdbx_ls_sigma_F                          0.0 
_refine.pdbx_data_cutoff_high_absF               ? 
_refine.pdbx_data_cutoff_low_absF                ? 
_refine.pdbx_data_cutoff_high_rms_absF           ? 
_refine.ls_d_res_low                             61.90 
_refine.ls_d_res_high                            1.70 
_refine.ls_percent_reflns_obs                    98.84 
_refine.ls_R_factor_obs                          0.21265 
_refine.ls_R_factor_all                          0.22 
_refine.ls_R_factor_R_work                       0.21109 
_refine.ls_R_factor_R_free                       0.24166 
_refine.ls_R_factor_R_free_error                 ? 
_refine.ls_R_factor_R_free_error_details         ? 
_refine.ls_percent_reflns_R_free                 5.1 
_refine.ls_number_reflns_R_free                  1281 
_refine.ls_number_parameters                     ? 
_refine.ls_number_restraints                     ? 
_refine.occupancy_min                            ? 
_refine.occupancy_max                            ? 
_refine.correlation_coeff_Fo_to_Fc               0.945 
_refine.correlation_coeff_Fo_to_Fc_free          0.929 
_refine.B_iso_mean                               22.219 
_refine.aniso_B[1][1]                            0.39 
_refine.aniso_B[2][2]                            0.39 
_refine.aniso_B[3][3]                            -0.58 
_refine.aniso_B[1][2]                            0.19 
_refine.aniso_B[1][3]                            0.00 
_refine.aniso_B[2][3]                            0.00 
_refine.solvent_model_details                    MASK 
_refine.solvent_model_param_ksol                 ? 
_refine.solvent_model_param_bsol                 ? 
_refine.pdbx_solvent_vdw_probe_radii             1.20 
_refine.pdbx_solvent_ion_probe_radii             0.80 
_refine.pdbx_solvent_shrinkage_radii             0.80 
_refine.pdbx_ls_cross_valid_method               THROUGHOUT 
_refine.details                                  'HYDROGENS HAVE BEEN ADDED IN THE RIDING POSITIONS' 
_refine.pdbx_starting_model                      ? 
_refine.pdbx_method_to_determine_struct          SAD 
_refine.pdbx_isotropic_thermal_model             ? 
_refine.pdbx_stereochemistry_target_values       'MAXIMUM LIKELIHOOD WITH PHASES' 
_refine.pdbx_stereochem_target_val_spec_case     ? 
_refine.pdbx_R_Free_selection_details            RANDOM 
_refine.pdbx_overall_ESU_R                       0.108 
_refine.pdbx_overall_ESU_R_Free                  0.106 
_refine.overall_SU_ML                            0.069 
_refine.overall_SU_B                             2.051 
_refine.ls_redundancy_reflns_obs                 ? 
_refine.B_iso_min                                ? 
_refine.B_iso_max                                ? 
_refine.overall_SU_R_Cruickshank_DPI             ? 
_refine.overall_SU_R_free                        ? 
_refine.ls_wR_factor_R_free                      ? 
_refine.ls_wR_factor_R_work                      ? 
_refine.overall_FOM_free_R_set                   ? 
_refine.overall_FOM_work_R_set                   ? 
_refine.pdbx_refine_id                           'X-RAY DIFFRACTION' 
_refine.pdbx_diffrn_id                           1 
_refine.pdbx_TLS_residual_ADP_flag               ? 
_refine.pdbx_overall_phase_error                 ? 
_refine.pdbx_overall_SU_R_free_Cruickshank_DPI   ? 
_refine.pdbx_overall_SU_R_Blow_DPI               ? 
_refine.pdbx_overall_SU_R_free_Blow_DPI          ? 
# 
_refine_analyze.entry_id                        2FD5 
_refine_analyze.Luzzati_coordinate_error_obs    0.040 
_refine_analyze.Luzzati_sigma_a_obs             0.038 
_refine_analyze.Luzzati_d_res_low_obs           6.0 
_refine_analyze.Luzzati_coordinate_error_free   0.041 
_refine_analyze.Luzzati_sigma_a_free            0.5 
_refine_analyze.Luzzati_d_res_low_free          ? 
_refine_analyze.number_disordered_residues      ? 
_refine_analyze.occupancy_sum_hydrogen          ? 
_refine_analyze.occupancy_sum_non_hydrogen      ? 
_refine_analyze.pdbx_Luzzati_d_res_high_obs     ? 
_refine_analyze.pdbx_refine_id                  'X-RAY DIFFRACTION' 
# 
_refine_hist.pdbx_refine_id                   'X-RAY DIFFRACTION' 
_refine_hist.cycle_id                         LAST 
_refine_hist.pdbx_number_atoms_protein        1345 
_refine_hist.pdbx_number_atoms_nucleic_acid   0 
_refine_hist.pdbx_number_atoms_ligand         0 
_refine_hist.number_atoms_solvent             195 
_refine_hist.number_atoms_total               1540 
_refine_hist.d_res_high                       1.70 
_refine_hist.d_res_low                        61.90 
# 
loop_
_refine_ls_restr.type 
_refine_ls_restr.dev_ideal 
_refine_ls_restr.dev_ideal_target 
_refine_ls_restr.weight 
_refine_ls_restr.number 
_refine_ls_restr.pdbx_refine_id 
_refine_ls_restr.pdbx_restraint_function 
r_bond_refined_d         0.010  0.022  ? 1334 'X-RAY DIFFRACTION' ? 
r_angle_refined_deg      1.171  2.001  ? 1796 'X-RAY DIFFRACTION' ? 
r_dihedral_angle_1_deg   4.278  5.000  ? 174  'X-RAY DIFFRACTION' ? 
r_dihedral_angle_2_deg   29.147 22.857 ? 56   'X-RAY DIFFRACTION' ? 
r_dihedral_angle_3_deg   13.862 15.000 ? 237  'X-RAY DIFFRACTION' ? 
r_dihedral_angle_4_deg   14.214 15.000 ? 15   'X-RAY DIFFRACTION' ? 
r_chiral_restr           0.072  0.200  ? 207  'X-RAY DIFFRACTION' ? 
r_gen_planes_refined     0.004  0.020  ? 996  'X-RAY DIFFRACTION' ? 
r_nbd_refined            0.216  0.200  ? 692  'X-RAY DIFFRACTION' ? 
r_nbtor_refined          0.298  0.200  ? 934  'X-RAY DIFFRACTION' ? 
r_xyhbond_nbd_refined    0.164  0.200  ? 152  'X-RAY DIFFRACTION' ? 
r_symmetry_vdw_refined   0.224  0.200  ? 69   'X-RAY DIFFRACTION' ? 
r_symmetry_hbond_refined 0.161  0.200  ? 23   'X-RAY DIFFRACTION' ? 
r_mcbond_it              0.829  1.500  ? 898  'X-RAY DIFFRACTION' ? 
r_mcangle_it             1.362  2.000  ? 1370 'X-RAY DIFFRACTION' ? 
r_scbond_it              2.677  3.000  ? 475  'X-RAY DIFFRACTION' ? 
r_scangle_it             4.195  4.500  ? 426  'X-RAY DIFFRACTION' ? 
# 
_refine_ls_shell.pdbx_total_number_of_bins_used   20 
_refine_ls_shell.d_res_high                       1.699 
_refine_ls_shell.d_res_low                        1.743 
_refine_ls_shell.number_reflns_R_work             1518 
_refine_ls_shell.R_factor_R_work                  0.291 
_refine_ls_shell.percent_reflns_obs               87.51 
_refine_ls_shell.R_factor_R_free                  0.315 
_refine_ls_shell.R_factor_R_free_error            ? 
_refine_ls_shell.percent_reflns_R_free            ? 
_refine_ls_shell.number_reflns_R_free             86 
_refine_ls_shell.number_reflns_all                ? 
_refine_ls_shell.R_factor_all                     ? 
_refine_ls_shell.number_reflns_obs                ? 
_refine_ls_shell.redundancy_reflns_obs            ? 
_refine_ls_shell.pdbx_refine_id                   'X-RAY DIFFRACTION' 
# 
_struct.entry_id                  2FD5 
_struct.title                     'The crystal structure of a transcriptional regulator from Pseudomonas aeruginosa PAO1' 
_struct.pdbx_model_details        ? 
_struct.pdbx_CASP_flag            ? 
_struct.pdbx_model_type_details   ? 
# 
_struct_keywords.entry_id        2FD5 
_struct_keywords.pdbx_keywords   'TRANSCRIPTION REGULATOR' 
_struct_keywords.text            
;Transcriptional regulator, DNA-binding protein, Structural Genomics, PSI, Protein Structure Initiative, Midwest Center for Structural Genomics, MCSG, TRANSCRIPTION REGULATOR
;
# 
loop_
_struct_asym.id 
_struct_asym.pdbx_blank_PDB_chainid_flag 
_struct_asym.pdbx_modified 
_struct_asym.entity_id 
_struct_asym.details 
A N N 1 ? 
B N N 2 ? 
# 
_struct_ref.id                         1 
_struct_ref.db_name                    GB 
_struct_ref.db_code                    AAG06521 
_struct_ref.pdbx_db_accession          9949246 
_struct_ref.entity_id                  1 
_struct_ref.pdbx_seq_one_letter_code   
;MSDKKTQTRARILGAATQALLERGAVEPSVGEVMGAAGLTVGGFYAHFQSKDALMLEAFEQLLGKRRELLGELDPGLSGK
ERRALAAAFYLSRKHRDAQVDAGCPLPATLAEVARLPEGFREVLSRHVEIMVTSLAESPEETDVALADLVLMIGGLALAR
ALGPGELSDRVLRAAKQAVN
;
_struct_ref.pdbx_align_begin           1 
_struct_ref.pdbx_db_isoform            ? 
# 
_struct_ref_seq.align_id                      1 
_struct_ref_seq.ref_id                        1 
_struct_ref_seq.pdbx_PDB_id_code              2FD5 
_struct_ref_seq.pdbx_strand_id                A 
_struct_ref_seq.seq_align_beg                 1 
_struct_ref_seq.pdbx_seq_align_beg_ins_code   ? 
_struct_ref_seq.seq_align_end                 180 
_struct_ref_seq.pdbx_seq_align_end_ins_code   ? 
_struct_ref_seq.pdbx_db_accession             9949246 
_struct_ref_seq.db_align_beg                  1 
_struct_ref_seq.pdbx_db_align_beg_ins_code    ? 
_struct_ref_seq.db_align_end                  180 
_struct_ref_seq.pdbx_db_align_end_ins_code    ? 
_struct_ref_seq.pdbx_auth_seq_align_beg       1 
_struct_ref_seq.pdbx_auth_seq_align_end       180 
# 
_pdbx_struct_assembly.id                   1 
_pdbx_struct_assembly.details              author_and_software_defined_assembly 
_pdbx_struct_assembly.method_details       PISA,PQS 
_pdbx_struct_assembly.oligomeric_details   dimeric 
_pdbx_struct_assembly.oligomeric_count     2 
# 
loop_
_pdbx_struct_assembly_prop.biol_id 
_pdbx_struct_assembly_prop.type 
_pdbx_struct_assembly_prop.value 
_pdbx_struct_assembly_prop.details 
1 'ABSA (A^2)' 3150  ? 
1 MORE         -23   ? 
1 'SSA (A^2)'  16370 ? 
# 
_pdbx_struct_assembly_gen.assembly_id       1 
_pdbx_struct_assembly_gen.oper_expression   1,2 
_pdbx_struct_assembly_gen.asym_id_list      A,B 
# 
loop_
_pdbx_struct_oper_list.id 
_pdbx_struct_oper_list.type 
_pdbx_struct_oper_list.name 
_pdbx_struct_oper_list.symmetry_operation 
_pdbx_struct_oper_list.matrix[1][1] 
_pdbx_struct_oper_list.matrix[1][2] 
_pdbx_struct_oper_list.matrix[1][3] 
_pdbx_struct_oper_list.vector[1] 
_pdbx_struct_oper_list.matrix[2][1] 
_pdbx_struct_oper_list.matrix[2][2] 
_pdbx_struct_oper_list.matrix[2][3] 
_pdbx_struct_oper_list.vector[2] 
_pdbx_struct_oper_list.matrix[3][1] 
_pdbx_struct_oper_list.matrix[3][2] 
_pdbx_struct_oper_list.matrix[3][3] 
_pdbx_struct_oper_list.vector[3] 
1 'identity operation'         1_555 x,y,z         1.0000000000  0.0000000000  0.0000000000 0.0000000000  0.0000000000  1.0000000000  0.0000000000  0.0000000000  0.0000000000 0.0000000000  1.0000000000 0.0000000000  
2 'crystal symmetry operation' 8_675 x-y+1,-y+2,-z -0.9599560506 -0.1128888945 0.2563990609 20.9025919212 -0.1128888945 -0.6817521078 -0.7228209744 -8.8555277707 0.2563990609 -0.7228209744 0.6417081584 -7.1634937615 
# 
_struct_biol.id                    1 
_struct_biol.details               
;This protein existed as dimer. The second part of the biological assembly is generated 
by the two fold axis: x-y, -y, -z, plus the translation: 1 2 0
;
_struct_biol.pdbx_parent_biol_id   ? 
# 
loop_
_struct_conf.conf_type_id 
_struct_conf.id 
_struct_conf.pdbx_PDB_helix_id 
_struct_conf.beg_label_comp_id 
_struct_conf.beg_label_asym_id 
_struct_conf.beg_label_seq_id 
_struct_conf.pdbx_beg_PDB_ins_code 
_struct_conf.end_label_comp_id 
_struct_conf.end_label_asym_id 
_struct_conf.end_label_seq_id 
_struct_conf.pdbx_end_PDB_ins_code 
_struct_conf.beg_auth_comp_id 
_struct_conf.beg_auth_asym_id 
_struct_conf.beg_auth_seq_id 
_struct_conf.end_auth_comp_id 
_struct_conf.end_auth_asym_id 
_struct_conf.end_auth_seq_id 
_struct_conf.pdbx_PDB_helix_class 
_struct_conf.details 
_struct_conf.pdbx_PDB_helix_length 
HELX_P HELX_P1  1  ASP A 3   ? GLY A 24  ? ASP A 3   GLY A 24  1 ? 22 
HELX_P HELX_P2  2  SER A 29  ? ALA A 37  ? SER A 29  ALA A 37  1 ? 9  
HELX_P HELX_P3  3  THR A 40  ? HIS A 47  ? THR A 40  HIS A 47  5 ? 8  
HELX_P HELX_P4  4  SER A 50  ? GLU A 72  ? SER A 50  GLU A 72  1 ? 23 
HELX_P HELX_P5  5  SER A 78  ? LEU A 91  ? SER A 78  LEU A 91  1 ? 14 
HELX_P HELX_P6  6  SER A 92  ? ASP A 97  ? SER A 92  ASP A 97  1 ? 6  
HELX_P HELX_P7  7  PRO A 105 ? LEU A 110 ? PRO A 105 LEU A 110 1 ? 6  
HELX_P HELX_P8  8  ALA A 111 ? LEU A 116 ? ALA A 111 LEU A 116 5 ? 6  
HELX_P HELX_P9  9  PRO A 117 ? ALA A 136 ? PRO A 117 ALA A 136 1 ? 20 
HELX_P HELX_P10 10 SER A 138 ? GLU A 140 ? SER A 138 GLU A 140 5 ? 3  
HELX_P HELX_P11 11 GLU A 141 ? GLY A 163 ? GLU A 141 GLY A 163 1 ? 23 
HELX_P HELX_P12 12 GLY A 165 ? ALA A 178 ? GLY A 165 ALA A 178 1 ? 14 
# 
_struct_conf_type.id          HELX_P 
_struct_conf_type.criteria    ? 
_struct_conf_type.reference   ? 
# 
loop_
_pdbx_validate_close_contact.id 
_pdbx_validate_close_contact.PDB_model_num 
_pdbx_validate_close_contact.auth_atom_id_1 
_pdbx_validate_close_contact.auth_asym_id_1 
_pdbx_validate_close_contact.auth_comp_id_1 
_pdbx_validate_close_contact.auth_seq_id_1 
_pdbx_validate_close_contact.PDB_ins_code_1 
_pdbx_validate_close_contact.label_alt_id_1 
_pdbx_validate_close_contact.auth_atom_id_2 
_pdbx_validate_close_contact.auth_asym_id_2 
_pdbx_validate_close_contact.auth_comp_id_2 
_pdbx_validate_close_contact.auth_seq_id_2 
_pdbx_validate_close_contact.PDB_ins_code_2 
_pdbx_validate_close_contact.label_alt_id_2 
_pdbx_validate_close_contact.dist 
1 1 NH2 A ARG 82  ? ? O A HOH 296 ? ? 1.08 
2 1 CZ  A ARG 82  ? ? O A HOH 296 ? ? 1.94 
3 1 O   A HOH 335 ? ? O A HOH 355 ? ? 2.17 
# 
loop_
_pdbx_validate_torsion.id 
_pdbx_validate_torsion.PDB_model_num 
_pdbx_validate_torsion.auth_comp_id 
_pdbx_validate_torsion.auth_asym_id 
_pdbx_validate_torsion.auth_seq_id 
_pdbx_validate_torsion.PDB_ins_code 
_pdbx_validate_torsion.label_alt_id 
_pdbx_validate_torsion.phi 
_pdbx_validate_torsion.psi 
1 1 SER A 2  ? ? -148.35 -144.16 
2 1 LEU A 91 ? ? -93.84  56.65   
# 
_pdbx_SG_project.id                    1 
_pdbx_SG_project.project_name          'PSI, Protein Structure Initiative' 
_pdbx_SG_project.full_name_of_center   'Midwest Center for Structural Genomics' 
_pdbx_SG_project.initial_of_center     MCSG 
# 
loop_
_pdbx_struct_special_symmetry.id 
_pdbx_struct_special_symmetry.PDB_model_num 
_pdbx_struct_special_symmetry.auth_asym_id 
_pdbx_struct_special_symmetry.auth_comp_id 
_pdbx_struct_special_symmetry.auth_seq_id 
_pdbx_struct_special_symmetry.PDB_ins_code 
_pdbx_struct_special_symmetry.label_asym_id 
_pdbx_struct_special_symmetry.label_comp_id 
_pdbx_struct_special_symmetry.label_seq_id 
1 1 A HOH 195 ? B HOH . 
2 1 A HOH 281 ? B HOH . 
3 1 A HOH 307 ? B HOH . 
4 1 A HOH 316 ? B HOH . 
5 1 A HOH 325 ? B HOH . 
6 1 A HOH 337 ? B HOH . 
7 1 A HOH 342 ? B HOH . 
8 1 A HOH 357 ? B HOH . 
# 
loop_
_chem_comp_atom.comp_id 
_chem_comp_atom.atom_id 
_chem_comp_atom.type_symbol 
_chem_comp_atom.pdbx_aromatic_flag 
_chem_comp_atom.pdbx_stereo_config 
_chem_comp_atom.pdbx_ordinal 
ALA N    N N N 1   
ALA CA   C N S 2   
ALA C    C N N 3   
ALA O    O N N 4   
ALA CB   C N N 5   
ALA OXT  O N N 6   
ALA H    H N N 7   
ALA H2   H N N 8   
ALA HA   H N N 9   
ALA HB1  H N N 10  
ALA HB2  H N N 11  
ALA HB3  H N N 12  
ALA HXT  H N N 13  
ARG N    N N N 14  
ARG CA   C N S 15  
ARG C    C N N 16  
ARG O    O N N 17  
ARG CB   C N N 18  
ARG CG   C N N 19  
ARG CD   C N N 20  
ARG NE   N N N 21  
ARG CZ   C N N 22  
ARG NH1  N N N 23  
ARG NH2  N N N 24  
ARG OXT  O N N 25  
ARG H    H N N 26  
ARG H2   H N N 27  
ARG HA   H N N 28  
ARG HB2  H N N 29  
ARG HB3  H N N 30  
ARG HG2  H N N 31  
ARG HG3  H N N 32  
ARG HD2  H N N 33  
ARG HD3  H N N 34  
ARG HE   H N N 35  
ARG HH11 H N N 36  
ARG HH12 H N N 37  
ARG HH21 H N N 38  
ARG HH22 H N N 39  
ARG HXT  H N N 40  
ASN N    N N N 41  
ASN CA   C N S 42  
ASN C    C N N 43  
ASN O    O N N 44  
ASN CB   C N N 45  
ASN CG   C N N 46  
ASN OD1  O N N 47  
ASN ND2  N N N 48  
ASN OXT  O N N 49  
ASN H    H N N 50  
ASN H2   H N N 51  
ASN HA   H N N 52  
ASN HB2  H N N 53  
ASN HB3  H N N 54  
ASN HD21 H N N 55  
ASN HD22 H N N 56  
ASN HXT  H N N 57  
ASP N    N N N 58  
ASP CA   C N S 59  
ASP C    C N N 60  
ASP O    O N N 61  
ASP CB   C N N 62  
ASP CG   C N N 63  
ASP OD1  O N N 64  
ASP OD2  O N N 65  
ASP OXT  O N N 66  
ASP H    H N N 67  
ASP H2   H N N 68  
ASP HA   H N N 69  
ASP HB2  H N N 70  
ASP HB3  H N N 71  
ASP HD2  H N N 72  
ASP HXT  H N N 73  
CYS N    N N N 74  
CYS CA   C N R 75  
CYS C    C N N 76  
CYS O    O N N 77  
CYS CB   C N N 78  
CYS SG   S N N 79  
CYS OXT  O N N 80  
CYS H    H N N 81  
CYS H2   H N N 82  
CYS HA   H N N 83  
CYS HB2  H N N 84  
CYS HB3  H N N 85  
CYS HG   H N N 86  
CYS HXT  H N N 87  
GLN N    N N N 88  
GLN CA   C N S 89  
GLN C    C N N 90  
GLN O    O N N 91  
GLN CB   C N N 92  
GLN CG   C N N 93  
GLN CD   C N N 94  
GLN OE1  O N N 95  
GLN NE2  N N N 96  
GLN OXT  O N N 97  
GLN H    H N N 98  
GLN H2   H N N 99  
GLN HA   H N N 100 
GLN HB2  H N N 101 
GLN HB3  H N N 102 
GLN HG2  H N N 103 
GLN HG3  H N N 104 
GLN HE21 H N N 105 
GLN HE22 H N N 106 
GLN HXT  H N N 107 
GLU N    N N N 108 
GLU CA   C N S 109 
GLU C    C N N 110 
GLU O    O N N 111 
GLU CB   C N N 112 
GLU CG   C N N 113 
GLU CD   C N N 114 
GLU OE1  O N N 115 
GLU OE2  O N N 116 
GLU OXT  O N N 117 
GLU H    H N N 118 
GLU H2   H N N 119 
GLU HA   H N N 120 
GLU HB2  H N N 121 
GLU HB3  H N N 122 
GLU HG2  H N N 123 
GLU HG3  H N N 124 
GLU HE2  H N N 125 
GLU HXT  H N N 126 
GLY N    N N N 127 
GLY CA   C N N 128 
GLY C    C N N 129 
GLY O    O N N 130 
GLY OXT  O N N 131 
GLY H    H N N 132 
GLY H2   H N N 133 
GLY HA2  H N N 134 
GLY HA3  H N N 135 
GLY HXT  H N N 136 
HIS N    N N N 137 
HIS CA   C N S 138 
HIS C    C N N 139 
HIS O    O N N 140 
HIS CB   C N N 141 
HIS CG   C Y N 142 
HIS ND1  N Y N 143 
HIS CD2  C Y N 144 
HIS CE1  C Y N 145 
HIS NE2  N Y N 146 
HIS OXT  O N N 147 
HIS H    H N N 148 
HIS H2   H N N 149 
HIS HA   H N N 150 
HIS HB2  H N N 151 
HIS HB3  H N N 152 
HIS HD1  H N N 153 
HIS HD2  H N N 154 
HIS HE1  H N N 155 
HIS HE2  H N N 156 
HIS HXT  H N N 157 
HOH O    O N N 158 
HOH H1   H N N 159 
HOH H2   H N N 160 
ILE N    N N N 161 
ILE CA   C N S 162 
ILE C    C N N 163 
ILE O    O N N 164 
ILE CB   C N S 165 
ILE CG1  C N N 166 
ILE CG2  C N N 167 
ILE CD1  C N N 168 
ILE OXT  O N N 169 
ILE H    H N N 170 
ILE H2   H N N 171 
ILE HA   H N N 172 
ILE HB   H N N 173 
ILE HG12 H N N 174 
ILE HG13 H N N 175 
ILE HG21 H N N 176 
ILE HG22 H N N 177 
ILE HG23 H N N 178 
ILE HD11 H N N 179 
ILE HD12 H N N 180 
ILE HD13 H N N 181 
ILE HXT  H N N 182 
LEU N    N N N 183 
LEU CA   C N S 184 
LEU C    C N N 185 
LEU O    O N N 186 
LEU CB   C N N 187 
LEU CG   C N N 188 
LEU CD1  C N N 189 
LEU CD2  C N N 190 
LEU OXT  O N N 191 
LEU H    H N N 192 
LEU H2   H N N 193 
LEU HA   H N N 194 
LEU HB2  H N N 195 
LEU HB3  H N N 196 
LEU HG   H N N 197 
LEU HD11 H N N 198 
LEU HD12 H N N 199 
LEU HD13 H N N 200 
LEU HD21 H N N 201 
LEU HD22 H N N 202 
LEU HD23 H N N 203 
LEU HXT  H N N 204 
LYS N    N N N 205 
LYS CA   C N S 206 
LYS C    C N N 207 
LYS O    O N N 208 
LYS CB   C N N 209 
LYS CG   C N N 210 
LYS CD   C N N 211 
LYS CE   C N N 212 
LYS NZ   N N N 213 
LYS OXT  O N N 214 
LYS H    H N N 215 
LYS H2   H N N 216 
LYS HA   H N N 217 
LYS HB2  H N N 218 
LYS HB3  H N N 219 
LYS HG2  H N N 220 
LYS HG3  H N N 221 
LYS HD2  H N N 222 
LYS HD3  H N N 223 
LYS HE2  H N N 224 
LYS HE3  H N N 225 
LYS HZ1  H N N 226 
LYS HZ2  H N N 227 
LYS HZ3  H N N 228 
LYS HXT  H N N 229 
MET N    N N N 230 
MET CA   C N S 231 
MET C    C N N 232 
MET O    O N N 233 
MET CB   C N N 234 
MET CG   C N N 235 
MET SD   S N N 236 
MET CE   C N N 237 
MET OXT  O N N 238 
MET H    H N N 239 
MET H2   H N N 240 
MET HA   H N N 241 
MET HB2  H N N 242 
MET HB3  H N N 243 
MET HG2  H N N 244 
MET HG3  H N N 245 
MET HE1  H N N 246 
MET HE2  H N N 247 
MET HE3  H N N 248 
MET HXT  H N N 249 
PHE N    N N N 250 
PHE CA   C N S 251 
PHE C    C N N 252 
PHE O    O N N 253 
PHE CB   C N N 254 
PHE CG   C Y N 255 
PHE CD1  C Y N 256 
PHE CD2  C Y N 257 
PHE CE1  C Y N 258 
PHE CE2  C Y N 259 
PHE CZ   C Y N 260 
PHE OXT  O N N 261 
PHE H    H N N 262 
PHE H2   H N N 263 
PHE HA   H N N 264 
PHE HB2  H N N 265 
PHE HB3  H N N 266 
PHE HD1  H N N 267 
PHE HD2  H N N 268 
PHE HE1  H N N 269 
PHE HE2  H N N 270 
PHE HZ   H N N 271 
PHE HXT  H N N 272 
PRO N    N N N 273 
PRO CA   C N S 274 
PRO C    C N N 275 
PRO O    O N N 276 
PRO CB   C N N 277 
PRO CG   C N N 278 
PRO CD   C N N 279 
PRO OXT  O N N 280 
PRO H    H N N 281 
PRO HA   H N N 282 
PRO HB2  H N N 283 
PRO HB3  H N N 284 
PRO HG2  H N N 285 
PRO HG3  H N N 286 
PRO HD2  H N N 287 
PRO HD3  H N N 288 
PRO HXT  H N N 289 
SER N    N N N 290 
SER CA   C N S 291 
SER C    C N N 292 
SER O    O N N 293 
SER CB   C N N 294 
SER OG   O N N 295 
SER OXT  O N N 296 
SER H    H N N 297 
SER H2   H N N 298 
SER HA   H N N 299 
SER HB2  H N N 300 
SER HB3  H N N 301 
SER HG   H N N 302 
SER HXT  H N N 303 
THR N    N N N 304 
THR CA   C N S 305 
THR C    C N N 306 
THR O    O N N 307 
THR CB   C N R 308 
THR OG1  O N N 309 
THR CG2  C N N 310 
THR OXT  O N N 311 
THR H    H N N 312 
THR H2   H N N 313 
THR HA   H N N 314 
THR HB   H N N 315 
THR HG1  H N N 316 
THR HG21 H N N 317 
THR HG22 H N N 318 
THR HG23 H N N 319 
THR HXT  H N N 320 
TYR N    N N N 321 
TYR CA   C N S 322 
TYR C    C N N 323 
TYR O    O N N 324 
TYR CB   C N N 325 
TYR CG   C Y N 326 
TYR CD1  C Y N 327 
TYR CD2  C Y N 328 
TYR CE1  C Y N 329 
TYR CE2  C Y N 330 
TYR CZ   C Y N 331 
TYR OH   O N N 332 
TYR OXT  O N N 333 
TYR H    H N N 334 
TYR H2   H N N 335 
TYR HA   H N N 336 
TYR HB2  H N N 337 
TYR HB3  H N N 338 
TYR HD1  H N N 339 
TYR HD2  H N N 340 
TYR HE1  H N N 341 
TYR HE2  H N N 342 
TYR HH   H N N 343 
TYR HXT  H N N 344 
VAL N    N N N 345 
VAL CA   C N S 346 
VAL C    C N N 347 
VAL O    O N N 348 
VAL CB   C N N 349 
VAL CG1  C N N 350 
VAL CG2  C N N 351 
VAL OXT  O N N 352 
VAL H    H N N 353 
VAL H2   H N N 354 
VAL HA   H N N 355 
VAL HB   H N N 356 
VAL HG11 H N N 357 
VAL HG12 H N N 358 
VAL HG13 H N N 359 
VAL HG21 H N N 360 
VAL HG22 H N N 361 
VAL HG23 H N N 362 
VAL HXT  H N N 363 
# 
loop_
_chem_comp_bond.comp_id 
_chem_comp_bond.atom_id_1 
_chem_comp_bond.atom_id_2 
_chem_comp_bond.value_order 
_chem_comp_bond.pdbx_aromatic_flag 
_chem_comp_bond.pdbx_stereo_config 
_chem_comp_bond.pdbx_ordinal 
ALA N   CA   sing N N 1   
ALA N   H    sing N N 2   
ALA N   H2   sing N N 3   
ALA CA  C    sing N N 4   
ALA CA  CB   sing N N 5   
ALA CA  HA   sing N N 6   
ALA C   O    doub N N 7   
ALA C   OXT  sing N N 8   
ALA CB  HB1  sing N N 9   
ALA CB  HB2  sing N N 10  
ALA CB  HB3  sing N N 11  
ALA OXT HXT  sing N N 12  
ARG N   CA   sing N N 13  
ARG N   H    sing N N 14  
ARG N   H2   sing N N 15  
ARG CA  C    sing N N 16  
ARG CA  CB   sing N N 17  
ARG CA  HA   sing N N 18  
ARG C   O    doub N N 19  
ARG C   OXT  sing N N 20  
ARG CB  CG   sing N N 21  
ARG CB  HB2  sing N N 22  
ARG CB  HB3  sing N N 23  
ARG CG  CD   sing N N 24  
ARG CG  HG2  sing N N 25  
ARG CG  HG3  sing N N 26  
ARG CD  NE   sing N N 27  
ARG CD  HD2  sing N N 28  
ARG CD  HD3  sing N N 29  
ARG NE  CZ   sing N N 30  
ARG NE  HE   sing N N 31  
ARG CZ  NH1  sing N N 32  
ARG CZ  NH2  doub N N 33  
ARG NH1 HH11 sing N N 34  
ARG NH1 HH12 sing N N 35  
ARG NH2 HH21 sing N N 36  
ARG NH2 HH22 sing N N 37  
ARG OXT HXT  sing N N 38  
ASN N   CA   sing N N 39  
ASN N   H    sing N N 40  
ASN N   H2   sing N N 41  
ASN CA  C    sing N N 42  
ASN CA  CB   sing N N 43  
ASN CA  HA   sing N N 44  
ASN C   O    doub N N 45  
ASN C   OXT  sing N N 46  
ASN CB  CG   sing N N 47  
ASN CB  HB2  sing N N 48  
ASN CB  HB3  sing N N 49  
ASN CG  OD1  doub N N 50  
ASN CG  ND2  sing N N 51  
ASN ND2 HD21 sing N N 52  
ASN ND2 HD22 sing N N 53  
ASN OXT HXT  sing N N 54  
ASP N   CA   sing N N 55  
ASP N   H    sing N N 56  
ASP N   H2   sing N N 57  
ASP CA  C    sing N N 58  
ASP CA  CB   sing N N 59  
ASP CA  HA   sing N N 60  
ASP C   O    doub N N 61  
ASP C   OXT  sing N N 62  
ASP CB  CG   sing N N 63  
ASP CB  HB2  sing N N 64  
ASP CB  HB3  sing N N 65  
ASP CG  OD1  doub N N 66  
ASP CG  OD2  sing N N 67  
ASP OD2 HD2  sing N N 68  
ASP OXT HXT  sing N N 69  
CYS N   CA   sing N N 70  
CYS N   H    sing N N 71  
CYS N   H2   sing N N 72  
CYS CA  C    sing N N 73  
CYS CA  CB   sing N N 74  
CYS CA  HA   sing N N 75  
CYS C   O    doub N N 76  
CYS C   OXT  sing N N 77  
CYS CB  SG   sing N N 78  
CYS CB  HB2  sing N N 79  
CYS CB  HB3  sing N N 80  
CYS SG  HG   sing N N 81  
CYS OXT HXT  sing N N 82  
GLN N   CA   sing N N 83  
GLN N   H    sing N N 84  
GLN N   H2   sing N N 85  
GLN CA  C    sing N N 86  
GLN CA  CB   sing N N 87  
GLN CA  HA   sing N N 88  
GLN C   O    doub N N 89  
GLN C   OXT  sing N N 90  
GLN CB  CG   sing N N 91  
GLN CB  HB2  sing N N 92  
GLN CB  HB3  sing N N 93  
GLN CG  CD   sing N N 94  
GLN CG  HG2  sing N N 95  
GLN CG  HG3  sing N N 96  
GLN CD  OE1  doub N N 97  
GLN CD  NE2  sing N N 98  
GLN NE2 HE21 sing N N 99  
GLN NE2 HE22 sing N N 100 
GLN OXT HXT  sing N N 101 
GLU N   CA   sing N N 102 
GLU N   H    sing N N 103 
GLU N   H2   sing N N 104 
GLU CA  C    sing N N 105 
GLU CA  CB   sing N N 106 
GLU CA  HA   sing N N 107 
GLU C   O    doub N N 108 
GLU C   OXT  sing N N 109 
GLU CB  CG   sing N N 110 
GLU CB  HB2  sing N N 111 
GLU CB  HB3  sing N N 112 
GLU CG  CD   sing N N 113 
GLU CG  HG2  sing N N 114 
GLU CG  HG3  sing N N 115 
GLU CD  OE1  doub N N 116 
GLU CD  OE2  sing N N 117 
GLU OE2 HE2  sing N N 118 
GLU OXT HXT  sing N N 119 
GLY N   CA   sing N N 120 
GLY N   H    sing N N 121 
GLY N   H2   sing N N 122 
GLY CA  C    sing N N 123 
GLY CA  HA2  sing N N 124 
GLY CA  HA3  sing N N 125 
GLY C   O    doub N N 126 
GLY C   OXT  sing N N 127 
GLY OXT HXT  sing N N 128 
HIS N   CA   sing N N 129 
HIS N   H    sing N N 130 
HIS N   H2   sing N N 131 
HIS CA  C    sing N N 132 
HIS CA  CB   sing N N 133 
HIS CA  HA   sing N N 134 
HIS C   O    doub N N 135 
HIS C   OXT  sing N N 136 
HIS CB  CG   sing N N 137 
HIS CB  HB2  sing N N 138 
HIS CB  HB3  sing N N 139 
HIS CG  ND1  sing Y N 140 
HIS CG  CD2  doub Y N 141 
HIS ND1 CE1  doub Y N 142 
HIS ND1 HD1  sing N N 143 
HIS CD2 NE2  sing Y N 144 
HIS CD2 HD2  sing N N 145 
HIS CE1 NE2  sing Y N 146 
HIS CE1 HE1  sing N N 147 
HIS NE2 HE2  sing N N 148 
HIS OXT HXT  sing N N 149 
HOH O   H1   sing N N 150 
HOH O   H2   sing N N 151 
ILE N   CA   sing N N 152 
ILE N   H    sing N N 153 
ILE N   H2   sing N N 154 
ILE CA  C    sing N N 155 
ILE CA  CB   sing N N 156 
ILE CA  HA   sing N N 157 
ILE C   O    doub N N 158 
ILE C   OXT  sing N N 159 
ILE CB  CG1  sing N N 160 
ILE CB  CG2  sing N N 161 
ILE CB  HB   sing N N 162 
ILE CG1 CD1  sing N N 163 
ILE CG1 HG12 sing N N 164 
ILE CG1 HG13 sing N N 165 
ILE CG2 HG21 sing N N 166 
ILE CG2 HG22 sing N N 167 
ILE CG2 HG23 sing N N 168 
ILE CD1 HD11 sing N N 169 
ILE CD1 HD12 sing N N 170 
ILE CD1 HD13 sing N N 171 
ILE OXT HXT  sing N N 172 
LEU N   CA   sing N N 173 
LEU N   H    sing N N 174 
LEU N   H2   sing N N 175 
LEU CA  C    sing N N 176 
LEU CA  CB   sing N N 177 
LEU CA  HA   sing N N 178 
LEU C   O    doub N N 179 
LEU C   OXT  sing N N 180 
LEU CB  CG   sing N N 181 
LEU CB  HB2  sing N N 182 
LEU CB  HB3  sing N N 183 
LEU CG  CD1  sing N N 184 
LEU CG  CD2  sing N N 185 
LEU CG  HG   sing N N 186 
LEU CD1 HD11 sing N N 187 
LEU CD1 HD12 sing N N 188 
LEU CD1 HD13 sing N N 189 
LEU CD2 HD21 sing N N 190 
LEU CD2 HD22 sing N N 191 
LEU CD2 HD23 sing N N 192 
LEU OXT HXT  sing N N 193 
LYS N   CA   sing N N 194 
LYS N   H    sing N N 195 
LYS N   H2   sing N N 196 
LYS CA  C    sing N N 197 
LYS CA  CB   sing N N 198 
LYS CA  HA   sing N N 199 
LYS C   O    doub N N 200 
LYS C   OXT  sing N N 201 
LYS CB  CG   sing N N 202 
LYS CB  HB2  sing N N 203 
LYS CB  HB3  sing N N 204 
LYS CG  CD   sing N N 205 
LYS CG  HG2  sing N N 206 
LYS CG  HG3  sing N N 207 
LYS CD  CE   sing N N 208 
LYS CD  HD2  sing N N 209 
LYS CD  HD3  sing N N 210 
LYS CE  NZ   sing N N 211 
LYS CE  HE2  sing N N 212 
LYS CE  HE3  sing N N 213 
LYS NZ  HZ1  sing N N 214 
LYS NZ  HZ2  sing N N 215 
LYS NZ  HZ3  sing N N 216 
LYS OXT HXT  sing N N 217 
MET N   CA   sing N N 218 
MET N   H    sing N N 219 
MET N   H2   sing N N 220 
MET CA  C    sing N N 221 
MET CA  CB   sing N N 222 
MET CA  HA   sing N N 223 
MET C   O    doub N N 224 
MET C   OXT  sing N N 225 
MET CB  CG   sing N N 226 
MET CB  HB2  sing N N 227 
MET CB  HB3  sing N N 228 
MET CG  SD   sing N N 229 
MET CG  HG2  sing N N 230 
MET CG  HG3  sing N N 231 
MET SD  CE   sing N N 232 
MET CE  HE1  sing N N 233 
MET CE  HE2  sing N N 234 
MET CE  HE3  sing N N 235 
MET OXT HXT  sing N N 236 
PHE N   CA   sing N N 237 
PHE N   H    sing N N 238 
PHE N   H2   sing N N 239 
PHE CA  C    sing N N 240 
PHE CA  CB   sing N N 241 
PHE CA  HA   sing N N 242 
PHE C   O    doub N N 243 
PHE C   OXT  sing N N 244 
PHE CB  CG   sing N N 245 
PHE CB  HB2  sing N N 246 
PHE CB  HB3  sing N N 247 
PHE CG  CD1  doub Y N 248 
PHE CG  CD2  sing Y N 249 
PHE CD1 CE1  sing Y N 250 
PHE CD1 HD1  sing N N 251 
PHE CD2 CE2  doub Y N 252 
PHE CD2 HD2  sing N N 253 
PHE CE1 CZ   doub Y N 254 
PHE CE1 HE1  sing N N 255 
PHE CE2 CZ   sing Y N 256 
PHE CE2 HE2  sing N N 257 
PHE CZ  HZ   sing N N 258 
PHE OXT HXT  sing N N 259 
PRO N   CA   sing N N 260 
PRO N   CD   sing N N 261 
PRO N   H    sing N N 262 
PRO CA  C    sing N N 263 
PRO CA  CB   sing N N 264 
PRO CA  HA   sing N N 265 
PRO C   O    doub N N 266 
PRO C   OXT  sing N N 267 
PRO CB  CG   sing N N 268 
PRO CB  HB2  sing N N 269 
PRO CB  HB3  sing N N 270 
PRO CG  CD   sing N N 271 
PRO CG  HG2  sing N N 272 
PRO CG  HG3  sing N N 273 
PRO CD  HD2  sing N N 274 
PRO CD  HD3  sing N N 275 
PRO OXT HXT  sing N N 276 
SER N   CA   sing N N 277 
SER N   H    sing N N 278 
SER N   H2   sing N N 279 
SER CA  C    sing N N 280 
SER CA  CB   sing N N 281 
SER CA  HA   sing N N 282 
SER C   O    doub N N 283 
SER C   OXT  sing N N 284 
SER CB  OG   sing N N 285 
SER CB  HB2  sing N N 286 
SER CB  HB3  sing N N 287 
SER OG  HG   sing N N 288 
SER OXT HXT  sing N N 289 
THR N   CA   sing N N 290 
THR N   H    sing N N 291 
THR N   H2   sing N N 292 
THR CA  C    sing N N 293 
THR CA  CB   sing N N 294 
THR CA  HA   sing N N 295 
THR C   O    doub N N 296 
THR C   OXT  sing N N 297 
THR CB  OG1  sing N N 298 
THR CB  CG2  sing N N 299 
THR CB  HB   sing N N 300 
THR OG1 HG1  sing N N 301 
THR CG2 HG21 sing N N 302 
THR CG2 HG22 sing N N 303 
THR CG2 HG23 sing N N 304 
THR OXT HXT  sing N N 305 
TYR N   CA   sing N N 306 
TYR N   H    sing N N 307 
TYR N   H2   sing N N 308 
TYR CA  C    sing N N 309 
TYR CA  CB   sing N N 310 
TYR CA  HA   sing N N 311 
TYR C   O    doub N N 312 
TYR C   OXT  sing N N 313 
TYR CB  CG   sing N N 314 
TYR CB  HB2  sing N N 315 
TYR CB  HB3  sing N N 316 
TYR CG  CD1  doub Y N 317 
TYR CG  CD2  sing Y N 318 
TYR CD1 CE1  sing Y N 319 
TYR CD1 HD1  sing N N 320 
TYR CD2 CE2  doub Y N 321 
TYR CD2 HD2  sing N N 322 
TYR CE1 CZ   doub Y N 323 
TYR CE1 HE1  sing N N 324 
TYR CE2 CZ   sing Y N 325 
TYR CE2 HE2  sing N N 326 
TYR CZ  OH   sing N N 327 
TYR OH  HH   sing N N 328 
TYR OXT HXT  sing N N 329 
VAL N   CA   sing N N 330 
VAL N   H    sing N N 331 
VAL N   H2   sing N N 332 
VAL CA  C    sing N N 333 
VAL CA  CB   sing N N 334 
VAL CA  HA   sing N N 335 
VAL C   O    doub N N 336 
VAL C   OXT  sing N N 337 
VAL CB  CG1  sing N N 338 
VAL CB  CG2  sing N N 339 
VAL CB  HB   sing N N 340 
VAL CG1 HG11 sing N N 341 
VAL CG1 HG12 sing N N 342 
VAL CG1 HG13 sing N N 343 
VAL CG2 HG21 sing N N 344 
VAL CG2 HG22 sing N N 345 
VAL CG2 HG23 sing N N 346 
VAL OXT HXT  sing N N 347 
# 
_atom_sites.entry_id                    2FD5 
_atom_sites.fract_transf_matrix[1][1]   -0.00263344 
_atom_sites.fract_transf_matrix[1][2]   -0.00182666 
_atom_sites.fract_transf_matrix[1][3]   -0.01584864 
_atom_sites.fract_transf_matrix[2][1]   -0.00130407 
_atom_sites.fract_transf_matrix[2][2]   -0.01482500 
_atom_sites.fract_transf_matrix[2][3]   -0.00632357 
_atom_sites.fract_transf_matrix[3][1]   -0.00667961 
_atom_sites.fract_transf_matrix[3][2]   0.00012004 
_atom_sites.fract_transf_matrix[3][3]   0.00109606 
_atom_sites.fract_transf_vector[1]      0.425671 
_atom_sites.fract_transf_vector[2]      0.925351 
_atom_sites.fract_transf_vector[3]      0.074268 
# 
loop_
_atom_type.symbol 
C 
N 
O 
S 
# 
loop_
_atom_site.group_PDB 
_atom_site.id 
_atom_site.type_symbol 
_atom_site.label_atom_id 
_atom_site.label_alt_id 
_atom_site.label_comp_id 
_atom_site.label_asym_id 
_atom_site.label_entity_id 
_atom_site.label_seq_id 
_atom_site.pdbx_PDB_ins_code 
_atom_site.Cartn_x 
_atom_site.Cartn_y 
_atom_site.Cartn_z 
_atom_site.occupancy 
_atom_site.B_iso_or_equiv 
_atom_site.pdbx_formal_charge 
_atom_site.auth_seq_id 
_atom_site.auth_comp_id 
_atom_site.auth_asym_id 
_atom_site.auth_atom_id 
_atom_site.pdbx_PDB_model_num 
ATOM   1    N N   . MET A 1 1   ? -19.092 8.980   17.434  1.00 26.67 ? 1   MET A N   1 
ATOM   2    C CA  . MET A 1 1   ? -19.622 8.258   18.584  1.00 26.61 ? 1   MET A CA  1 
ATOM   3    C C   . MET A 1 1   ? -19.432 6.759   18.457  1.00 26.51 ? 1   MET A C   1 
ATOM   4    O O   . MET A 1 1   ? -19.889 6.142   17.512  1.00 26.19 ? 1   MET A O   1 
ATOM   5    C CB  . MET A 1 1   ? -21.091 8.548   18.813  1.00 27.05 ? 1   MET A CB  1 
ATOM   6    C CG  . MET A 1 1   ? -21.540 8.138   20.158  1.00 26.97 ? 1   MET A CG  1 
ATOM   7    S SD  . MET A 1 1   ? -23.004 8.927   20.731  1.00 26.71 ? 1   MET A SD  1 
ATOM   8    C CE  . MET A 1 1   ? -24.176 7.904   20.031  1.00 31.65 ? 1   MET A CE  1 
ATOM   9    N N   . SER A 1 2   ? -18.775 6.178   19.442  1.00 25.59 ? 2   SER A N   1 
ATOM   10   C CA  . SER A 1 2   ? -18.289 4.829   19.328  1.00 25.29 ? 2   SER A CA  1 
ATOM   11   C C   . SER A 1 2   ? -18.297 4.142   20.696  1.00 24.28 ? 2   SER A C   1 
ATOM   12   O O   . SER A 1 2   ? -19.184 4.361   21.489  1.00 24.90 ? 2   SER A O   1 
ATOM   13   C CB  . SER A 1 2   ? -16.882 4.836   18.739  1.00 25.31 ? 2   SER A CB  1 
ATOM   14   O OG  . SER A 1 2   ? -16.468 3.554   18.357  1.00 26.82 ? 2   SER A OG  1 
ATOM   15   N N   . ASP A 1 3   ? -17.304 3.300   20.936  1.00 23.09 ? 3   ASP A N   1 
ATOM   16   C CA  . ASP A 1 3   ? -17.218 2.533   22.177  1.00 21.26 ? 3   ASP A CA  1 
ATOM   17   C C   . ASP A 1 3   ? -15.787 2.049   22.305  1.00 21.15 ? 3   ASP A C   1 
ATOM   18   O O   . ASP A 1 3   ? -15.052 1.991   21.309  1.00 20.82 ? 3   ASP A O   1 
ATOM   19   C CB  . ASP A 1 3   ? -18.162 1.342   22.142  1.00 20.95 ? 3   ASP A CB  1 
ATOM   20   C CG  . ASP A 1 3   ? -17.725 0.294   21.132  1.00 21.47 ? 3   ASP A CG  1 
ATOM   21   O OD1 . ASP A 1 3   ? -18.217 0.343   19.987  1.00 19.95 ? 3   ASP A OD1 1 
ATOM   22   O OD2 . ASP A 1 3   ? -16.865 -0.544  21.490  1.00 19.03 ? 3   ASP A OD2 1 
ATOM   23   N N   . LYS A 1 4   ? -15.398 1.638   23.497  1.00 20.32 ? 4   LYS A N   1 
ATOM   24   C CA  . LYS A 1 4   ? -13.992 1.378   23.759  1.00 20.96 ? 4   LYS A CA  1 
ATOM   25   C C   . LYS A 1 4   ? -13.444 0.148   23.051  1.00 20.73 ? 4   LYS A C   1 
ATOM   26   O O   . LYS A 1 4   ? -12.289 0.112   22.687  1.00 20.61 ? 4   LYS A O   1 
ATOM   27   C CB  . LYS A 1 4   ? -13.690 1.320   25.247  1.00 21.47 ? 4   LYS A CB  1 
ATOM   28   C CG  . LYS A 1 4   ? -14.206 2.528   26.022  1.00 24.84 ? 4   LYS A CG  1 
ATOM   29   C CD  . LYS A 1 4   ? -13.293 3.739   25.923  1.00 29.55 ? 4   LYS A CD  1 
ATOM   30   C CE  . LYS A 1 4   ? -12.702 4.095   27.311  1.00 30.75 ? 4   LYS A CE  1 
ATOM   31   N NZ  . LYS A 1 4   ? -12.101 5.462   27.403  1.00 32.27 ? 4   LYS A NZ  1 
ATOM   32   N N   . LYS A 1 5   ? -14.286 -0.844  22.844  1.00 20.40 ? 5   LYS A N   1 
ATOM   33   C CA  . LYS A 1 5   ? -13.860 -2.049  22.113  1.00 21.58 ? 5   LYS A CA  1 
ATOM   34   C C   . LYS A 1 5   ? -13.536 -1.714  20.657  1.00 21.04 ? 5   LYS A C   1 
ATOM   35   O O   . LYS A 1 5   ? -12.447 -2.035  20.155  1.00 20.70 ? 5   LYS A O   1 
ATOM   36   C CB  . LYS A 1 5   ? -14.935 -3.141  22.177  1.00 21.82 ? 5   LYS A CB  1 
ATOM   37   C CG  . LYS A 1 5   ? -14.505 -4.466  21.552  1.00 23.00 ? 5   LYS A CG  1 
ATOM   38   C CD  . LYS A 1 5   ? -15.642 -5.484  21.585  1.00 23.95 ? 5   LYS A CD  1 
ATOM   39   C CE  . LYS A 1 5   ? -15.276 -6.755  20.831  1.00 29.46 ? 5   LYS A CE  1 
ATOM   40   N NZ  . LYS A 1 5   ? -16.394 -7.752  20.813  1.00 31.98 ? 5   LYS A NZ  1 
ATOM   41   N N   . THR A 1 6   ? -14.489 -1.067  19.986  1.00 20.69 ? 6   THR A N   1 
ATOM   42   C CA  . THR A 1 6   ? -14.327 -0.630  18.599  1.00 20.79 ? 6   THR A CA  1 
ATOM   43   C C   . THR A 1 6   ? -13.102 0.269   18.449  1.00 21.66 ? 6   THR A C   1 
ATOM   44   O O   . THR A 1 6   ? -12.289 0.074   17.534  1.00 22.39 ? 6   THR A O   1 
ATOM   45   C CB  . THR A 1 6   ? -15.600 0.100   18.098  1.00 20.13 ? 6   THR A CB  1 
ATOM   46   O OG1 . THR A 1 6   ? -16.740 -0.750  18.269  1.00 19.75 ? 6   THR A OG1 1 
ATOM   47   C CG2 . THR A 1 6   ? -15.477 0.463   16.624  1.00 20.84 ? 6   THR A CG2 1 
ATOM   48   N N   . GLN A 1 7   ? -12.962 1.235   19.356  1.00 22.33 ? 7   GLN A N   1 
ATOM   49   C CA  . GLN A 1 7   ? -11.853 2.178   19.336  1.00 23.19 ? 7   GLN A CA  1 
ATOM   50   C C   . GLN A 1 7   ? -10.507 1.485   19.520  1.00 23.02 ? 7   GLN A C   1 
ATOM   51   O O   . GLN A 1 7   ? -9.552  1.757   18.777  1.00 22.79 ? 7   GLN A O   1 
ATOM   52   C CB  . GLN A 1 7   ? -12.056 3.241   20.413  1.00 23.96 ? 7   GLN A CB  1 
ATOM   53   C CG  . GLN A 1 7   ? -11.279 4.515   20.186  1.00 27.96 ? 7   GLN A CG  1 
ATOM   54   C CD  . GLN A 1 7   ? -11.804 5.655   21.033  1.00 32.10 ? 7   GLN A CD  1 
ATOM   55   O OE1 . GLN A 1 7   ? -11.671 5.644   22.263  1.00 34.10 ? 7   GLN A OE1 1 
ATOM   56   N NE2 . GLN A 1 7   ? -12.415 6.643   20.383  1.00 34.09 ? 7   GLN A NE2 1 
ATOM   57   N N   . THR A 1 8   ? -10.433 0.582   20.500  1.00 22.50 ? 8   THR A N   1 
ATOM   58   C CA  . THR A 1 8   ? -9.200  -0.143  20.800  1.00 22.37 ? 8   THR A CA  1 
ATOM   59   C C   . THR A 1 8   ? -8.762  -1.008  19.606  1.00 22.28 ? 8   THR A C   1 
ATOM   60   O O   . THR A 1 8   ? -7.583  -0.998  19.242  1.00 22.05 ? 8   THR A O   1 
ATOM   61   C CB  . THR A 1 8   ? -9.353  -0.983  22.096  1.00 22.68 ? 8   THR A CB  1 
ATOM   62   O OG1 . THR A 1 8   ? -9.582  -0.090  23.198  1.00 22.09 ? 8   THR A OG1 1 
ATOM   63   C CG2 . THR A 1 8   ? -8.111  -1.837  22.376  1.00 22.75 ? 8   THR A CG2 1 
ATOM   64   N N   . ARG A 1 9   ? -9.680  -1.751  19.001  1.00 21.98 ? 9   ARG A N   1 
ATOM   65   C CA  . ARG A 1 9   ? -9.354  -2.534  17.806  1.00 22.47 ? 9   ARG A CA  1 
ATOM   66   C C   . ARG A 1 9   ? -8.812  -1.637  16.700  1.00 22.81 ? 9   ARG A C   1 
ATOM   67   O O   . ARG A 1 9   ? -7.798  -1.929  16.089  1.00 22.77 ? 9   ARG A O   1 
ATOM   68   C CB  . ARG A 1 9   ? -10.580 -3.283  17.291  1.00 22.63 ? 9   ARG A CB  1 
ATOM   69   C CG  . ARG A 1 9   ? -10.289 -4.328  16.243  1.00 22.91 ? 9   ARG A CG  1 
ATOM   70   C CD  . ARG A 1 9   ? -11.509 -5.002  15.686  1.00 26.21 ? 9   ARG A CD  1 
ATOM   71   N NE  . ARG A 1 9   ? -11.243 -6.237  14.964  1.00 29.53 ? 9   ARG A NE  1 
ATOM   72   C CZ  . ARG A 1 9   ? -10.842 -6.295  13.705  1.00 31.35 ? 9   ARG A CZ  1 
ATOM   73   N NH1 . ARG A 1 9   ? -10.633 -7.462  13.127  1.00 35.09 ? 9   ARG A NH1 1 
ATOM   74   N NH2 . ARG A 1 9   ? -10.637 -5.186  13.021  1.00 29.22 ? 9   ARG A NH2 1 
ATOM   75   N N   . ALA A 1 10  ? -9.510  -0.543  16.453  1.00 22.79 ? 10  ALA A N   1 
ATOM   76   C CA  . ALA A 1 10  ? -9.087  0.422   15.434  1.00 23.26 ? 10  ALA A CA  1 
ATOM   77   C C   . ALA A 1 10  ? -7.682  0.980   15.686  1.00 23.69 ? 10  ALA A C   1 
ATOM   78   O O   . ALA A 1 10  ? -6.903  1.173   14.730  1.00 23.90 ? 10  ALA A O   1 
ATOM   79   C CB  . ALA A 1 10  ? -10.110 1.544   15.312  1.00 23.07 ? 10  ALA A CB  1 
ATOM   80   N N   . ARG A 1 11  ? -7.354  1.237   16.956  1.00 23.57 ? 11  ARG A N   1 
ATOM   81   C CA  . ARG A 1 11  ? -6.019  1.709   17.346  1.00 24.45 ? 11  ARG A CA  1 
ATOM   82   C C   . ARG A 1 11  ? -4.933  0.667   17.069  1.00 24.05 ? 11  ARG A C   1 
ATOM   83   O O   . ARG A 1 11  ? -3.827  1.010   16.630  1.00 24.74 ? 11  ARG A O   1 
ATOM   84   C CB  . ARG A 1 11  ? -5.973  2.082   18.830  1.00 24.73 ? 11  ARG A CB  1 
ATOM   85   C CG  . ARG A 1 11  ? -6.646  3.396   19.166  1.00 26.73 ? 11  ARG A CG  1 
ATOM   86   C CD  . ARG A 1 11  ? -6.778  3.560   20.682  1.00 29.58 ? 11  ARG A CD  1 
ATOM   87   N NE  . ARG A 1 11  ? -5.489  3.715   21.361  1.00 31.69 ? 11  ARG A NE  1 
ATOM   88   C CZ  . ARG A 1 11  ? -5.336  3.752   22.685  1.00 33.16 ? 11  ARG A CZ  1 
ATOM   89   N NH1 . ARG A 1 11  ? -6.388  3.632   23.490  1.00 33.02 ? 11  ARG A NH1 1 
ATOM   90   N NH2 . ARG A 1 11  ? -4.129  3.901   23.215  1.00 33.88 ? 11  ARG A NH2 1 
ATOM   91   N N   . ILE A 1 12  ? -5.251  -0.597  17.341  1.00 23.47 ? 12  ILE A N   1 
ATOM   92   C CA  . ILE A 1 12  ? -4.316  -1.703  17.098  1.00 22.62 ? 12  ILE A CA  1 
ATOM   93   C C   . ILE A 1 12  ? -4.078  -1.850  15.596  1.00 22.53 ? 12  ILE A C   1 
ATOM   94   O O   . ILE A 1 12  ? -2.927  -1.915  15.146  1.00 22.58 ? 12  ILE A O   1 
ATOM   95   C CB  . ILE A 1 12  ? -4.830  -3.043  17.690  1.00 22.21 ? 12  ILE A CB  1 
ATOM   96   C CG1 . ILE A 1 12  ? -4.855  -2.975  19.227  1.00 21.95 ? 12  ILE A CG1 1 
ATOM   97   C CG2 . ILE A 1 12  ? -3.952  -4.217  17.221  1.00 22.08 ? 12  ILE A CG2 1 
ATOM   98   C CD1 . ILE A 1 12  ? -5.634  -4.114  19.889  1.00 22.35 ? 12  ILE A CD1 1 
ATOM   99   N N   . LEU A 1 13  ? -5.162  -1.865  14.827  1.00 22.71 ? 13  LEU A N   1 
ATOM   100  C CA  . LEU A 1 13  ? -5.053  -1.972  13.369  1.00 23.15 ? 13  LEU A CA  1 
ATOM   101  C C   . LEU A 1 13  ? -4.331  -0.776  12.751  1.00 23.20 ? 13  LEU A C   1 
ATOM   102  O O   . LEU A 1 13  ? -3.581  -0.937  11.781  1.00 22.81 ? 13  LEU A O   1 
ATOM   103  C CB  . LEU A 1 13  ? -6.426  -2.178  12.730  1.00 23.42 ? 13  LEU A CB  1 
ATOM   104  C CG  . LEU A 1 13  ? -6.502  -2.610  11.263  1.00 23.90 ? 13  LEU A CG  1 
ATOM   105  C CD1 . LEU A 1 13  ? -5.811  -3.957  11.028  1.00 23.78 ? 13  LEU A CD1 1 
ATOM   106  C CD2 . LEU A 1 13  ? -7.958  -2.676  10.836  1.00 24.15 ? 13  LEU A CD2 1 
ATOM   107  N N   . GLY A 1 14  ? -4.552  0.413   13.312  1.00 22.98 ? 14  GLY A N   1 
ATOM   108  C CA  . GLY A 1 14  ? -3.862  1.628   12.879  1.00 23.76 ? 14  GLY A CA  1 
ATOM   109  C C   . GLY A 1 14  ? -2.356  1.549   13.051  1.00 24.30 ? 14  GLY A C   1 
ATOM   110  O O   . GLY A 1 14  ? -1.601  1.907   12.142  1.00 25.08 ? 14  GLY A O   1 
ATOM   111  N N   . ALA A 1 15  ? -1.917  1.087   14.220  1.00 23.94 ? 15  ALA A N   1 
ATOM   112  C CA  . ALA A 1 15  ? -0.502  0.844   14.484  1.00 24.17 ? 15  ALA A CA  1 
ATOM   113  C C   . ALA A 1 15  ? 0.054   -0.250  13.561  1.00 24.07 ? 15  ALA A C   1 
ATOM   114  O O   . ALA A 1 15  ? 1.191   -0.148  13.077  1.00 24.10 ? 15  ALA A O   1 
ATOM   115  C CB  . ALA A 1 15  ? -0.284  0.470   15.950  1.00 24.33 ? 15  ALA A CB  1 
ATOM   116  N N   . ALA A 1 16  ? -0.754  -1.281  13.310  1.00 23.12 ? 16  ALA A N   1 
ATOM   117  C CA  . ALA A 1 16  ? -0.348  -2.380  12.426  1.00 22.68 ? 16  ALA A CA  1 
ATOM   118  C C   . ALA A 1 16  ? -0.145  -1.919  10.988  1.00 22.56 ? 16  ALA A C   1 
ATOM   119  O O   . ALA A 1 16  ? 0.847   -2.303  10.344  1.00 21.81 ? 16  ALA A O   1 
ATOM   120  C CB  . ALA A 1 16  ? -1.351  -3.512  12.470  1.00 22.37 ? 16  ALA A CB  1 
ATOM   121  N N   . THR A 1 17  ? -1.085  -1.119  10.483  1.00 22.30 ? 17  THR A N   1 
ATOM   122  C CA  . THR A 1 17  ? -1.025  -0.649  9.096   1.00 23.19 ? 17  THR A CA  1 
ATOM   123  C C   . THR A 1 17  ? 0.202   0.238   8.907   1.00 23.69 ? 17  THR A C   1 
ATOM   124  O O   . THR A 1 17  ? 0.885   0.150   7.883   1.00 23.51 ? 17  THR A O   1 
ATOM   125  C CB  . THR A 1 17  ? -2.291  0.121   8.661   1.00 23.11 ? 17  THR A CB  1 
ATOM   126  O OG1 . THR A 1 17  ? -2.497  1.236   9.530   1.00 25.67 ? 17  THR A OG1 1 
ATOM   127  C CG2 . THR A 1 17  ? -3.541  -0.780  8.670   1.00 21.07 ? 17  THR A CG2 1 
ATOM   128  N N   . GLN A 1 18  ? 0.484   1.071   9.907   1.00 24.08 ? 18  GLN A N   1 
ATOM   129  C CA  . GLN A 1 18  ? 1.659   1.941   9.882   1.00 24.85 ? 18  GLN A CA  1 
ATOM   130  C C   . GLN A 1 18  ? 2.955   1.145   9.812   1.00 24.12 ? 18  GLN A C   1 
ATOM   131  O O   . GLN A 1 18  ? 3.811   1.426   8.967   1.00 24.11 ? 18  GLN A O   1 
ATOM   132  C CB  . GLN A 1 18  ? 1.656   2.890   11.078  1.00 25.32 ? 18  GLN A CB  1 
ATOM   133  C CG  . GLN A 1 18  ? 0.856   4.143   10.798  1.00 28.88 ? 18  GLN A CG  1 
ATOM   134  C CD  . GLN A 1 18  ? 1.462   4.942   9.662   1.00 33.49 ? 18  GLN A CD  1 
ATOM   135  O OE1 . GLN A 1 18  ? 2.636   5.312   9.720   1.00 37.08 ? 18  GLN A OE1 1 
ATOM   136  N NE2 . GLN A 1 18  ? 0.678   5.189   8.608   1.00 33.37 ? 18  GLN A NE2 1 
ATOM   137  N N   . ALA A 1 19  ? 3.080   0.153   10.694  1.00 23.29 ? 19  ALA A N   1 
ATOM   138  C CA  . ALA A 1 19  ? 4.243   -0.733  10.723  1.00 23.10 ? 19  ALA A CA  1 
ATOM   139  C C   . ALA A 1 19  ? 4.391   -1.478  9.402   1.00 22.74 ? 19  ALA A C   1 
ATOM   140  O O   . ALA A 1 19  ? 5.503   -1.596  8.879   1.00 22.97 ? 19  ALA A O   1 
ATOM   141  C CB  . ALA A 1 19  ? 4.132   -1.717  11.871  1.00 23.35 ? 19  ALA A CB  1 
ATOM   142  N N   . LEU A 1 20  ? 3.268   -1.963  8.861   1.00 21.96 ? 20  LEU A N   1 
ATOM   143  C CA  . LEU A 1 20  ? 3.256   -2.694  7.592   1.00 21.74 ? 20  LEU A CA  1 
ATOM   144  C C   . LEU A 1 20  ? 3.739   -1.819  6.421   1.00 21.91 ? 20  LEU A C   1 
ATOM   145  O O   . LEU A 1 20  ? 4.575   -2.245  5.618   1.00 21.32 ? 20  LEU A O   1 
ATOM   146  C CB  . LEU A 1 20  ? 1.849   -3.231  7.311   1.00 21.88 ? 20  LEU A CB  1 
ATOM   147  C CG  . LEU A 1 20  ? 1.546   -3.961  5.997   1.00 21.77 ? 20  LEU A CG  1 
ATOM   148  C CD1 . LEU A 1 20  ? 2.227   -5.308  5.946   1.00 22.12 ? 20  LEU A CD1 1 
ATOM   149  C CD2 . LEU A 1 20  ? 0.046   -4.128  5.834   1.00 21.57 ? 20  LEU A CD2 1 
ATOM   150  N N   . LEU A 1 21  ? 3.213   -0.598  6.339   1.00 22.15 ? 21  LEU A N   1 
ATOM   151  C CA  . LEU A 1 21  ? 3.600   0.366   5.297   1.00 22.71 ? 21  LEU A CA  1 
ATOM   152  C C   . LEU A 1 21  ? 5.093   0.657   5.281   1.00 23.34 ? 21  LEU A C   1 
ATOM   153  O O   . LEU A 1 21  ? 5.703   0.835   4.206   1.00 22.64 ? 21  LEU A O   1 
ATOM   154  C CB  . LEU A 1 21  ? 2.854   1.682   5.498   1.00 22.49 ? 21  LEU A CB  1 
ATOM   155  C CG  . LEU A 1 21  ? 1.421   1.718   5.003   1.00 23.02 ? 21  LEU A CG  1 
ATOM   156  C CD1 . LEU A 1 21  ? 0.752   3.008   5.444   1.00 23.28 ? 21  LEU A CD1 1 
ATOM   157  C CD2 . LEU A 1 21  ? 1.371   1.584   3.501   1.00 23.42 ? 21  LEU A CD2 1 
ATOM   158  N N   . GLU A 1 22  ? 5.676   0.688   6.473   1.00 23.74 ? 22  GLU A N   1 
ATOM   159  C CA  . GLU A 1 22  ? 7.065   1.096   6.652   1.00 25.80 ? 22  GLU A CA  1 
ATOM   160  C C   . GLU A 1 22  ? 8.048   -0.072  6.659   1.00 25.45 ? 22  GLU A C   1 
ATOM   161  O O   . GLU A 1 22  ? 9.127   0.018   6.055   1.00 25.60 ? 22  GLU A O   1 
ATOM   162  C CB  . GLU A 1 22  ? 7.199   1.939   7.934   1.00 25.96 ? 22  GLU A CB  1 
ATOM   163  C CG  . GLU A 1 22  ? 6.396   3.249   7.869   1.00 28.46 ? 22  GLU A CG  1 
ATOM   164  C CD  . GLU A 1 22  ? 6.227   3.949   9.212   1.00 29.22 ? 22  GLU A CD  1 
ATOM   165  O OE1 . GLU A 1 22  ? 6.607   3.377   10.261  1.00 34.41 ? 22  GLU A OE1 1 
ATOM   166  O OE2 . GLU A 1 22  ? 5.690   5.079   9.212   1.00 32.65 ? 22  GLU A OE2 1 
ATOM   167  N N   . ARG A 1 23  ? 7.673   -1.174  7.313   1.00 24.51 ? 23  ARG A N   1 
ATOM   168  C CA  . ARG A 1 23  ? 8.607   -2.263  7.596   1.00 25.00 ? 23  ARG A CA  1 
ATOM   169  C C   . ARG A 1 23  ? 8.156   -3.639  7.119   1.00 23.75 ? 23  ARG A C   1 
ATOM   170  O O   . ARG A 1 23  ? 8.855   -4.625  7.335   1.00 24.45 ? 23  ARG A O   1 
ATOM   171  C CB  . ARG A 1 23  ? 8.931   -2.322  9.096   1.00 24.89 ? 23  ARG A CB  1 
ATOM   172  C CG  . ARG A 1 23  ? 9.469   -1.028  9.674   1.00 27.16 ? 23  ARG A CG  1 
ATOM   173  C CD  . ARG A 1 23  ? 9.860   -1.192  11.142  1.00 27.25 ? 23  ARG A CD  1 
ATOM   174  N NE  . ARG A 1 23  ? 8.698   -1.216  12.027  1.00 30.74 ? 23  ARG A NE  1 
ATOM   175  C CZ  . ARG A 1 23  ? 8.443   -2.165  12.926  1.00 32.22 ? 23  ARG A CZ  1 
ATOM   176  N NH1 . ARG A 1 23  ? 9.277   -3.189  13.088  1.00 33.05 ? 23  ARG A NH1 1 
ATOM   177  N NH2 . ARG A 1 23  ? 7.350   -2.080  13.682  1.00 31.67 ? 23  ARG A NH2 1 
ATOM   178  N N   . GLY A 1 24  ? 6.999   -3.705  6.470   1.00 23.00 ? 24  GLY A N   1 
ATOM   179  C CA  . GLY A 1 24  ? 6.500   -4.967  5.924   1.00 22.19 ? 24  GLY A CA  1 
ATOM   180  C C   . GLY A 1 24  ? 5.772   -5.795  6.968   1.00 22.28 ? 24  GLY A C   1 
ATOM   181  O O   . GLY A 1 24  ? 5.458   -5.299  8.056   1.00 21.33 ? 24  GLY A O   1 
ATOM   182  N N   . ALA A 1 25  ? 5.503   -7.052  6.632   1.00 22.29 ? 25  ALA A N   1 
ATOM   183  C CA  . ALA A 1 25  ? 4.639   -7.904  7.458   1.00 22.98 ? 25  ALA A CA  1 
ATOM   184  C C   . ALA A 1 25  ? 5.406   -8.868  8.369   1.00 23.94 ? 25  ALA A C   1 
ATOM   185  O O   . ALA A 1 25  ? 4.835   -9.432  9.308   1.00 24.03 ? 25  ALA A O   1 
ATOM   186  C CB  . ALA A 1 25  ? 3.654   -8.670  6.570   1.00 22.26 ? 25  ALA A CB  1 
ATOM   187  N N   . VAL A 1 26  ? 6.692   -9.064  8.090   1.00 25.24 ? 26  VAL A N   1 
ATOM   188  C CA  . VAL A 1 26  ? 7.501   -10.039 8.836   1.00 26.71 ? 26  VAL A CA  1 
ATOM   189  C C   . VAL A 1 26  ? 8.151   -9.433  10.091  1.00 27.65 ? 26  VAL A C   1 
ATOM   190  O O   . VAL A 1 26  ? 8.016   -9.984  11.192  1.00 28.46 ? 26  VAL A O   1 
ATOM   191  C CB  . VAL A 1 26  ? 8.570   -10.716 7.928   1.00 26.85 ? 26  VAL A CB  1 
ATOM   192  C CG1 . VAL A 1 26  ? 9.465   -11.638 8.739   1.00 26.87 ? 26  VAL A CG1 1 
ATOM   193  C CG2 . VAL A 1 26  ? 7.904   -11.510 6.814   1.00 26.68 ? 26  VAL A CG2 1 
ATOM   194  N N   . GLU A 1 27  ? 8.774   -8.286  9.935   1.00 28.83 ? 27  GLU A N   1 
ATOM   195  C CA  . GLU A 1 27  ? 9.536   -7.716  11.020  1.00 30.31 ? 27  GLU A CA  1 
ATOM   196  C C   . GLU A 1 27  ? 8.692   -7.335  12.238  1.00 30.10 ? 27  GLU A C   1 
ATOM   197  O O   . GLU A 1 27  ? 8.995   -7.768  13.338  1.00 30.56 ? 27  GLU A O   1 
ATOM   198  C CB  . GLU A 1 27  ? 10.350  -6.529  10.545  1.00 30.42 ? 27  GLU A CB  1 
ATOM   199  C CG  . GLU A 1 27  ? 11.469  -6.161  11.487  1.00 32.30 ? 27  GLU A CG  1 
ATOM   200  C CD  . GLU A 1 27  ? 12.663  -5.559  10.767  1.00 32.28 ? 27  GLU A CD  1 
ATOM   201  O OE1 . GLU A 1 27  ? 13.788  -5.973  11.090  1.00 35.35 ? 27  GLU A OE1 1 
ATOM   202  O OE2 . GLU A 1 27  ? 12.478  -4.688  9.891   1.00 34.20 ? 27  GLU A OE2 1 
ATOM   203  N N   . PRO A 1 28  ? 7.660   -6.514  12.053  1.00 29.94 ? 28  PRO A N   1 
ATOM   204  C CA  . PRO A 1 28  ? 6.943   -5.969  13.217  1.00 29.63 ? 28  PRO A CA  1 
ATOM   205  C C   . PRO A 1 28  ? 6.436   -7.049  14.165  1.00 29.35 ? 28  PRO A C   1 
ATOM   206  O O   . PRO A 1 28  ? 5.928   -8.071  13.718  1.00 29.42 ? 28  PRO A O   1 
ATOM   207  C CB  . PRO A 1 28  ? 5.767   -5.216  12.587  1.00 29.48 ? 28  PRO A CB  1 
ATOM   208  C CG  . PRO A 1 28  ? 6.234   -4.881  11.210  1.00 29.70 ? 28  PRO A CG  1 
ATOM   209  C CD  . PRO A 1 28  ? 7.035   -6.073  10.792  1.00 29.69 ? 28  PRO A CD  1 
ATOM   210  N N   . SER A 1 29  ? 6.607   -6.820  15.464  1.00 29.31 ? 29  SER A N   1 
ATOM   211  C CA  . SER A 1 29  ? 6.167   -7.751  16.499  1.00 28.81 ? 29  SER A CA  1 
ATOM   212  C C   . SER A 1 29  ? 4.865   -7.263  17.129  1.00 28.94 ? 29  SER A C   1 
ATOM   213  O O   . SER A 1 29  ? 4.537   -6.074  17.050  1.00 28.23 ? 29  SER A O   1 
ATOM   214  C CB  . SER A 1 29  ? 7.233   -7.843  17.595  1.00 29.03 ? 29  SER A CB  1 
ATOM   215  O OG  . SER A 1 29  ? 7.470   -6.563  18.168  1.00 28.61 ? 29  SER A OG  1 
ATOM   216  N N   . VAL A 1 30  ? 4.146   -8.176  17.776  1.00 29.26 ? 30  VAL A N   1 
ATOM   217  C CA  . VAL A 1 30  ? 2.952   -7.800  18.546  1.00 30.06 ? 30  VAL A CA  1 
ATOM   218  C C   . VAL A 1 30  ? 3.317   -6.699  19.548  1.00 30.52 ? 30  VAL A C   1 
ATOM   219  O O   . VAL A 1 30  ? 2.612   -5.692  19.663  1.00 30.91 ? 30  VAL A O   1 
ATOM   220  C CB  . VAL A 1 30  ? 2.316   -9.023  19.244  1.00 29.99 ? 30  VAL A CB  1 
ATOM   221  C CG1 . VAL A 1 30  ? 1.250   -8.589  20.254  1.00 30.28 ? 30  VAL A CG1 1 
ATOM   222  C CG2 . VAL A 1 30  ? 1.710   -9.962  18.210  1.00 29.79 ? 30  VAL A CG2 1 
ATOM   223  N N   . GLY A 1 31  ? 4.449   -6.884  20.231  1.00 31.13 ? 31  GLY A N   1 
ATOM   224  C CA  . GLY A 1 31  ? 4.966   -5.910  21.190  1.00 31.61 ? 31  GLY A CA  1 
ATOM   225  C C   . GLY A 1 31  ? 5.146   -4.521  20.610  1.00 32.24 ? 31  GLY A C   1 
ATOM   226  O O   . GLY A 1 31  ? 4.781   -3.533  21.247  1.00 32.45 ? 31  GLY A O   1 
ATOM   227  N N   . GLU A 1 32  ? 5.689   -4.435  19.403  1.00 32.53 ? 32  GLU A N   1 
ATOM   228  C CA  . GLU A 1 32  ? 5.891   -3.146  18.756  1.00 32.98 ? 32  GLU A CA  1 
ATOM   229  C C   . GLU A 1 32  ? 4.589   -2.454  18.382  1.00 32.78 ? 32  GLU A C   1 
ATOM   230  O O   . GLU A 1 32  ? 4.453   -1.258  18.528  1.00 32.80 ? 32  GLU A O   1 
ATOM   231  C CB  . GLU A 1 32  ? 6.728   -3.304  17.481  1.00 33.10 ? 32  GLU A CB  1 
ATOM   232  C CG  . GLU A 1 32  ? 8.227   -3.374  17.710  1.00 34.69 ? 32  GLU A CG  1 
ATOM   233  C CD  . GLU A 1 32  ? 8.940   -4.187  16.652  1.00 35.76 ? 32  GLU A CD  1 
ATOM   234  O OE1 . GLU A 1 32  ? 8.377   -4.383  15.566  1.00 35.52 ? 32  GLU A OE1 1 
ATOM   235  O OE2 . GLU A 1 32  ? 10.062  -4.632  16.921  1.00 36.22 ? 32  GLU A OE2 1 
ATOM   236  N N   . VAL A 1 33  ? 3.657   -3.222  17.839  1.00 32.84 ? 33  VAL A N   1 
ATOM   237  C CA  . VAL A 1 33  ? 2.374   -2.687  17.415  1.00 32.84 ? 33  VAL A CA  1 
ATOM   238  C C   . VAL A 1 33  ? 1.614   -2.153  18.644  1.00 33.32 ? 33  VAL A C   1 
ATOM   239  O O   . VAL A 1 33  ? 1.219   -1.009  18.689  1.00 32.95 ? 33  VAL A O   1 
ATOM   240  C CB  . VAL A 1 33  ? 1.542   -3.772  16.679  1.00 32.64 ? 33  VAL A CB  1 
ATOM   241  C CG1 . VAL A 1 33  ? 0.143   -3.304  16.414  1.00 31.78 ? 33  VAL A CG1 1 
ATOM   242  C CG2 . VAL A 1 33  ? 2.224   -4.187  15.368  1.00 32.24 ? 33  VAL A CG2 1 
ATOM   243  N N   . MET A 1 34  ? 1.446   -3.002  19.641  1.00 34.40 ? 34  MET A N   1 
ATOM   244  C CA  . MET A 1 34  ? 0.750   -2.599  20.856  1.00 35.64 ? 34  MET A CA  1 
ATOM   245  C C   . MET A 1 34  ? 1.467   -1.421  21.505  1.00 37.44 ? 34  MET A C   1 
ATOM   246  O O   . MET A 1 34  ? 0.857   -0.431  21.852  1.00 38.65 ? 34  MET A O   1 
ATOM   247  C CB  . MET A 1 34  ? 0.609   -3.776  21.818  1.00 34.82 ? 34  MET A CB  1 
ATOM   248  C CG  . MET A 1 34  ? -0.294  -4.900  21.328  1.00 31.96 ? 34  MET A CG  1 
ATOM   249  S SD  . MET A 1 34  ? -1.960  -4.410  20.910  1.00 22.15 ? 34  MET A SD  1 
ATOM   250  C CE  . MET A 1 34  ? -2.656  -4.353  22.571  1.00 27.95 ? 34  MET A CE  1 
ATOM   251  N N   . GLY A 1 35  ? 2.782   -1.514  21.616  1.00 39.21 ? 35  GLY A N   1 
ATOM   252  C CA  . GLY A 1 35  ? 3.589   -0.367  21.962  1.00 40.69 ? 35  GLY A CA  1 
ATOM   253  C C   . GLY A 1 35  ? 3.255   0.904   21.219  1.00 41.89 ? 35  GLY A C   1 
ATOM   254  O O   . GLY A 1 35  ? 3.056   1.949   21.822  1.00 41.96 ? 35  GLY A O   1 
ATOM   255  N N   . ALA A 1 36  ? 3.196   0.831   19.901  1.00 42.98 ? 36  ALA A N   1 
ATOM   256  C CA  . ALA A 1 36  ? 2.931   2.021   19.121  1.00 43.75 ? 36  ALA A CA  1 
ATOM   257  C C   . ALA A 1 36  ? 1.501   2.513   19.268  1.00 44.32 ? 36  ALA A C   1 
ATOM   258  O O   . ALA A 1 36  ? 1.206   3.660   18.988  1.00 44.16 ? 36  ALA A O   1 
ATOM   259  C CB  . ALA A 1 36  ? 3.271   1.800   17.669  1.00 43.62 ? 36  ALA A CB  1 
ATOM   260  N N   . ALA A 1 37  ? 0.617   1.626   19.713  1.00 44.76 ? 37  ALA A N   1 
ATOM   261  C CA  . ALA A 1 37  ? -0.778  1.983   19.942  1.00 45.41 ? 37  ALA A CA  1 
ATOM   262  C C   . ALA A 1 37  ? -0.973  2.587   21.329  1.00 45.74 ? 37  ALA A C   1 
ATOM   263  O O   . ALA A 1 37  ? -2.072  3.015   21.681  1.00 46.30 ? 37  ALA A O   1 
ATOM   264  C CB  . ALA A 1 37  ? -1.673  0.767   19.760  1.00 45.43 ? 37  ALA A CB  1 
ATOM   265  N N   . GLY A 1 38  ? 0.102   2.618   22.111  1.00 20.00 ? 38  GLY A N   1 
ATOM   266  C CA  . GLY A 1 38  ? 0.009   2.958   23.519  1.00 20.00 ? 38  GLY A CA  1 
ATOM   267  C C   . GLY A 1 38  ? -0.947  2.056   24.272  1.00 20.00 ? 38  GLY A C   1 
ATOM   268  O O   . GLY A 1 38  ? -1.671  2.506   25.160  1.00 20.00 ? 38  GLY A O   1 
ATOM   269  N N   . LEU A 1 39  ? -0.951  0.775   23.915  1.00 20.00 ? 39  LEU A N   1 
ATOM   270  C CA  . LEU A 1 39  ? -1.744  -0.217  24.631  1.00 20.00 ? 39  LEU A CA  1 
ATOM   271  C C   . LEU A 1 39  ? -0.853  -1.202  25.379  1.00 20.00 ? 39  LEU A C   1 
ATOM   272  O O   . LEU A 1 39  ? 0.174   -1.641  24.861  1.00 20.00 ? 39  LEU A O   1 
ATOM   273  C CB  . LEU A 1 39  ? -2.661  -0.968  23.663  1.00 20.00 ? 39  LEU A CB  1 
ATOM   274  C CG  . LEU A 1 39  ? -3.737  -0.136  22.963  1.00 20.00 ? 39  LEU A CG  1 
ATOM   275  C CD1 . LEU A 1 39  ? -4.436  -0.953  21.888  1.00 20.00 ? 39  LEU A CD1 1 
ATOM   276  C CD2 . LEU A 1 39  ? -4.741  0.402   23.972  1.00 20.00 ? 39  LEU A CD2 1 
ATOM   277  N N   . THR A 1 40  ? -1.251  -1.544  26.600  1.00 20.00 ? 40  THR A N   1 
ATOM   278  C CA  . THR A 1 40  ? -0.841  -2.790  27.213  1.00 20.00 ? 40  THR A CA  1 
ATOM   279  C C   . THR A 1 40  ? -0.921  -3.963  26.254  1.00 20.00 ? 40  THR A C   1 
ATOM   280  O O   . THR A 1 40  ? -1.813  -4.026  25.426  1.00 20.00 ? 40  THR A O   1 
ATOM   281  C CB  . THR A 1 40  ? -1.686  -3.068  28.461  1.00 20.00 ? 40  THR A CB  1 
ATOM   282  O OG1 . THR A 1 40  ? -1.217  -2.244  29.524  1.00 20.00 ? 40  THR A OG1 1 
ATOM   283  C CG2 . THR A 1 40  ? -1.464  -4.472  28.967  1.00 20.00 ? 40  THR A CG2 1 
ATOM   284  N N   . VAL A 1 41  ? 0.010   -4.898  26.394  1.00 20.00 ? 41  VAL A N   1 
ATOM   285  C CA  . VAL A 1 41  ? 0.306   -5.859  25.339  1.00 20.00 ? 41  VAL A CA  1 
ATOM   286  C C   . VAL A 1 41  ? -0.542  -7.113  25.474  1.00 20.00 ? 41  VAL A C   1 
ATOM   287  O O   . VAL A 1 41  ? -0.827  -7.798  24.498  1.00 20.00 ? 41  VAL A O   1 
ATOM   288  C CB  . VAL A 1 41  ? 1.771   -6.299  25.397  1.00 20.00 ? 41  VAL A CB  1 
ATOM   289  C CG1 . VAL A 1 41  ? 2.040   -7.372  24.381  1.00 20.00 ? 41  VAL A CG1 1 
ATOM   290  C CG2 . VAL A 1 41  ? 2.691   -5.130  25.228  1.00 20.00 ? 41  VAL A CG2 1 
ATOM   291  N N   . GLY A 1 42  ? -0.930  -7.406  26.707  1.00 20.00 ? 42  GLY A N   1 
ATOM   292  C CA  . GLY A 1 42  ? -1.859  -8.479  26.983  1.00 20.00 ? 42  GLY A CA  1 
ATOM   293  C C   . GLY A 1 42  ? -3.172  -8.380  26.233  1.00 20.00 ? 42  GLY A C   1 
ATOM   294  O O   . GLY A 1 42  ? -3.791  -9.390  25.939  1.00 20.00 ? 42  GLY A O   1 
ATOM   295  N N   . GLY A 1 43  ? -3.587  -7.162  25.917  1.00 32.33 ? 43  GLY A N   1 
ATOM   296  C CA  . GLY A 1 43  ? -4.857  -6.942  25.257  1.00 32.14 ? 43  GLY A CA  1 
ATOM   297  C C   . GLY A 1 43  ? -4.972  -7.472  23.835  1.00 32.00 ? 43  GLY A C   1 
ATOM   298  O O   . GLY A 1 43  ? -6.069  -7.598  23.306  1.00 32.30 ? 43  GLY A O   1 
ATOM   299  N N   . PHE A 1 44  ? -3.842  -7.785  23.212  1.00 31.69 ? 44  PHE A N   1 
ATOM   300  C CA  . PHE A 1 44  ? -3.822  -8.118  21.789  1.00 31.04 ? 44  PHE A CA  1 
ATOM   301  C C   . PHE A 1 44  ? -4.813  -9.206  21.395  1.00 31.21 ? 44  PHE A C   1 
ATOM   302  O O   . PHE A 1 44  ? -5.610  -9.028  20.485  1.00 30.89 ? 44  PHE A O   1 
ATOM   303  C CB  . PHE A 1 44  ? -2.422  -8.511  21.342  1.00 30.75 ? 44  PHE A CB  1 
ATOM   304  C CG  . PHE A 1 44  ? -2.333  -8.857  19.893  1.00 29.73 ? 44  PHE A CG  1 
ATOM   305  C CD1 . PHE A 1 44  ? -2.328  -7.875  18.940  1.00 29.84 ? 44  PHE A CD1 1 
ATOM   306  C CD2 . PHE A 1 44  ? -2.309  -10.163 19.490  1.00 28.91 ? 44  PHE A CD2 1 
ATOM   307  C CE1 . PHE A 1 44  ? -2.264  -8.194  17.605  1.00 28.93 ? 44  PHE A CE1 1 
ATOM   308  C CE2 . PHE A 1 44  ? -2.250  -10.487 18.158  1.00 28.88 ? 44  PHE A CE2 1 
ATOM   309  C CZ  . PHE A 1 44  ? -2.227  -9.503  17.217  1.00 28.87 ? 44  PHE A CZ  1 
ATOM   310  N N   . TYR A 1 45  ? -4.740  -10.347 22.066  1.00 31.26 ? 45  TYR A N   1 
ATOM   311  C CA  . TYR A 1 45  ? -5.481  -11.532 21.618  1.00 31.64 ? 45  TYR A CA  1 
ATOM   312  C C   . TYR A 1 45  ? -6.982  -11.495 21.915  1.00 31.24 ? 45  TYR A C   1 
ATOM   313  O O   . TYR A 1 45  ? -7.734  -12.323 21.411  1.00 31.71 ? 45  TYR A O   1 
ATOM   314  C CB  . TYR A 1 45  ? -4.818  -12.836 22.099  1.00 32.51 ? 45  TYR A CB  1 
ATOM   315  C CG  . TYR A 1 45  ? -3.458  -13.080 21.469  1.00 33.49 ? 45  TYR A CG  1 
ATOM   316  C CD1 . TYR A 1 45  ? -3.344  -13.669 20.208  1.00 33.84 ? 45  TYR A CD1 1 
ATOM   317  C CD2 . TYR A 1 45  ? -2.286  -12.713 22.133  1.00 34.44 ? 45  TYR A CD2 1 
ATOM   318  C CE1 . TYR A 1 45  ? -2.091  -13.889 19.625  1.00 35.08 ? 45  TYR A CE1 1 
ATOM   319  C CE2 . TYR A 1 45  ? -1.036  -12.926 21.564  1.00 35.19 ? 45  TYR A CE2 1 
ATOM   320  C CZ  . TYR A 1 45  ? -0.943  -13.514 20.313  1.00 34.92 ? 45  TYR A CZ  1 
ATOM   321  O OH  . TYR A 1 45  ? 0.299   -13.716 19.759  1.00 35.31 ? 45  TYR A OH  1 
ATOM   322  N N   . ALA A 1 46  ? -7.416  -10.502 22.688  1.00 30.69 ? 46  ALA A N   1 
ATOM   323  C CA  . ALA A 1 46  ? -8.842  -10.193 22.821  1.00 30.27 ? 46  ALA A CA  1 
ATOM   324  C C   . ALA A 1 46  ? -9.433  -9.665  21.504  1.00 29.73 ? 46  ALA A C   1 
ATOM   325  O O   . ALA A 1 46  ? -10.644 -9.735  21.287  1.00 29.60 ? 46  ALA A O   1 
ATOM   326  C CB  . ALA A 1 46  ? -9.070  -9.191  23.952  1.00 30.33 ? 46  ALA A CB  1 
ATOM   327  N N   . HIS A 1 47  ? -8.566  -9.153  20.625  1.00 29.14 ? 47  HIS A N   1 
ATOM   328  C CA  . HIS A 1 47  ? -8.993  -8.513  19.377  1.00 28.41 ? 47  HIS A CA  1 
ATOM   329  C C   . HIS A 1 47  ? -8.602  -9.279  18.104  1.00 28.16 ? 47  HIS A C   1 
ATOM   330  O O   . HIS A 1 47  ? -9.356  -9.281  17.131  1.00 27.86 ? 47  HIS A O   1 
ATOM   331  C CB  . HIS A 1 47  ? -8.464  -7.078  19.309  1.00 28.68 ? 47  HIS A CB  1 
ATOM   332  C CG  . HIS A 1 47  ? -8.980  -6.189  20.397  1.00 28.61 ? 47  HIS A CG  1 
ATOM   333  N ND1 . HIS A 1 47  ? -10.209 -5.566  20.328  1.00 29.02 ? 47  HIS A ND1 1 
ATOM   334  C CD2 . HIS A 1 47  ? -8.430  -5.808  21.573  1.00 29.11 ? 47  HIS A CD2 1 
ATOM   335  C CE1 . HIS A 1 47  ? -10.393 -4.843  21.419  1.00 28.84 ? 47  HIS A CE1 1 
ATOM   336  N NE2 . HIS A 1 47  ? -9.331  -4.979  22.195  1.00 29.61 ? 47  HIS A NE2 1 
ATOM   337  N N   . PHE A 1 48  ? -7.435  -9.924  18.112  1.00 27.87 ? 48  PHE A N   1 
ATOM   338  C CA  . PHE A 1 48  ? -6.940  -10.645 16.935  1.00 28.06 ? 48  PHE A CA  1 
ATOM   339  C C   . PHE A 1 48  ? -6.440  -12.047 17.296  1.00 29.16 ? 48  PHE A C   1 
ATOM   340  O O   . PHE A 1 48  ? -5.894  -12.247 18.382  1.00 28.85 ? 48  PHE A O   1 
ATOM   341  C CB  . PHE A 1 48  ? -5.827  -9.844  16.248  1.00 27.23 ? 48  PHE A CB  1 
ATOM   342  C CG  . PHE A 1 48  ? -6.281  -8.509  15.721  1.00 25.47 ? 48  PHE A CG  1 
ATOM   343  C CD1 . PHE A 1 48  ? -6.782  -8.391  14.431  1.00 23.95 ? 48  PHE A CD1 1 
ATOM   344  C CD2 . PHE A 1 48  ? -6.211  -7.371  16.520  1.00 23.67 ? 48  PHE A CD2 1 
ATOM   345  C CE1 . PHE A 1 48  ? -7.216  -7.164  13.944  1.00 22.89 ? 48  PHE A CE1 1 
ATOM   346  C CE2 . PHE A 1 48  ? -6.647  -6.133  16.038  1.00 23.84 ? 48  PHE A CE2 1 
ATOM   347  C CZ  . PHE A 1 48  ? -7.145  -6.029  14.755  1.00 24.12 ? 48  PHE A CZ  1 
ATOM   348  N N   . GLN A 1 49  ? -6.625  -12.998 16.374  1.00 30.12 ? 49  GLN A N   1 
ATOM   349  C CA  . GLN A 1 49  ? -6.209  -14.400 16.584  1.00 31.32 ? 49  GLN A CA  1 
ATOM   350  C C   . GLN A 1 49  ? -4.692  -14.558 16.591  1.00 30.88 ? 49  GLN A C   1 
ATOM   351  O O   . GLN A 1 49  ? -4.144  -15.353 17.358  1.00 31.50 ? 49  GLN A O   1 
ATOM   352  C CB  . GLN A 1 49  ? -6.769  -15.330 15.497  1.00 32.10 ? 49  GLN A CB  1 
ATOM   353  C CG  . GLN A 1 49  ? -8.051  -14.880 14.801  1.00 35.42 ? 49  GLN A CG  1 
ATOM   354  C CD  . GLN A 1 49  ? -8.154  -15.407 13.373  1.00 38.82 ? 49  GLN A CD  1 
ATOM   355  O OE1 . GLN A 1 49  ? -8.581  -14.688 12.461  1.00 41.03 ? 49  GLN A OE1 1 
ATOM   356  N NE2 . GLN A 1 49  ? -7.749  -16.663 13.169  1.00 40.57 ? 49  GLN A NE2 1 
ATOM   357  N N   . SER A 1 50  ? -4.016  -13.810 15.725  1.00 30.19 ? 50  SER A N   1 
ATOM   358  C CA  . SER A 1 50  ? -2.571  -13.929 15.553  1.00 29.30 ? 50  SER A CA  1 
ATOM   359  C C   . SER A 1 50  ? -2.005  -12.677 14.909  1.00 28.82 ? 50  SER A C   1 
ATOM   360  O O   . SER A 1 50  ? -2.749  -11.850 14.370  1.00 27.97 ? 50  SER A O   1 
ATOM   361  C CB  . SER A 1 50  ? -2.245  -15.133 14.661  1.00 29.55 ? 50  SER A CB  1 
ATOM   362  O OG  . SER A 1 50  ? -2.751  -14.933 13.347  1.00 29.16 ? 50  SER A OG  1 
ATOM   363  N N   . LYS A 1 51  ? -0.678  -12.551 14.951  1.00 28.25 ? 51  LYS A N   1 
ATOM   364  C CA  . LYS A 1 51  ? 0.009   -11.467 14.263  1.00 28.16 ? 51  LYS A CA  1 
ATOM   365  C C   . LYS A 1 51  ? -0.234  -11.507 12.753  1.00 27.48 ? 51  LYS A C   1 
ATOM   366  O O   . LYS A 1 51  ? -0.416  -10.465 12.121  1.00 26.69 ? 51  LYS A O   1 
ATOM   367  C CB  . LYS A 1 51  ? 1.510   -11.514 14.546  1.00 28.51 ? 51  LYS A CB  1 
ATOM   368  C CG  . LYS A 1 51  ? 2.227   -10.223 14.186  1.00 30.79 ? 51  LYS A CG  1 
ATOM   369  C CD  . LYS A 1 51  ? 3.734   -10.384 14.225  1.00 33.98 ? 51  LYS A CD  1 
ATOM   370  C CE  . LYS A 1 51  ? 4.256   -10.998 12.927  1.00 35.72 ? 51  LYS A CE  1 
ATOM   371  N NZ  . LYS A 1 51  ? 5.570   -10.423 12.533  1.00 36.22 ? 51  LYS A NZ  1 
ATOM   372  N N   . ASP A 1 52  ? -0.244  -12.712 12.184  1.00 27.04 ? 52  ASP A N   1 
ATOM   373  C CA  . ASP A 1 52  ? -0.454  -12.866 10.743  1.00 26.60 ? 52  ASP A CA  1 
ATOM   374  C C   . ASP A 1 52  ? -1.873  -12.475 10.310  1.00 25.46 ? 52  ASP A C   1 
ATOM   375  O O   . ASP A 1 52  ? -2.047  -11.844 9.265   1.00 25.23 ? 52  ASP A O   1 
ATOM   376  C CB  . ASP A 1 52  ? -0.120  -14.290 10.286  1.00 27.30 ? 52  ASP A CB  1 
ATOM   377  C CG  . ASP A 1 52  ? 1.383   -14.525 10.101  1.00 28.75 ? 52  ASP A CG  1 
ATOM   378  O OD1 . ASP A 1 52  ? 2.209   -13.594 10.288  1.00 29.97 ? 52  ASP A OD1 1 
ATOM   379  O OD2 . ASP A 1 52  ? 1.740   -15.667 9.749   1.00 31.53 ? 52  ASP A OD2 1 
ATOM   380  N N   . ALA A 1 53  ? -2.878  -12.849 11.105  1.00 24.06 ? 53  ALA A N   1 
ATOM   381  C CA  . ALA A 1 53  ? -4.258  -12.431 10.838  1.00 22.57 ? 53  ALA A CA  1 
ATOM   382  C C   . ALA A 1 53  ? -4.385  -10.901 10.877  1.00 21.46 ? 53  ALA A C   1 
ATOM   383  O O   . ALA A 1 53  ? -5.063  -10.310 10.027  1.00 20.40 ? 53  ALA A O   1 
ATOM   384  C CB  . ALA A 1 53  ? -5.233  -13.082 11.816  1.00 22.60 ? 53  ALA A CB  1 
ATOM   385  N N   . LEU A 1 54  ? -3.723  -10.278 11.854  1.00 20.25 ? 54  LEU A N   1 
ATOM   386  C CA  . LEU A 1 54  ? -3.685  -8.822  11.974  1.00 20.24 ? 54  LEU A CA  1 
ATOM   387  C C   . LEU A 1 54  ? -3.026  -8.206  10.740  1.00 20.11 ? 54  LEU A C   1 
ATOM   388  O O   . LEU A 1 54  ? -3.579  -7.306  10.124  1.00 19.57 ? 54  LEU A O   1 
ATOM   389  C CB  . LEU A 1 54  ? -2.923  -8.394  13.232  1.00 19.93 ? 54  LEU A CB  1 
ATOM   390  C CG  . LEU A 1 54  ? -2.507  -6.922  13.364  1.00 19.97 ? 54  LEU A CG  1 
ATOM   391  C CD1 . LEU A 1 54  ? -3.707  -6.046  13.738  1.00 19.44 ? 54  LEU A CD1 1 
ATOM   392  C CD2 . LEU A 1 54  ? -1.377  -6.768  14.388  1.00 20.91 ? 54  LEU A CD2 1 
ATOM   393  N N   . MET A 1 55  ? -1.851  -8.689  10.376  1.00 20.03 ? 55  MET A N   1 
ATOM   394  C CA  . MET A 1 55  ? -1.164  -8.089  9.248   1.00 20.11 ? 55  MET A CA  1 
ATOM   395  C C   . MET A 1 55  ? -1.898  -8.323  7.915   1.00 19.23 ? 55  MET A C   1 
ATOM   396  O O   . MET A 1 55  ? -1.930  -7.449  7.077   1.00 18.80 ? 55  MET A O   1 
ATOM   397  C CB  . MET A 1 55  ? 0.312   -8.484  9.210   1.00 20.94 ? 55  MET A CB  1 
ATOM   398  C CG  . MET A 1 55  ? 1.097   -7.953  10.403  1.00 22.76 ? 55  MET A CG  1 
ATOM   399  S SD  . MET A 1 55  ? 1.111   -6.166  10.508  1.00 26.25 ? 55  MET A SD  1 
ATOM   400  C CE  . MET A 1 55  ? 2.850   -5.869  10.299  1.00 26.08 ? 55  MET A CE  1 
ATOM   401  N N   . LEU A 1 56  ? -2.525  -9.482  7.749   1.00 18.18 ? 56  LEU A N   1 
ATOM   402  C CA  . LEU A 1 56  ? -3.322  -9.719  6.547   1.00 17.83 ? 56  LEU A CA  1 
ATOM   403  C C   . LEU A 1 56  ? -4.490  -8.745  6.468   1.00 17.83 ? 56  LEU A C   1 
ATOM   404  O O   . LEU A 1 56  ? -4.760  -8.190  5.407   1.00 17.50 ? 56  LEU A O   1 
ATOM   405  C CB  . LEU A 1 56  ? -3.829  -11.166 6.455   1.00 17.45 ? 56  LEU A CB  1 
ATOM   406  C CG  . LEU A 1 56  ? -4.696  -11.510 5.232   1.00 18.01 ? 56  LEU A CG  1 
ATOM   407  C CD1 . LEU A 1 56  ? -4.021  -11.158 3.873   1.00 16.86 ? 56  LEU A CD1 1 
ATOM   408  C CD2 . LEU A 1 56  ? -5.141  -12.969 5.259   1.00 18.35 ? 56  LEU A CD2 1 
ATOM   409  N N   . GLU A 1 57  ? -5.185  -8.542  7.587   1.00 17.79 ? 57  GLU A N   1 
ATOM   410  C CA  . GLU A 1 57  ? -6.256  -7.550  7.592   1.00 17.90 ? 57  GLU A CA  1 
ATOM   411  C C   . GLU A 1 57  ? -5.729  -6.140  7.282   1.00 17.53 ? 57  GLU A C   1 
ATOM   412  O O   . GLU A 1 57  ? -6.351  -5.417  6.509   1.00 18.05 ? 57  GLU A O   1 
ATOM   413  C CB  . GLU A 1 57  ? -7.021  -7.544  8.913   1.00 18.22 ? 57  GLU A CB  1 
ATOM   414  C CG  . GLU A 1 57  ? -8.258  -6.662  8.837   1.00 19.09 ? 57  GLU A CG  1 
ATOM   415  C CD  . GLU A 1 57  ? -9.074  -6.675  10.111  1.00 21.98 ? 57  GLU A CD  1 
ATOM   416  O OE1 . GLU A 1 57  ? -8.920  -7.632  10.898  1.00 21.58 ? 57  GLU A OE1 1 
ATOM   417  O OE2 . GLU A 1 57  ? -9.873  -5.729  10.311  1.00 21.33 ? 57  GLU A OE2 1 
ATOM   418  N N   . ALA A 1 58  ? -4.588  -5.772  7.864   1.00 17.71 ? 58  ALA A N   1 
ATOM   419  C CA  . ALA A 1 58  ? -3.962  -4.463  7.590   1.00 17.46 ? 58  ALA A CA  1 
ATOM   420  C C   . ALA A 1 58  ? -3.664  -4.302  6.083   1.00 17.66 ? 58  ALA A C   1 
ATOM   421  O O   . ALA A 1 58  ? -3.959  -3.271  5.470   1.00 16.82 ? 58  ALA A O   1 
ATOM   422  C CB  . ALA A 1 58  ? -2.713  -4.306  8.399   1.00 17.81 ? 58  ALA A CB  1 
ATOM   423  N N   . PHE A 1 59  ? -3.105  -5.359  5.500   1.00 16.86 ? 59  PHE A N   1 
ATOM   424  C CA  . PHE A 1 59  ? -2.759  -5.416  4.072   1.00 16.57 ? 59  PHE A CA  1 
ATOM   425  C C   . PHE A 1 59  ? -3.999  -5.258  3.191   1.00 17.46 ? 59  PHE A C   1 
ATOM   426  O O   . PHE A 1 59  ? -4.019  -4.415  2.282   1.00 17.11 ? 59  PHE A O   1 
ATOM   427  C CB  . PHE A 1 59  ? -2.049  -6.755  3.847   1.00 15.38 ? 59  PHE A CB  1 
ATOM   428  C CG  . PHE A 1 59  ? -1.398  -6.933  2.493   1.00 14.48 ? 59  PHE A CG  1 
ATOM   429  C CD1 . PHE A 1 59  ? -0.210  -6.272  2.171   1.00 15.00 ? 59  PHE A CD1 1 
ATOM   430  C CD2 . PHE A 1 59  ? -1.936  -7.841  1.580   1.00 14.93 ? 59  PHE A CD2 1 
ATOM   431  C CE1 . PHE A 1 59  ? 0.419   -6.502  0.935   1.00 13.56 ? 59  PHE A CE1 1 
ATOM   432  C CE2 . PHE A 1 59  ? -1.321  -8.073  0.339   1.00 15.38 ? 59  PHE A CE2 1 
ATOM   433  C CZ  . PHE A 1 59  ? -0.144  -7.383  0.017   1.00 12.57 ? 59  PHE A CZ  1 
ATOM   434  N N   . GLU A 1 60  ? -5.044  -6.046  3.476   1.00 17.51 ? 60  GLU A N   1 
ATOM   435  C CA  . GLU A 1 60  ? -6.296  -5.985  2.725   1.00 19.73 ? 60  GLU A CA  1 
ATOM   436  C C   . GLU A 1 60  ? -6.929  -4.603  2.810   1.00 19.35 ? 60  GLU A C   1 
ATOM   437  O O   . GLU A 1 60  ? -7.410  -4.086  1.803   1.00 19.45 ? 60  GLU A O   1 
ATOM   438  C CB  . GLU A 1 60  ? -7.297  -7.050  3.213   1.00 19.39 ? 60  GLU A CB  1 
ATOM   439  C CG  . GLU A 1 60  ? -6.888  -8.496  2.917   1.00 21.35 ? 60  GLU A CG  1 
ATOM   440  C CD  . GLU A 1 60  ? -7.713  -9.526  3.690   1.00 23.14 ? 60  GLU A CD  1 
ATOM   441  O OE1 . GLU A 1 60  ? -8.312  -9.165  4.730   1.00 28.02 ? 60  GLU A OE1 1 
ATOM   442  O OE2 . GLU A 1 60  ? -7.742  -10.712 3.277   1.00 27.96 ? 60  GLU A OE2 1 
ATOM   443  N N   . GLN A 1 61  ? -6.909  -4.016  4.011   1.00 19.88 ? 61  GLN A N   1 
ATOM   444  C CA  . GLN A 1 61  ? -7.496  -2.692  4.258   1.00 20.91 ? 61  GLN A CA  1 
ATOM   445  C C   . GLN A 1 61  ? -6.779  -1.590  3.476   1.00 19.82 ? 61  GLN A C   1 
ATOM   446  O O   . GLN A 1 61  ? -7.436  -0.792  2.802   1.00 19.24 ? 61  GLN A O   1 
ATOM   447  C CB  . GLN A 1 61  ? -7.485  -2.362  5.752   1.00 21.14 ? 61  GLN A CB  1 
ATOM   448  C CG  . GLN A 1 61  ? -7.935  -0.934  6.061   1.00 24.21 ? 61  GLN A CG  1 
ATOM   449  C CD  . GLN A 1 61  ? -7.994  -0.635  7.544   1.00 24.02 ? 61  GLN A CD  1 
ATOM   450  O OE1 . GLN A 1 61  ? -7.050  -0.095  8.118   1.00 29.31 ? 61  GLN A OE1 1 
ATOM   451  N NE2 . GLN A 1 61  ? -9.108  -0.987  8.172   1.00 30.71 ? 61  GLN A NE2 1 
ATOM   452  N N   . LEU A 1 62  ? -5.445  -1.562  3.573   1.00 18.98 ? 62  LEU A N   1 
ATOM   453  C CA  . LEU A 1 62  ? -4.630  -0.574  2.851   1.00 18.12 ? 62  LEU A CA  1 
ATOM   454  C C   . LEU A 1 62  ? -4.850  -0.686  1.338   1.00 17.31 ? 62  LEU A C   1 
ATOM   455  O O   . LEU A 1 62  ? -5.041  0.323   0.647   1.00 16.92 ? 62  LEU A O   1 
ATOM   456  C CB  . LEU A 1 62  ? -3.148  -0.733  3.194   1.00 18.36 ? 62  LEU A CB  1 
ATOM   457  C CG  . LEU A 1 62  ? -2.669  -0.253  4.562   1.00 19.84 ? 62  LEU A CG  1 
ATOM   458  C CD1 . LEU A 1 62  ? -1.302  -0.818  4.910   1.00 20.65 ? 62  LEU A CD1 1 
ATOM   459  C CD2 . LEU A 1 62  ? -2.662  1.284   4.636   1.00 20.22 ? 62  LEU A CD2 1 
ATOM   460  N N   . LEU A 1 63  ? -4.847  -1.918  0.817   1.00 16.22 ? 63  LEU A N   1 
ATOM   461  C CA  . LEU A 1 63  ? -5.046  -2.106  -0.608  1.00 16.13 ? 63  LEU A CA  1 
ATOM   462  C C   . LEU A 1 63  ? -6.452  -1.679  -1.043  1.00 16.30 ? 63  LEU A C   1 
ATOM   463  O O   . LEU A 1 63  ? -6.614  -1.058  -2.078  1.00 16.08 ? 63  LEU A O   1 
ATOM   464  C CB  . LEU A 1 63  ? -4.751  -3.558  -1.025  1.00 15.97 ? 63  LEU A CB  1 
ATOM   465  C CG  . LEU A 1 63  ? -3.266  -3.946  -0.927  1.00 15.67 ? 63  LEU A CG  1 
ATOM   466  C CD1 . LEU A 1 63  ? -3.078  -5.403  -1.227  1.00 15.03 ? 63  LEU A CD1 1 
ATOM   467  C CD2 . LEU A 1 63  ? -2.375  -3.109  -1.891  1.00 15.04 ? 63  LEU A CD2 1 
ATOM   468  N N   . GLY A 1 64  ? -7.459  -2.020  -0.234  1.00 16.58 ? 64  GLY A N   1 
ATOM   469  C CA  . GLY A 1 64  ? -8.829  -1.609  -0.518  1.00 16.73 ? 64  GLY A CA  1 
ATOM   470  C C   . GLY A 1 64  ? -8.936  -0.095  -0.611  1.00 16.98 ? 64  GLY A C   1 
ATOM   471  O O   . GLY A 1 64  ? -9.607  0.424   -1.503  1.00 17.41 ? 64  GLY A O   1 
ATOM   472  N N   . LYS A 1 65  ? -8.240  0.597   0.288   1.00 17.35 ? 65  LYS A N   1 
ATOM   473  C CA  . LYS A 1 65  ? -8.206  2.060   0.296   1.00 18.02 ? 65  LYS A CA  1 
ATOM   474  C C   . LYS A 1 65  ? -7.520  2.632   -0.954  1.00 17.60 ? 65  LYS A C   1 
ATOM   475  O O   . LYS A 1 65  ? -8.008  3.623   -1.521  1.00 17.90 ? 65  LYS A O   1 
ATOM   476  C CB  . LYS A 1 65  ? -7.559  2.580   1.579   1.00 18.74 ? 65  LYS A CB  1 
ATOM   477  C CG  . LYS A 1 65  ? -7.511  4.100   1.711   1.00 23.10 ? 65  LYS A CG  1 
ATOM   478  C CD  . LYS A 1 65  ? -8.875  4.744   1.949   1.00 27.59 ? 65  LYS A CD  1 
ATOM   479  C CE  . LYS A 1 65  ? -8.697  6.220   2.312   1.00 31.10 ? 65  LYS A CE  1 
ATOM   480  N NZ  . LYS A 1 65  ? -9.529  6.583   3.495   1.00 34.57 ? 65  LYS A NZ  1 
ATOM   481  N N   . ARG A 1 66  ? -6.407  2.025   -1.389  1.00 16.65 ? 66  ARG A N   1 
ATOM   482  C CA  . ARG A 1 66  ? -5.756  2.456   -2.644  1.00 15.70 ? 66  ARG A CA  1 
ATOM   483  C C   . ARG A 1 66  ? -6.726  2.344   -3.811  1.00 15.87 ? 66  ARG A C   1 
ATOM   484  O O   . ARG A 1 66  ? -6.752  3.204   -4.691  1.00 15.25 ? 66  ARG A O   1 
ATOM   485  C CB  . ARG A 1 66  ? -4.490  1.642   -2.952  1.00 15.47 ? 66  ARG A CB  1 
ATOM   486  C CG  . ARG A 1 66  ? -3.368  1.749   -1.917  1.00 15.17 ? 66  ARG A CG  1 
ATOM   487  C CD  . ARG A 1 66  ? -2.844  3.169   -1.734  1.00 16.69 ? 66  ARG A CD  1 
ATOM   488  N NE  . ARG A 1 66  ? -2.448  3.810   -2.995  1.00 15.36 ? 66  ARG A NE  1 
ATOM   489  C CZ  . ARG A 1 66  ? -1.913  5.021   -3.074  1.00 17.97 ? 66  ARG A CZ  1 
ATOM   490  N NH1 . ARG A 1 66  ? -1.706  5.725   -1.962  1.00 17.99 ? 66  ARG A NH1 1 
ATOM   491  N NH2 . ARG A 1 66  ? -1.595  5.538   -4.266  1.00 15.34 ? 66  ARG A NH2 1 
ATOM   492  N N   . ARG A 1 67  ? -7.524  1.274   -3.825  1.00 15.55 ? 67  ARG A N   1 
ATOM   493  C CA  . ARG A 1 67  ? -8.500  1.091   -4.886  1.00 16.94 ? 67  ARG A CA  1 
ATOM   494  C C   . ARG A 1 67  ? -9.617  2.143   -4.801  1.00 17.23 ? 67  ARG A C   1 
ATOM   495  O O   . ARG A 1 67  ? -10.070 2.649   -5.829  1.00 16.96 ? 67  ARG A O   1 
ATOM   496  C CB  . ARG A 1 67  ? -9.048  -0.339  -4.897  1.00 16.64 ? 67  ARG A CB  1 
ATOM   497  C CG  . ARG A 1 67  ? -7.976  -1.391  -5.263  1.00 17.28 ? 67  ARG A CG  1 
ATOM   498  C CD  . ARG A 1 67  ? -8.574  -2.759  -5.624  1.00 18.89 ? 67  ARG A CD  1 
ATOM   499  N NE  . ARG A 1 67  ? -9.423  -3.301  -4.566  1.00 21.16 ? 67  ARG A NE  1 
ATOM   500  C CZ  . ARG A 1 67  ? -8.998  -3.985  -3.505  1.00 22.15 ? 67  ARG A CZ  1 
ATOM   501  N NH1 . ARG A 1 67  ? -7.704  -4.251  -3.330  1.00 21.69 ? 67  ARG A NH1 1 
ATOM   502  N NH2 . ARG A 1 67  ? -9.882  -4.427  -2.616  1.00 22.84 ? 67  ARG A NH2 1 
ATOM   503  N N   . GLU A 1 68  ? -9.988  2.501   -3.589  1.00 18.86 ? 68  GLU A N   1 
ATOM   504  C CA  . GLU A 1 68  ? -10.982 3.530   -3.374  1.00 20.54 ? 68  GLU A CA  1 
ATOM   505  C C   . GLU A 1 68  ? -10.495 4.887   -3.892  1.00 20.86 ? 68  GLU A C   1 
ATOM   506  O O   . GLU A 1 68  ? -11.206 5.587   -4.578  1.00 20.99 ? 68  GLU A O   1 
ATOM   507  C CB  . GLU A 1 68  ? -11.302 3.610   -1.897  1.00 21.54 ? 68  GLU A CB  1 
ATOM   508  C CG  . GLU A 1 68  ? -12.552 4.379   -1.567  1.00 26.61 ? 68  GLU A CG  1 
ATOM   509  C CD  . GLU A 1 68  ? -12.867 4.305   -0.099  1.00 32.12 ? 68  GLU A CD  1 
ATOM   510  O OE1 . GLU A 1 68  ? -13.298 5.322   0.461   1.00 34.46 ? 68  GLU A OE1 1 
ATOM   511  O OE2 . GLU A 1 68  ? -12.658 3.234   0.485   1.00 35.69 ? 68  GLU A OE2 1 
ATOM   512  N N   . LEU A 1 69  ? -9.268  5.234   -3.542  1.00 20.55 ? 69  LEU A N   1 
ATOM   513  C CA  . LEU A 1 69  ? -8.641  6.473   -4.012  1.00 21.12 ? 69  LEU A CA  1 
ATOM   514  C C   . LEU A 1 69  ? -8.631  6.531   -5.532  1.00 20.75 ? 69  LEU A C   1 
ATOM   515  O O   . LEU A 1 69  ? -8.985  7.555   -6.123  1.00 20.68 ? 69  LEU A O   1 
ATOM   516  C CB  . LEU A 1 69  ? -7.216  6.597   -3.464  1.00 20.91 ? 69  LEU A CB  1 
ATOM   517  C CG  . LEU A 1 69  ? -7.079  6.820   -1.951  1.00 22.78 ? 69  LEU A CG  1 
ATOM   518  C CD1 . LEU A 1 69  ? -5.615  6.725   -1.563  1.00 25.22 ? 69  LEU A CD1 1 
ATOM   519  C CD2 . LEU A 1 69  ? -7.690  8.157   -1.497  1.00 26.27 ? 69  LEU A CD2 1 
ATOM   520  N N   . LEU A 1 70  ? -8.238  5.428   -6.172  1.00 20.54 ? 70  LEU A N   1 
ATOM   521  C CA  . LEU A 1 70  ? -8.237  5.376   -7.632  1.00 21.51 ? 70  LEU A CA  1 
ATOM   522  C C   . LEU A 1 70  ? -9.641  5.554   -8.194  1.00 21.48 ? 70  LEU A C   1 
ATOM   523  O O   . LEU A 1 70  ? -9.818  6.133   -9.259  1.00 21.77 ? 70  LEU A O   1 
ATOM   524  C CB  . LEU A 1 70  ? -7.627  4.072   -8.148  1.00 21.70 ? 70  LEU A CB  1 
ATOM   525  C CG  . LEU A 1 70  ? -7.178  4.100   -9.608  1.00 24.12 ? 70  LEU A CG  1 
ATOM   526  C CD1 . LEU A 1 70  ? -5.740  4.645   -9.694  1.00 24.33 ? 70  LEU A CD1 1 
ATOM   527  C CD2 . LEU A 1 70  ? -7.265  2.713   -10.207 1.00 26.14 ? 70  LEU A CD2 1 
ATOM   528  N N   . GLY A 1 71  ? -10.631 5.050   -7.462  1.00 21.66 ? 71  GLY A N   1 
ATOM   529  C CA  . GLY A 1 71  ? -12.034 5.207   -7.834  1.00 23.25 ? 71  GLY A CA  1 
ATOM   530  C C   . GLY A 1 71  ? -12.504 6.648   -7.808  1.00 23.97 ? 71  GLY A C   1 
ATOM   531  O O   . GLY A 1 71  ? -13.502 6.980   -8.441  1.00 25.15 ? 71  GLY A O   1 
ATOM   532  N N   . GLU A 1 72  ? -11.787 7.510   -7.091  1.00 24.36 ? 72  GLU A N   1 
ATOM   533  C CA  . GLU A 1 72  ? -12.154 8.926   -6.986  1.00 25.28 ? 72  GLU A CA  1 
ATOM   534  C C   . GLU A 1 72  ? -11.718 9.755   -8.199  1.00 24.70 ? 72  GLU A C   1 
ATOM   535  O O   . GLU A 1 72  ? -12.136 10.917  -8.354  1.00 25.19 ? 72  GLU A O   1 
ATOM   536  C CB  . GLU A 1 72  ? -11.603 9.548   -5.698  1.00 25.98 ? 72  GLU A CB  1 
ATOM   537  C CG  . GLU A 1 72  ? -12.157 8.904   -4.438  1.00 29.30 ? 72  GLU A CG  1 
ATOM   538  C CD  . GLU A 1 72  ? -11.835 9.679   -3.175  1.00 33.59 ? 72  GLU A CD  1 
ATOM   539  O OE1 . GLU A 1 72  ? -10.637 9.896   -2.881  1.00 35.97 ? 72  GLU A OE1 1 
ATOM   540  O OE2 . GLU A 1 72  ? -12.791 10.059  -2.460  1.00 37.59 ? 72  GLU A OE2 1 
ATOM   541  N N   . LEU A 1 73  ? -10.876 9.178   -9.054  1.00 23.95 ? 73  LEU A N   1 
ATOM   542  C CA  . LEU A 1 73  ? -10.442 9.884   -10.262 1.00 23.34 ? 73  LEU A CA  1 
ATOM   543  C C   . LEU A 1 73  ? -11.641 10.111  -11.180 1.00 23.10 ? 73  LEU A C   1 
ATOM   544  O O   . LEU A 1 73  ? -12.563 9.284   -11.249 1.00 22.70 ? 73  LEU A O   1 
ATOM   545  C CB  . LEU A 1 73  ? -9.327  9.128   -10.988 1.00 23.64 ? 73  LEU A CB  1 
ATOM   546  C CG  . LEU A 1 73  ? -8.030  8.882   -10.195 1.00 24.54 ? 73  LEU A CG  1 
ATOM   547  C CD1 . LEU A 1 73  ? -6.994  8.207   -11.065 1.00 24.99 ? 73  LEU A CD1 1 
ATOM   548  C CD2 . LEU A 1 73  ? -7.461  10.169  -9.596  1.00 26.74 ? 73  LEU A CD2 1 
ATOM   549  N N   . ASP A 1 74  ? -11.631 11.256  -11.853 1.00 21.75 ? 74  ASP A N   1 
ATOM   550  C CA  . ASP A 1 74  ? -12.703 11.673  -12.747 1.00 21.09 ? 74  ASP A CA  1 
ATOM   551  C C   . ASP A 1 74  ? -13.035 10.549  -13.743 1.00 20.89 ? 74  ASP A C   1 
ATOM   552  O O   . ASP A 1 74  ? -12.169 10.146  -14.509 1.00 20.61 ? 74  ASP A O   1 
ATOM   553  C CB  . ASP A 1 74  ? -12.236 12.963  -13.449 1.00 20.23 ? 74  ASP A CB  1 
ATOM   554  C CG  . ASP A 1 74  ? -13.165 13.433  -14.559 1.00 20.16 ? 74  ASP A CG  1 
ATOM   555  O OD1 . ASP A 1 74  ? -14.273 12.880  -14.747 1.00 20.86 ? 74  ASP A OD1 1 
ATOM   556  O OD2 . ASP A 1 74  ? -12.756 14.393  -15.248 1.00 18.44 ? 74  ASP A OD2 1 
ATOM   557  N N   . PRO A 1 75  ? -14.297 10.047  -13.741 1.00 21.24 ? 75  PRO A N   1 
ATOM   558  C CA  . PRO A 1 75  ? -14.682 8.959   -14.660 1.00 21.09 ? 75  PRO A CA  1 
ATOM   559  C C   . PRO A 1 75  ? -14.523 9.322   -16.131 1.00 20.45 ? 75  PRO A C   1 
ATOM   560  O O   . PRO A 1 75  ? -14.423 8.426   -16.981 1.00 20.32 ? 75  PRO A O   1 
ATOM   561  C CB  . PRO A 1 75  ? -16.175 8.730   -14.365 1.00 21.48 ? 75  PRO A CB  1 
ATOM   562  C CG  . PRO A 1 75  ? -16.443 9.388   -13.090 1.00 21.97 ? 75  PRO A CG  1 
ATOM   563  C CD  . PRO A 1 75  ? -15.420 10.470  -12.886 1.00 21.70 ? 75  PRO A CD  1 
ATOM   564  N N   . GLY A 1 76  ? -14.495 10.620  -16.430 1.00 19.57 ? 76  GLY A N   1 
ATOM   565  C CA  . GLY A 1 76  ? -14.396 11.101  -17.796 1.00 19.16 ? 76  GLY A CA  1 
ATOM   566  C C   . GLY A 1 76  ? -12.998 11.112  -18.384 1.00 19.00 ? 76  GLY A C   1 
ATOM   567  O O   . GLY A 1 76  ? -12.835 11.334  -19.574 1.00 19.58 ? 76  GLY A O   1 
ATOM   568  N N   . LEU A 1 77  ? -11.991 10.870  -17.547 1.00 19.01 ? 77  LEU A N   1 
ATOM   569  C CA  . LEU A 1 77  ? -10.598 10.850  -18.006 1.00 18.91 ? 77  LEU A CA  1 
ATOM   570  C C   . LEU A 1 77  ? -10.339 9.642   -18.913 1.00 18.75 ? 77  LEU A C   1 
ATOM   571  O O   . LEU A 1 77  ? -10.891 8.565   -18.685 1.00 18.01 ? 77  LEU A O   1 
ATOM   572  C CB  . LEU A 1 77  ? -9.635  10.782  -16.818 1.00 19.76 ? 77  LEU A CB  1 
ATOM   573  C CG  . LEU A 1 77  ? -9.607  11.803  -15.669 1.00 20.46 ? 77  LEU A CG  1 
ATOM   574  C CD1 . LEU A 1 77  ? -8.654  11.320  -14.582 1.00 22.74 ? 77  LEU A CD1 1 
ATOM   575  C CD2 . LEU A 1 77  ? -9.203  13.149  -16.152 1.00 21.69 ? 77  LEU A CD2 1 
ATOM   576  N N   . SER A 1 78  ? -9.485  9.827   -19.920 1.00 18.71 ? 78  SER A N   1 
ATOM   577  C CA  . SER A 1 78  ? -9.030  8.719   -20.758 1.00 19.11 ? 78  SER A CA  1 
ATOM   578  C C   . SER A 1 78  ? -8.158  7.770   -19.940 1.00 18.80 ? 78  SER A C   1 
ATOM   579  O O   . SER A 1 78  ? -7.727  8.108   -18.836 1.00 17.94 ? 78  SER A O   1 
ATOM   580  C CB  . SER A 1 78  ? -8.212  9.240   -21.943 1.00 19.49 ? 78  SER A CB  1 
ATOM   581  O OG  . SER A 1 78  ? -6.992  9.821   -21.500 1.00 20.07 ? 78  SER A OG  1 
ATOM   582  N N   . GLY A 1 79  ? -7.878  6.595   -20.501 1.00 19.08 ? 79  GLY A N   1 
ATOM   583  C CA  . GLY A 1 79  ? -6.977  5.634   -19.853 1.00 18.88 ? 79  GLY A CA  1 
ATOM   584  C C   . GLY A 1 79  ? -5.650  6.305   -19.579 1.00 18.56 ? 79  GLY A C   1 
ATOM   585  O O   . GLY A 1 79  ? -5.151  6.291   -18.456 1.00 18.31 ? 79  GLY A O   1 
ATOM   586  N N   . LYS A 1 80  ? -5.097  6.922   -20.609 1.00 19.59 ? 80  LYS A N   1 
ATOM   587  C CA  . LYS A 1 80  ? -3.821  7.598   -20.490 1.00 19.75 ? 80  LYS A CA  1 
ATOM   588  C C   . LYS A 1 80  ? -3.800  8.684   -19.409 1.00 18.93 ? 80  LYS A C   1 
ATOM   589  O O   . LYS A 1 80  ? -2.879  8.729   -18.597 1.00 18.41 ? 80  LYS A O   1 
ATOM   590  C CB  . LYS A 1 80  ? -3.379  8.135   -21.849 1.00 20.93 ? 80  LYS A CB  1 
ATOM   591  C CG  . LYS A 1 80  ? -1.917  7.993   -22.042 1.00 23.75 ? 80  LYS A CG  1 
ATOM   592  C CD  . LYS A 1 80  ? -1.439  8.524   -23.375 1.00 27.99 ? 80  LYS A CD  1 
ATOM   593  C CE  . LYS A 1 80  ? 0.063   8.736   -23.287 1.00 30.28 ? 80  LYS A CE  1 
ATOM   594  N NZ  . LYS A 1 80  ? 0.412   9.478   -22.030 1.00 30.80 ? 80  LYS A NZ  1 
ATOM   595  N N   . GLU A 1 81  ? -4.833  9.529   -19.377 1.00 17.70 ? 81  GLU A N   1 
ATOM   596  C CA  . GLU A 1 81  ? -4.975  10.541  -18.339 1.00 17.37 ? 81  GLU A CA  1 
ATOM   597  C C   . GLU A 1 81  ? -5.053  9.938   -16.934 1.00 15.72 ? 81  GLU A C   1 
ATOM   598  O O   . GLU A 1 81  ? -4.376  10.406  -16.025 1.00 14.52 ? 81  GLU A O   1 
ATOM   599  C CB  . GLU A 1 81  ? -6.209  11.422  -18.601 1.00 17.57 ? 81  GLU A CB  1 
ATOM   600  C CG  . GLU A 1 81  ? -6.015  12.401  -19.752 1.00 19.33 ? 81  GLU A CG  1 
ATOM   601  C CD  . GLU A 1 81  ? -7.316  13.058  -20.219 1.00 20.77 ? 81  GLU A CD  1 
ATOM   602  O OE1 . GLU A 1 81  ? -8.397  12.452  -20.046 1.00 21.38 ? 81  GLU A OE1 1 
ATOM   603  O OE2 . GLU A 1 81  ? -7.248  14.191  -20.764 1.00 24.70 ? 81  GLU A OE2 1 
ATOM   604  N N   . ARG A 1 82  ? -5.852  8.907   -16.761 1.00 14.11 ? 82  ARG A N   1 
ATOM   605  C CA  . ARG A 1 82  ? -5.982  8.335   -15.448 1.00 15.45 ? 82  ARG A CA  1 
ATOM   606  C C   . ARG A 1 82  ? -4.691  7.691   -14.999 1.00 13.07 ? 82  ARG A C   1 
ATOM   607  O O   . ARG A 1 82  ? -4.327  7.770   -13.847 1.00 12.96 ? 82  ARG A O   1 
ATOM   608  C CB  . ARG A 1 82  ? -7.168  7.389   -15.356 1.00 14.86 ? 82  ARG A CB  1 
ATOM   609  C CG  . ARG A 1 82  ? -8.452  8.149   -15.554 1.00 20.19 ? 82  ARG A CG  1 
ATOM   610  C CD  . ARG A 1 82  ? -9.654  7.614   -14.802 1.00 20.97 ? 82  ARG A CD  1 
ATOM   611  N NE  . ARG A 1 82  ? -9.778  6.221   -15.106 1.00 32.31 ? 82  ARG A NE  1 
ATOM   612  C CZ  . ARG A 1 82  ? -9.906  5.800   -16.322 1.00 35.31 ? 82  ARG A CZ  1 
ATOM   613  N NH1 . ARG A 1 82  ? -9.967  6.679   -17.281 1.00 37.21 ? 82  ARG A NH1 1 
ATOM   614  N NH2 . ARG A 1 82  ? -9.983  4.512   -16.587 1.00 34.99 ? 82  ARG A NH2 1 
ATOM   615  N N   . ARG A 1 83  ? -3.988  7.067   -15.923 1.00 11.94 ? 83  ARG A N   1 
ATOM   616  C CA  . ARG A 1 83  ? -2.699  6.456   -15.544 1.00 10.72 ? 83  ARG A CA  1 
ATOM   617  C C   . ARG A 1 83  ? -1.665  7.522   -15.152 1.00 10.86 ? 83  ARG A C   1 
ATOM   618  O O   . ARG A 1 83  ? -0.919  7.340   -14.179 1.00 10.54 ? 83  ARG A O   1 
ATOM   619  C CB  . ARG A 1 83  ? -2.178  5.530   -16.648 1.00 10.40 ? 83  ARG A CB  1 
ATOM   620  C CG  . ARG A 1 83  ? -3.129  4.351   -16.877 1.00 10.25 ? 83  ARG A CG  1 
ATOM   621  C CD  . ARG A 1 83  ? -2.564  3.340   -17.840 1.00 11.63 ? 83  ARG A CD  1 
ATOM   622  N NE  . ARG A 1 83  ? -2.272  3.887   -19.164 1.00 10.92 ? 83  ARG A NE  1 
ATOM   623  C CZ  . ARG A 1 83  ? -3.117  3.872   -20.192 1.00 13.77 ? 83  ARG A CZ  1 
ATOM   624  N NH1 . ARG A 1 83  ? -4.347  3.352   -20.060 1.00 14.91 ? 83  ARG A NH1 1 
ATOM   625  N NH2 . ARG A 1 83  ? -2.735  4.371   -21.362 1.00 12.99 ? 83  ARG A NH2 1 
ATOM   626  N N   . ALA A 1 84  ? -1.667  8.650   -15.864 1.00 11.07 ? 84  ALA A N   1 
ATOM   627  C CA  . ALA A 1 84  ? -0.736  9.751   -15.539 1.00 11.49 ? 84  ALA A CA  1 
ATOM   628  C C   . ALA A 1 84  ? -1.044  10.323  -14.156 1.00 11.11 ? 84  ALA A C   1 
ATOM   629  O O   . ALA A 1 84  ? -0.143  10.575  -13.335 1.00 10.38 ? 84  ALA A O   1 
ATOM   630  C CB  . ALA A 1 84  ? -0.829  10.833  -16.595 1.00 10.97 ? 84  ALA A CB  1 
ATOM   631  N N   . LEU A 1 85  ? -2.337  10.525  -13.882 1.00 10.77 ? 85  LEU A N   1 
ATOM   632  C CA  . LEU A 1 85  ? -2.757  11.016  -12.570 1.00 11.12 ? 85  LEU A CA  1 
ATOM   633  C C   . LEU A 1 85  ? -2.406  10.024  -11.458 1.00 10.26 ? 85  LEU A C   1 
ATOM   634  O O   . LEU A 1 85  ? -1.837  10.405  -10.449 1.00 10.89 ? 85  LEU A O   1 
ATOM   635  C CB  . LEU A 1 85  ? -4.253  11.320  -12.558 1.00 11.64 ? 85  LEU A CB  1 
ATOM   636  C CG  . LEU A 1 85  ? -4.704  12.689  -13.060 1.00 16.43 ? 85  LEU A CG  1 
ATOM   637  C CD1 . LEU A 1 85  ? -4.761  12.734  -14.558 1.00 21.51 ? 85  LEU A CD1 1 
ATOM   638  C CD2 . LEU A 1 85  ? -6.103  13.009  -12.470 1.00 18.30 ? 85  LEU A CD2 1 
ATOM   639  N N   . ALA A 1 86  ? -2.731  8.750   -11.653 1.00 9.99  ? 86  ALA A N   1 
ATOM   640  C CA  . ALA A 1 86  ? -2.393  7.729   -10.659 1.00 9.60  ? 86  ALA A CA  1 
ATOM   641  C C   . ALA A 1 86  ? -0.889  7.764   -10.372 1.00 9.61  ? 86  ALA A C   1 
ATOM   642  O O   . ALA A 1 86  ? -0.470  7.745   -9.208  1.00 9.91  ? 86  ALA A O   1 
ATOM   643  C CB  . ALA A 1 86  ? -2.844  6.329   -11.154 1.00 10.33 ? 86  ALA A CB  1 
ATOM   644  N N   . ALA A 1 87  ? -0.091  7.879   -11.437 1.00 10.08 ? 87  ALA A N   1 
ATOM   645  C CA  . ALA A 1 87  ? 1.377   7.876   -11.284 1.00 10.83 ? 87  ALA A CA  1 
ATOM   646  C C   . ALA A 1 87  ? 1.859   9.083   -10.495 1.00 11.25 ? 87  ALA A C   1 
ATOM   647  O O   . ALA A 1 87  ? 2.751   8.982   -9.643  1.00 10.27 ? 87  ALA A O   1 
ATOM   648  C CB  . ALA A 1 87  ? 2.067   7.835   -12.644 1.00 10.42 ? 87  ALA A CB  1 
ATOM   649  N N   . ALA A 1 88  ? 1.293   10.249  -10.805 1.00 11.25 ? 88  ALA A N   1 
ATOM   650  C CA  . ALA A 1 88  ? 1.679   11.461  -10.085 1.00 11.97 ? 88  ALA A CA  1 
ATOM   651  C C   . ALA A 1 88  ? 1.322   11.391  -8.590  1.00 12.19 ? 88  ALA A C   1 
ATOM   652  O O   . ALA A 1 88  ? 2.089   11.828  -7.745  1.00 12.54 ? 88  ALA A O   1 
ATOM   653  C CB  . ALA A 1 88  ? 1.049   12.676  -10.744 1.00 12.72 ? 88  ALA A CB  1 
ATOM   654  N N   . PHE A 1 89  ? 0.159   10.834  -8.263  1.00 12.42 ? 89  PHE A N   1 
ATOM   655  C CA  . PHE A 1 89  ? -0.194  10.633  -6.863  1.00 13.12 ? 89  PHE A CA  1 
ATOM   656  C C   . PHE A 1 89  ? 0.701   9.606   -6.153  1.00 12.76 ? 89  PHE A C   1 
ATOM   657  O O   . PHE A 1 89  ? 0.981   9.736   -4.964  1.00 13.18 ? 89  PHE A O   1 
ATOM   658  C CB  . PHE A 1 89  ? -1.645  10.181  -6.753  1.00 13.96 ? 89  PHE A CB  1 
ATOM   659  C CG  . PHE A 1 89  ? -2.647  11.304  -6.756  1.00 17.47 ? 89  PHE A CG  1 
ATOM   660  C CD1 . PHE A 1 89  ? -3.709  11.290  -7.650  1.00 20.73 ? 89  PHE A CD1 1 
ATOM   661  C CD2 . PHE A 1 89  ? -2.564  12.335  -5.820  1.00 21.17 ? 89  PHE A CD2 1 
ATOM   662  C CE1 . PHE A 1 89  ? -4.680  12.323  -7.641  1.00 22.80 ? 89  PHE A CE1 1 
ATOM   663  C CE2 . PHE A 1 89  ? -3.511  13.379  -5.803  1.00 22.87 ? 89  PHE A CE2 1 
ATOM   664  C CZ  . PHE A 1 89  ? -4.568  13.367  -6.712  1.00 20.46 ? 89  PHE A CZ  1 
ATOM   665  N N   . TYR A 1 90  ? 1.109   8.566   -6.875  1.00 11.38 ? 90  TYR A N   1 
ATOM   666  C CA  . TYR A 1 90  ? 1.845   7.460   -6.255  1.00 11.36 ? 90  TYR A CA  1 
ATOM   667  C C   . TYR A 1 90  ? 3.313   7.820   -6.048  1.00 10.92 ? 90  TYR A C   1 
ATOM   668  O O   . TYR A 1 90  ? 3.853   7.613   -4.970  1.00 11.03 ? 90  TYR A O   1 
ATOM   669  C CB  . TYR A 1 90  ? 1.721   6.197   -7.106  1.00 11.47 ? 90  TYR A CB  1 
ATOM   670  C CG  . TYR A 1 90  ? 2.091   4.917   -6.374  1.00 11.81 ? 90  TYR A CG  1 
ATOM   671  C CD1 . TYR A 1 90  ? 1.106   4.032   -5.946  1.00 11.43 ? 90  TYR A CD1 1 
ATOM   672  C CD2 . TYR A 1 90  ? 3.420   4.565   -6.153  1.00 9.95  ? 90  TYR A CD2 1 
ATOM   673  C CE1 . TYR A 1 90  ? 1.437   2.849   -5.299  1.00 11.55 ? 90  TYR A CE1 1 
ATOM   674  C CE2 . TYR A 1 90  ? 3.746   3.386   -5.509  1.00 11.70 ? 90  TYR A CE2 1 
ATOM   675  C CZ  . TYR A 1 90  ? 2.753   2.528   -5.087  1.00 11.25 ? 90  TYR A CZ  1 
ATOM   676  O OH  . TYR A 1 90  ? 3.078   1.345   -4.437  1.00 11.17 ? 90  TYR A OH  1 
ATOM   677  N N   . LEU A 1 91  ? 3.919   8.411   -7.070  1.00 11.13 ? 91  LEU A N   1 
ATOM   678  C CA  . LEU A 1 91  ? 5.371   8.636   -7.121  1.00 11.54 ? 91  LEU A CA  1 
ATOM   679  C C   . LEU A 1 91  ? 5.730   10.027  -6.598  1.00 13.02 ? 91  LEU A C   1 
ATOM   680  O O   . LEU A 1 91  ? 6.340   10.816  -7.300  1.00 14.30 ? 91  LEU A O   1 
ATOM   681  C CB  . LEU A 1 91  ? 5.879   8.448   -8.554  1.00 11.48 ? 91  LEU A CB  1 
ATOM   682  C CG  . LEU A 1 91  ? 5.886   6.975   -8.999  1.00 10.51 ? 91  LEU A CG  1 
ATOM   683  C CD1 . LEU A 1 91  ? 5.948   6.844   -10.519 1.00 9.24  ? 91  LEU A CD1 1 
ATOM   684  C CD2 . LEU A 1 91  ? 7.040   6.219   -8.297  1.00 10.86 ? 91  LEU A CD2 1 
ATOM   685  N N   . SER A 1 92  ? 5.323   10.312  -5.365  1.00 14.18 ? 92  SER A N   1 
ATOM   686  C CA  . SER A 1 92  ? 5.618   11.601  -4.718  1.00 15.14 ? 92  SER A CA  1 
ATOM   687  C C   . SER A 1 92  ? 6.616   11.445  -3.577  1.00 15.19 ? 92  SER A C   1 
ATOM   688  O O   . SER A 1 92  ? 6.709   10.384  -2.932  1.00 15.23 ? 92  SER A O   1 
ATOM   689  C CB  . SER A 1 92  ? 4.320   12.201  -4.166  1.00 15.35 ? 92  SER A CB  1 
ATOM   690  O OG  . SER A 1 92  ? 3.843   11.426  -3.077  1.00 15.85 ? 92  SER A OG  1 
ATOM   691  N N   . ARG A 1 93  ? 7.336   12.524  -3.275  1.00 15.90 ? 93  ARG A N   1 
ATOM   692  C CA  . ARG A 1 93  ? 8.222   12.514  -2.116  1.00 16.97 ? 93  ARG A CA  1 
ATOM   693  C C   . ARG A 1 93  ? 7.446   12.197  -0.831  1.00 16.35 ? 93  ARG A C   1 
ATOM   694  O O   . ARG A 1 93  ? 7.924   11.433  0.006   1.00 16.86 ? 93  ARG A O   1 
ATOM   695  C CB  . ARG A 1 93  ? 8.995   13.834  -2.000  1.00 16.66 ? 93  ARG A CB  1 
ATOM   696  C CG  . ARG A 1 93  ? 10.006  14.047  -3.132  1.00 18.12 ? 93  ARG A CG  1 
ATOM   697  C CD  . ARG A 1 93  ? 10.796  15.352  -2.964  1.00 20.04 ? 93  ARG A CD  1 
ATOM   698  N NE  . ARG A 1 93  ? 9.941   16.520  -3.211  1.00 26.83 ? 93  ARG A NE  1 
ATOM   699  C CZ  . ARG A 1 93  ? 9.683   17.028  -4.419  1.00 28.12 ? 93  ARG A CZ  1 
ATOM   700  N NH1 . ARG A 1 93  ? 10.200  16.483  -5.511  1.00 30.54 ? 93  ARG A NH1 1 
ATOM   701  N NH2 . ARG A 1 93  ? 8.894   18.088  -4.537  1.00 29.62 ? 93  ARG A NH2 1 
ATOM   702  N N   . LYS A 1 94  ? 6.234   12.740  -0.686  1.00 16.63 ? 94  LYS A N   1 
ATOM   703  C CA  . LYS A 1 94  ? 5.457   12.486  0.532   1.00 17.48 ? 94  LYS A CA  1 
ATOM   704  C C   . LYS A 1 94  ? 5.110   11.013  0.677   1.00 16.39 ? 94  LYS A C   1 
ATOM   705  O O   . LYS A 1 94  ? 5.170   10.452  1.773   1.00 16.73 ? 94  LYS A O   1 
ATOM   706  C CB  . LYS A 1 94  ? 4.178   13.326  0.559   1.00 18.82 ? 94  LYS A CB  1 
ATOM   707  C CG  . LYS A 1 94  ? 4.450   14.821  0.695   1.00 23.20 ? 94  LYS A CG  1 
ATOM   708  C CD  . LYS A 1 94  ? 4.698   15.252  2.135   1.00 28.76 ? 94  LYS A CD  1 
ATOM   709  C CE  . LYS A 1 94  ? 3.396   15.554  2.855   1.00 32.12 ? 94  LYS A CE  1 
ATOM   710  N NZ  . LYS A 1 94  ? 3.622   16.337  4.107   1.00 34.98 ? 94  LYS A NZ  1 
ATOM   711  N N   . HIS A 1 95  ? 4.730   10.385  -0.433  1.00 15.19 ? 95  HIS A N   1 
ATOM   712  C CA  . HIS A 1 95  ? 4.421   8.966   -0.389  1.00 13.99 ? 95  HIS A CA  1 
ATOM   713  C C   . HIS A 1 95  ? 5.696   8.188   -0.071  1.00 13.54 ? 95  HIS A C   1 
ATOM   714  O O   . HIS A 1 95  ? 5.684   7.329   0.809   1.00 12.63 ? 95  HIS A O   1 
ATOM   715  C CB  . HIS A 1 95  ? 3.776   8.500   -1.696  1.00 13.43 ? 95  HIS A CB  1 
ATOM   716  C CG  . HIS A 1 95  ? 3.154   7.134   -1.619  1.00 14.02 ? 95  HIS A CG  1 
ATOM   717  N ND1 . HIS A 1 95  ? 2.841   6.404   -2.745  1.00 13.31 ? 95  HIS A ND1 1 
ATOM   718  C CD2 . HIS A 1 95  ? 2.773   6.374   -0.562  1.00 14.23 ? 95  HIS A CD2 1 
ATOM   719  C CE1 . HIS A 1 95  ? 2.298   5.249   -2.385  1.00 13.62 ? 95  HIS A CE1 1 
ATOM   720  N NE2 . HIS A 1 95  ? 2.248   5.207   -1.067  1.00 15.33 ? 95  HIS A NE2 1 
ATOM   721  N N   . ARG A 1 96  ? 6.799   8.540   -0.733  1.00 13.58 ? 96  ARG A N   1 
ATOM   722  C CA  . ARG A 1 96  ? 8.096   7.917   -0.430  1.00 14.70 ? 96  ARG A CA  1 
ATOM   723  C C   . ARG A 1 96  ? 8.435   7.966   1.060   1.00 15.85 ? 96  ARG A C   1 
ATOM   724  O O   . ARG A 1 96  ? 8.911   6.986   1.655   1.00 16.23 ? 96  ARG A O   1 
ATOM   725  C CB  . ARG A 1 96  ? 9.221   8.562   -1.243  1.00 15.06 ? 96  ARG A CB  1 
ATOM   726  C CG  . ARG A 1 96  ? 10.599  7.921   -0.991  1.00 14.09 ? 96  ARG A CG  1 
ATOM   727  C CD  . ARG A 1 96  ? 11.740  8.816   -1.492  1.00 15.49 ? 96  ARG A CD  1 
ATOM   728  N NE  . ARG A 1 96  ? 11.719  10.136  -0.825  1.00 14.46 ? 96  ARG A NE  1 
ATOM   729  C CZ  . ARG A 1 96  ? 12.272  11.246  -1.303  1.00 16.26 ? 96  ARG A CZ  1 
ATOM   730  N NH1 . ARG A 1 96  ? 12.928  11.242  -2.463  1.00 14.99 ? 96  ARG A NH1 1 
ATOM   731  N NH2 . ARG A 1 96  ? 12.158  12.383  -0.608  1.00 16.38 ? 96  ARG A NH2 1 
ATOM   732  N N   . ASP A 1 97  ? 8.162   9.119   1.660   1.00 16.72 ? 97  ASP A N   1 
ATOM   733  C CA  . ASP A 1 97  ? 8.593   9.411   3.013   1.00 18.37 ? 97  ASP A CA  1 
ATOM   734  C C   . ASP A 1 97  ? 7.566   9.030   4.080   1.00 19.66 ? 97  ASP A C   1 
ATOM   735  O O   . ASP A 1 97  ? 7.714   9.391   5.256   1.00 20.09 ? 97  ASP A O   1 
ATOM   736  C CB  . ASP A 1 97  ? 9.002   10.878  3.080   1.00 17.81 ? 97  ASP A CB  1 
ATOM   737  C CG  . ASP A 1 97  ? 10.228  11.167  2.224   1.00 18.78 ? 97  ASP A CG  1 
ATOM   738  O OD1 . ASP A 1 97  ? 10.983  10.203  1.914   1.00 19.71 ? 97  ASP A OD1 1 
ATOM   739  O OD2 . ASP A 1 97  ? 10.458  12.333  1.852   1.00 19.61 ? 97  ASP A OD2 1 
ATOM   740  N N   . ALA A 1 98  ? 6.550   8.276   3.655   1.00 20.56 ? 98  ALA A N   1 
ATOM   741  C CA  . ALA A 1 98  ? 5.497   7.762   4.524   1.00 22.37 ? 98  ALA A CA  1 
ATOM   742  C C   . ALA A 1 98  ? 4.737   8.894   5.204   1.00 23.97 ? 98  ALA A C   1 
ATOM   743  O O   . ALA A 1 98  ? 4.399   8.795   6.396   1.00 25.34 ? 98  ALA A O   1 
ATOM   744  C CB  . ALA A 1 98  ? 6.071   6.796   5.554   1.00 22.26 ? 98  ALA A CB  1 
ATOM   745  N N   . GLN A 1 99  ? 4.500   9.974   4.462   1.00 25.00 ? 99  GLN A N   1 
ATOM   746  C CA  . GLN A 1 99  ? 3.763   11.138  4.981   1.00 26.59 ? 99  GLN A CA  1 
ATOM   747  C C   . GLN A 1 99  ? 2.421   11.319  4.277   1.00 26.95 ? 99  GLN A C   1 
ATOM   748  O O   . GLN A 1 99  ? 1.960   12.446  4.075   1.00 27.69 ? 99  GLN A O   1 
ATOM   749  C CB  . GLN A 1 99  ? 4.598   12.415  4.863   1.00 26.37 ? 99  GLN A CB  1 
ATOM   750  C CG  . GLN A 1 99  ? 5.901   12.407  5.642   1.00 27.52 ? 99  GLN A CG  1 
ATOM   751  C CD  . GLN A 1 99  ? 6.873   13.496  5.179   1.00 28.69 ? 99  GLN A CD  1 
ATOM   752  O OE1 . GLN A 1 99  ? 6.747   14.043  4.077   1.00 32.19 ? 99  GLN A OE1 1 
ATOM   753  N NE2 . GLN A 1 99  ? 7.853   13.805  6.021   1.00 31.79 ? 99  GLN A NE2 1 
ATOM   754  N N   . VAL A 1 100 ? 1.793   10.210  3.901   1.00 26.91 ? 100 VAL A N   1 
ATOM   755  C CA  . VAL A 1 100 ? 0.458   10.259  3.309   1.00 27.22 ? 100 VAL A CA  1 
ATOM   756  C C   . VAL A 1 100 ? -0.543  9.550   4.217   1.00 27.61 ? 100 VAL A C   1 
ATOM   757  O O   . VAL A 1 100 ? -0.157  8.755   5.079   1.00 28.14 ? 100 VAL A O   1 
ATOM   758  C CB  . VAL A 1 100 ? 0.416   9.672   1.868   1.00 27.29 ? 100 VAL A CB  1 
ATOM   759  C CG1 . VAL A 1 100 ? 1.255   10.518  0.921   1.00 26.41 ? 100 VAL A CG1 1 
ATOM   760  C CG2 . VAL A 1 100 ? 0.866   8.216   1.852   1.00 27.72 ? 100 VAL A CG2 1 
ATOM   761  N N   . ASP A 1 101 ? -1.825  9.849   4.037   1.00 27.84 ? 101 ASP A N   1 
ATOM   762  C CA  . ASP A 1 101 ? -2.848  9.255   4.892   1.00 28.10 ? 101 ASP A CA  1 
ATOM   763  C C   . ASP A 1 101 ? -3.113  7.784   4.585   1.00 27.00 ? 101 ASP A C   1 
ATOM   764  O O   . ASP A 1 101 ? -3.400  7.011   5.496   1.00 28.00 ? 101 ASP A O   1 
ATOM   765  C CB  . ASP A 1 101 ? -4.144  10.071  4.847   1.00 29.06 ? 101 ASP A CB  1 
ATOM   766  C CG  . ASP A 1 101 ? -4.054  11.359  5.659   1.00 31.40 ? 101 ASP A CG  1 
ATOM   767  O OD1 . ASP A 1 101 ? -3.148  11.479  6.521   1.00 33.80 ? 101 ASP A OD1 1 
ATOM   768  O OD2 . ASP A 1 101 ? -4.900  12.252  5.438   1.00 35.25 ? 101 ASP A OD2 1 
ATOM   769  N N   . ALA A 1 102 ? -3.008  7.400   3.315   1.00 24.95 ? 102 ALA A N   1 
ATOM   770  C CA  . ALA A 1 102 ? -3.335  6.041   2.890   1.00 23.23 ? 102 ALA A CA  1 
ATOM   771  C C   . ALA A 1 102 ? -2.234  5.521   1.976   1.00 21.85 ? 102 ALA A C   1 
ATOM   772  O O   . ALA A 1 102 ? -2.383  5.511   0.759   1.00 22.50 ? 102 ALA A O   1 
ATOM   773  C CB  . ALA A 1 102 ? -4.670  6.014   2.167   1.00 23.29 ? 102 ALA A CB  1 
ATOM   774  N N   . GLY A 1 103 ? -1.125  5.112   2.573   1.00 20.02 ? 103 GLY A N   1 
ATOM   775  C CA  . GLY A 1 103 ? 0.018   4.640   1.792   1.00 18.37 ? 103 GLY A CA  1 
ATOM   776  C C   . GLY A 1 103 ? -0.210  3.266   1.176   1.00 16.75 ? 103 GLY A C   1 
ATOM   777  O O   . GLY A 1 103 ? -1.074  2.487   1.618   1.00 16.60 ? 103 GLY A O   1 
ATOM   778  N N   . CYS A 1 104 ? 0.558   2.965   0.136   1.00 14.61 ? 104 CYS A N   1 
ATOM   779  C CA  . CYS A 1 104 ? 0.530   1.627   -0.463  1.00 13.32 ? 104 CYS A CA  1 
ATOM   780  C C   . CYS A 1 104 ? 1.521   0.718   0.248   1.00 13.27 ? 104 CYS A C   1 
ATOM   781  O O   . CYS A 1 104 ? 2.686   1.099   0.439   1.00 12.62 ? 104 CYS A O   1 
ATOM   782  C CB  . CYS A 1 104 ? 0.876   1.687   -1.958  1.00 13.34 ? 104 CYS A CB  1 
ATOM   783  S SG  . CYS A 1 104 ? 0.850   0.042   -2.750  1.00 12.84 ? 104 CYS A SG  1 
ATOM   784  N N   . PRO A 1 105 ? 1.077   -0.490  0.641   1.00 13.24 ? 105 PRO A N   1 
ATOM   785  C CA  . PRO A 1 105 ? 1.957   -1.408  1.355   1.00 12.85 ? 105 PRO A CA  1 
ATOM   786  C C   . PRO A 1 105 ? 2.891   -2.207  0.429   1.00 12.64 ? 105 PRO A C   1 
ATOM   787  O O   . PRO A 1 105 ? 3.761   -2.928  0.914   1.00 12.89 ? 105 PRO A O   1 
ATOM   788  C CB  . PRO A 1 105 ? 0.968   -2.362  2.033   1.00 13.19 ? 105 PRO A CB  1 
ATOM   789  C CG  . PRO A 1 105 ? -0.199  -2.423  1.075   1.00 13.81 ? 105 PRO A CG  1 
ATOM   790  C CD  . PRO A 1 105 ? -0.283  -1.044  0.458   1.00 13.49 ? 105 PRO A CD  1 
ATOM   791  N N   . LEU A 1 106 ? 2.686   -2.117  -0.883  1.00 12.03 ? 106 LEU A N   1 
ATOM   792  C CA  . LEU A 1 106 ? 3.398   -3.039  -1.791  1.00 11.45 ? 106 LEU A CA  1 
ATOM   793  C C   . LEU A 1 106 ? 4.918   -2.862  -1.824  1.00 11.87 ? 106 LEU A C   1 
ATOM   794  O O   . LEU A 1 106 ? 5.645   -3.860  -1.749  1.00 11.49 ? 106 LEU A O   1 
ATOM   795  C CB  . LEU A 1 106 ? 2.785   -3.049  -3.194  1.00 11.45 ? 106 LEU A CB  1 
ATOM   796  C CG  . LEU A 1 106 ? 1.305   -3.453  -3.275  1.00 11.38 ? 106 LEU A CG  1 
ATOM   797  C CD1 . LEU A 1 106 ? 0.835   -3.511  -4.727  1.00 13.25 ? 106 LEU A CD1 1 
ATOM   798  C CD2 . LEU A 1 106 ? 1.069   -4.797  -2.542  1.00 12.29 ? 106 LEU A CD2 1 
ATOM   799  N N   . PRO A 1 107 ? 5.417   -1.607  -1.902  1.00 12.18 ? 107 PRO A N   1 
ATOM   800  C CA  . PRO A 1 107 ? 6.876   -1.472  -1.846  1.00 12.60 ? 107 PRO A CA  1 
ATOM   801  C C   . PRO A 1 107 ? 7.508   -2.215  -0.651  1.00 13.27 ? 107 PRO A C   1 
ATOM   802  O O   . PRO A 1 107 ? 8.509   -2.919  -0.824  1.00 14.24 ? 107 PRO A O   1 
ATOM   803  C CB  . PRO A 1 107 ? 7.094   0.055   -1.785  1.00 12.71 ? 107 PRO A CB  1 
ATOM   804  C CG  . PRO A 1 107 ? 5.910   0.612   -2.522  1.00 13.30 ? 107 PRO A CG  1 
ATOM   805  C CD  . PRO A 1 107 ? 4.754   -0.296  -2.089  1.00 12.29 ? 107 PRO A CD  1 
ATOM   806  N N   . ALA A 1 108 ? 6.887   -2.119  0.527   1.00 13.47 ? 108 ALA A N   1 
ATOM   807  C CA  . ALA A 1 108 ? 7.447   -2.685  1.750   1.00 13.72 ? 108 ALA A CA  1 
ATOM   808  C C   . ALA A 1 108 ? 7.236   -4.191  1.890   1.00 14.38 ? 108 ALA A C   1 
ATOM   809  O O   . ALA A 1 108 ? 7.919   -4.841  2.694   1.00 15.01 ? 108 ALA A O   1 
ATOM   810  C CB  . ALA A 1 108 ? 6.878   -1.966  2.983   1.00 14.33 ? 108 ALA A CB  1 
ATOM   811  N N   . THR A 1 109 ? 6.298   -4.744  1.130   1.00 14.43 ? 109 THR A N   1 
ATOM   812  C CA  . THR A 1 109 ? 5.835   -6.110  1.393   1.00 14.78 ? 109 THR A CA  1 
ATOM   813  C C   . THR A 1 109 ? 6.040   -7.106  0.252   1.00 14.25 ? 109 THR A C   1 
ATOM   814  O O   . THR A 1 109 ? 6.012   -8.315  0.492   1.00 13.87 ? 109 THR A O   1 
ATOM   815  C CB  . THR A 1 109 ? 4.338   -6.120  1.798   1.00 15.57 ? 109 THR A CB  1 
ATOM   816  O OG1 . THR A 1 109 ? 3.546   -5.746  0.665   1.00 19.25 ? 109 THR A OG1 1 
ATOM   817  C CG2 . THR A 1 109 ? 4.079   -5.129  2.925   1.00 15.16 ? 109 THR A CG2 1 
ATOM   818  N N   . LEU A 1 110 ? 6.229   -6.627  -0.985  1.00 13.45 ? 110 LEU A N   1 
ATOM   819  C CA  . LEU A 1 110 ? 6.257   -7.550  -2.133  1.00 13.61 ? 110 LEU A CA  1 
ATOM   820  C C   . LEU A 1 110 ? 7.248   -8.690  -1.940  1.00 13.88 ? 110 LEU A C   1 
ATOM   821  O O   . LEU A 1 110 ? 6.908   -9.847  -2.191  1.00 14.09 ? 110 LEU A O   1 
ATOM   822  C CB  . LEU A 1 110 ? 6.559   -6.830  -3.454  1.00 14.53 ? 110 LEU A CB  1 
ATOM   823  C CG  . LEU A 1 110 ? 5.442   -6.138  -4.227  1.00 14.62 ? 110 LEU A CG  1 
ATOM   824  C CD1 . LEU A 1 110 ? 6.000   -5.671  -5.550  1.00 14.36 ? 110 LEU A CD1 1 
ATOM   825  C CD2 . LEU A 1 110 ? 4.256   -7.058  -4.480  1.00 14.77 ? 110 LEU A CD2 1 
ATOM   826  N N   . ALA A 1 111 ? 8.446   -8.370  -1.457  1.00 13.27 ? 111 ALA A N   1 
ATOM   827  C CA  . ALA A 1 111 ? 9.505   -9.385  -1.281  1.00 13.64 ? 111 ALA A CA  1 
ATOM   828  C C   . ALA A 1 111 ? 9.146   -10.505 -0.309  1.00 14.00 ? 111 ALA A C   1 
ATOM   829  O O   . ALA A 1 111 ? 9.744   -11.594 -0.344  1.00 14.24 ? 111 ALA A O   1 
ATOM   830  C CB  . ALA A 1 111 ? 10.819  -8.712  -0.856  1.00 14.40 ? 111 ALA A CB  1 
ATOM   831  N N   . GLU A 1 112 ? 8.167   -10.243 0.550   1.00 14.25 ? 112 GLU A N   1 
ATOM   832  C CA  . GLU A 1 112 ? 7.750   -11.195 1.572   1.00 14.99 ? 112 GLU A CA  1 
ATOM   833  C C   . GLU A 1 112 ? 6.554   -12.052 1.168   1.00 14.78 ? 112 GLU A C   1 
ATOM   834  O O   . GLU A 1 112 ? 6.281   -13.066 1.806   1.00 15.38 ? 112 GLU A O   1 
ATOM   835  C CB  . GLU A 1 112 ? 7.444   -10.457 2.873   1.00 15.93 ? 112 GLU A CB  1 
ATOM   836  C CG  . GLU A 1 112 ? 8.674   -9.772  3.468   1.00 17.68 ? 112 GLU A CG  1 
ATOM   837  C CD  . GLU A 1 112 ? 8.354   -8.760  4.555   1.00 22.84 ? 112 GLU A CD  1 
ATOM   838  O OE1 . GLU A 1 112 ? 7.169   -8.390  4.736   1.00 24.44 ? 112 GLU A OE1 1 
ATOM   839  O OE2 . GLU A 1 112 ? 9.309   -8.317  5.222   1.00 25.32 ? 112 GLU A OE2 1 
ATOM   840  N N   . VAL A 1 113 ? 5.825   -11.652 0.128   1.00 14.76 ? 113 VAL A N   1 
ATOM   841  C CA  . VAL A 1 113 ? 4.551   -12.299 -0.178  1.00 15.12 ? 113 VAL A CA  1 
ATOM   842  C C   . VAL A 1 113 ? 4.679   -13.823 -0.346  1.00 15.91 ? 113 VAL A C   1 
ATOM   843  O O   . VAL A 1 113 ? 3.857   -14.578 0.171   1.00 15.42 ? 113 VAL A O   1 
ATOM   844  C CB  . VAL A 1 113 ? 3.848   -11.636 -1.390  1.00 15.37 ? 113 VAL A CB  1 
ATOM   845  C CG1 . VAL A 1 113 ? 2.674   -12.471 -1.890  1.00 14.50 ? 113 VAL A CG1 1 
ATOM   846  C CG2 . VAL A 1 113 ? 3.368   -10.217 -1.001  1.00 14.62 ? 113 VAL A CG2 1 
ATOM   847  N N   . ALA A 1 114 ? 5.722   -14.263 -1.049  1.00 16.65 ? 114 ALA A N   1 
ATOM   848  C CA  . ALA A 1 114 ? 5.916   -15.697 -1.338  1.00 17.75 ? 114 ALA A CA  1 
ATOM   849  C C   . ALA A 1 114 ? 6.053   -16.552 -0.077  1.00 18.75 ? 114 ALA A C   1 
ATOM   850  O O   . ALA A 1 114 ? 5.703   -17.740 -0.086  1.00 20.60 ? 114 ALA A O   1 
ATOM   851  C CB  . ALA A 1 114 ? 7.136   -15.897 -2.236  1.00 17.48 ? 114 ALA A CB  1 
ATOM   852  N N   . ARG A 1 115 ? 6.562   -15.968 0.995   1.00 19.14 ? 115 ARG A N   1 
ATOM   853  C CA  . ARG A 1 115 ? 6.755   -16.730 2.234   1.00 19.75 ? 115 ARG A CA  1 
ATOM   854  C C   . ARG A 1 115 ? 5.718   -16.409 3.323   1.00 19.47 ? 115 ARG A C   1 
ATOM   855  O O   . ARG A 1 115 ? 5.766   -16.954 4.425   1.00 19.96 ? 115 ARG A O   1 
ATOM   856  C CB  . ARG A 1 115 ? 8.200   -16.623 2.727   1.00 20.76 ? 115 ARG A CB  1 
ATOM   857  C CG  . ARG A 1 115 ? 8.593   -15.309 3.340   1.00 24.22 ? 115 ARG A CG  1 
ATOM   858  C CD  . ARG A 1 115 ? 10.126  -15.197 3.438   1.00 30.36 ? 115 ARG A CD  1 
ATOM   859  N NE  . ARG A 1 115 ? 10.709  -14.818 2.154   1.00 33.44 ? 115 ARG A NE  1 
ATOM   860  C CZ  . ARG A 1 115 ? 11.087  -13.584 1.833   1.00 33.85 ? 115 ARG A CZ  1 
ATOM   861  N NH1 . ARG A 1 115 ? 10.980  -12.602 2.705   1.00 34.37 ? 115 ARG A NH1 1 
ATOM   862  N NH2 . ARG A 1 115 ? 11.593  -13.338 0.633   1.00 37.71 ? 115 ARG A NH2 1 
ATOM   863  N N   . LEU A 1 116 ? 4.764   -15.541 2.994   1.00 17.65 ? 116 LEU A N   1 
ATOM   864  C CA  . LEU A 1 116 ? 3.673   -15.224 3.916   1.00 17.25 ? 116 LEU A CA  1 
ATOM   865  C C   . LEU A 1 116 ? 2.479   -16.154 3.676   1.00 16.99 ? 116 LEU A C   1 
ATOM   866  O O   . LEU A 1 116 ? 2.431   -16.832 2.651   1.00 16.82 ? 116 LEU A O   1 
ATOM   867  C CB  . LEU A 1 116 ? 3.254   -13.751 3.767   1.00 16.80 ? 116 LEU A CB  1 
ATOM   868  C CG  . LEU A 1 116 ? 4.161   -12.692 4.397   1.00 16.92 ? 116 LEU A CG  1 
ATOM   869  C CD1 . LEU A 1 116 ? 3.829   -11.323 3.834   1.00 16.54 ? 116 LEU A CD1 1 
ATOM   870  C CD2 . LEU A 1 116 ? 4.064   -12.662 5.934   1.00 17.37 ? 116 LEU A CD2 1 
ATOM   871  N N   . PRO A 1 117 ? 1.512   -16.198 4.624   1.00 16.72 ? 117 PRO A N   1 
ATOM   872  C CA  . PRO A 1 117 ? 0.300   -16.983 4.357   1.00 16.62 ? 117 PRO A CA  1 
ATOM   873  C C   . PRO A 1 117 ? -0.342  -16.627 3.015   1.00 16.51 ? 117 PRO A C   1 
ATOM   874  O O   . PRO A 1 117 ? -0.257  -15.482 2.551   1.00 15.84 ? 117 PRO A O   1 
ATOM   875  C CB  . PRO A 1 117 ? -0.614  -16.633 5.530   1.00 16.62 ? 117 PRO A CB  1 
ATOM   876  C CG  . PRO A 1 117 ? 0.359   -16.319 6.659   1.00 17.01 ? 117 PRO A CG  1 
ATOM   877  C CD  . PRO A 1 117 ? 1.491   -15.593 5.971   1.00 16.69 ? 117 PRO A CD  1 
ATOM   878  N N   . GLU A 1 118 ? -0.968  -17.624 2.397   1.00 16.30 ? 118 GLU A N   1 
ATOM   879  C CA  . GLU A 1 118 ? -1.503  -17.506 1.047   1.00 16.73 ? 118 GLU A CA  1 
ATOM   880  C C   . GLU A 1 118 ? -2.459  -16.332 0.827   1.00 15.68 ? 118 GLU A C   1 
ATOM   881  O O   . GLU A 1 118 ? -2.566  -15.824 -0.297  1.00 16.07 ? 118 GLU A O   1 
ATOM   882  C CB  . GLU A 1 118 ? -2.162  -18.826 0.637   1.00 17.34 ? 118 GLU A CB  1 
ATOM   883  C CG  . GLU A 1 118 ? -2.474  -18.945 -0.846  1.00 20.93 ? 118 GLU A CG  1 
ATOM   884  C CD  . GLU A 1 118 ? -1.229  -18.989 -1.727  1.00 25.15 ? 118 GLU A CD  1 
ATOM   885  O OE1 . GLU A 1 118 ? -0.102  -19.237 -1.225  1.00 27.48 ? 118 GLU A OE1 1 
ATOM   886  O OE2 . GLU A 1 118 ? -1.390  -18.781 -2.941  1.00 29.98 ? 118 GLU A OE2 1 
ATOM   887  N N   . GLY A 1 119 ? -3.155  -15.903 1.884   1.00 15.59 ? 119 GLY A N   1 
ATOM   888  C CA  . GLY A 1 119 ? -4.054  -14.740 1.775   1.00 15.10 ? 119 GLY A CA  1 
ATOM   889  C C   . GLY A 1 119 ? -3.389  -13.498 1.182   1.00 14.66 ? 119 GLY A C   1 
ATOM   890  O O   . GLY A 1 119 ? -4.031  -12.729 0.456   1.00 14.38 ? 119 GLY A O   1 
ATOM   891  N N   . PHE A 1 120 ? -2.108  -13.299 1.492   1.00 14.42 ? 120 PHE A N   1 
ATOM   892  C CA  . PHE A 1 120 ? -1.364  -12.139 0.955   1.00 14.01 ? 120 PHE A CA  1 
ATOM   893  C C   . PHE A 1 120 ? -1.270  -12.206 -0.576  1.00 13.79 ? 120 PHE A C   1 
ATOM   894  O O   . PHE A 1 120 ? -1.637  -11.256 -1.279  1.00 13.20 ? 120 PHE A O   1 
ATOM   895  C CB  . PHE A 1 120 ? 0.032   -12.060 1.579   1.00 14.09 ? 120 PHE A CB  1 
ATOM   896  C CG  . PHE A 1 120 ? 0.049   -11.528 2.990   1.00 15.29 ? 120 PHE A CG  1 
ATOM   897  C CD1 . PHE A 1 120 ? 0.260   -10.169 3.242   1.00 16.09 ? 120 PHE A CD1 1 
ATOM   898  C CD2 . PHE A 1 120 ? -0.141  -12.380 4.072   1.00 15.21 ? 120 PHE A CD2 1 
ATOM   899  C CE1 . PHE A 1 120 ? 0.282   -9.674  4.561   1.00 15.81 ? 120 PHE A CE1 1 
ATOM   900  C CE2 . PHE A 1 120 ? -0.107  -11.896 5.389   1.00 17.03 ? 120 PHE A CE2 1 
ATOM   901  C CZ  . PHE A 1 120 ? 0.096   -10.544 5.632   1.00 15.94 ? 120 PHE A CZ  1 
ATOM   902  N N   . ARG A 1 121 ? -0.805  -13.341 -1.100  1.00 13.42 ? 121 ARG A N   1 
ATOM   903  C CA  . ARG A 1 121 ? -0.760  -13.528 -2.547  1.00 13.68 ? 121 ARG A CA  1 
ATOM   904  C C   . ARG A 1 121 ? -2.142  -13.414 -3.203  1.00 13.88 ? 121 ARG A C   1 
ATOM   905  O O   . ARG A 1 121 ? -2.285  -12.842 -4.291  1.00 13.76 ? 121 ARG A O   1 
ATOM   906  C CB  . ARG A 1 121 ? -0.117  -14.879 -2.886  1.00 14.48 ? 121 ARG A CB  1 
ATOM   907  C CG  . ARG A 1 121 ? -0.110  -15.195 -4.358  1.00 15.28 ? 121 ARG A CG  1 
ATOM   908  C CD  . ARG A 1 121 ? 0.801   -16.386 -4.639  1.00 15.33 ? 121 ARG A CD  1 
ATOM   909  N NE  . ARG A 1 121 ? 2.216   -15.998 -4.598  1.00 15.65 ? 121 ARG A NE  1 
ATOM   910  C CZ  . ARG A 1 121 ? 3.238   -16.853 -4.520  1.00 17.68 ? 121 ARG A CZ  1 
ATOM   911  N NH1 . ARG A 1 121 ? 3.020   -18.169 -4.455  1.00 18.16 ? 121 ARG A NH1 1 
ATOM   912  N NH2 . ARG A 1 121 ? 4.487   -16.398 -4.507  1.00 16.40 ? 121 ARG A NH2 1 
ATOM   913  N N   . GLU A 1 122 ? -3.162  -13.971 -2.549  1.00 14.30 ? 122 GLU A N   1 
ATOM   914  C CA  . GLU A 1 122 ? -4.518  -13.951 -3.094  1.00 15.32 ? 122 GLU A CA  1 
ATOM   915  C C   . GLU A 1 122 ? -5.025  -12.512 -3.234  1.00 14.15 ? 122 GLU A C   1 
ATOM   916  O O   . GLU A 1 122 ? -5.501  -12.118 -4.296  1.00 14.52 ? 122 GLU A O   1 
ATOM   917  C CB  . GLU A 1 122 ? -5.466  -14.801 -2.233  1.00 15.57 ? 122 GLU A CB  1 
ATOM   918  C CG  . GLU A 1 122 ? -5.127  -16.301 -2.306  1.00 18.52 ? 122 GLU A CG  1 
ATOM   919  C CD  . GLU A 1 122 ? -6.048  -17.167 -1.441  1.00 20.04 ? 122 GLU A CD  1 
ATOM   920  O OE1 . GLU A 1 122 ? -6.704  -16.630 -0.510  1.00 26.84 ? 122 GLU A OE1 1 
ATOM   921  O OE2 . GLU A 1 122 ? -6.103  -18.392 -1.694  1.00 26.50 ? 122 GLU A OE2 1 
ATOM   922  N N   . VAL A 1 123 ? -4.872  -11.732 -2.171  1.00 13.62 ? 123 VAL A N   1 
ATOM   923  C CA  . VAL A 1 123 ? -5.313  -10.338 -2.162  1.00 14.28 ? 123 VAL A CA  1 
ATOM   924  C C   . VAL A 1 123 ? -4.510  -9.518  -3.173  1.00 13.52 ? 123 VAL A C   1 
ATOM   925  O O   . VAL A 1 123 ? -5.074  -8.692  -3.916  1.00 13.27 ? 123 VAL A O   1 
ATOM   926  C CB  . VAL A 1 123 ? -5.185  -9.768  -0.740  1.00 14.78 ? 123 VAL A CB  1 
ATOM   927  C CG1 . VAL A 1 123 ? -5.284  -8.247  -0.732  1.00 17.90 ? 123 VAL A CG1 1 
ATOM   928  C CG2 . VAL A 1 123 ? -6.252  -10.395 0.166   1.00 16.96 ? 123 VAL A CG2 1 
ATOM   929  N N   . LEU A 1 124 ? -3.199  -9.773  -3.224  1.00 12.03 ? 124 LEU A N   1 
ATOM   930  C CA  . LEU A 1 124 ? -2.335  -9.111  -4.205  1.00 12.21 ? 124 LEU A CA  1 
ATOM   931  C C   . LEU A 1 124 ? -2.783  -9.324  -5.641  1.00 12.69 ? 124 LEU A C   1 
ATOM   932  O O   . LEU A 1 124 ? -2.876  -8.362  -6.418  1.00 11.67 ? 124 LEU A O   1 
ATOM   933  C CB  . LEU A 1 124 ? -0.876  -9.556  -4.048  1.00 11.83 ? 124 LEU A CB  1 
ATOM   934  C CG  . LEU A 1 124 ? 0.091   -8.996  -5.095  1.00 12.43 ? 124 LEU A CG  1 
ATOM   935  C CD1 . LEU A 1 124 ? 0.160   -7.472  -4.989  1.00 12.20 ? 124 LEU A CD1 1 
ATOM   936  C CD2 . LEU A 1 124 ? 1.477   -9.616  -4.879  1.00 12.87 ? 124 LEU A CD2 1 
ATOM   937  N N   . SER A 1 125 ? -3.057  -10.577 -5.987  1.00 12.71 ? 125 SER A N   1 
ATOM   938  C CA  . SER A 1 125 ? -3.433  -10.914 -7.348  1.00 14.43 ? 125 SER A CA  1 
ATOM   939  C C   . SER A 1 125 ? -4.719  -10.202 -7.750  1.00 14.50 ? 125 SER A C   1 
ATOM   940  O O   . SER A 1 125 ? -4.801  -9.631  -8.816  1.00 13.61 ? 125 SER A O   1 
ATOM   941  C CB  . SER A 1 125 ? -3.579  -12.430 -7.529  1.00 15.15 ? 125 SER A CB  1 
ATOM   942  O OG  . SER A 1 125 ? -2.467  -13.085 -6.985  1.00 20.64 ? 125 SER A OG  1 
ATOM   943  N N   . ARG A 1 126 ? -5.696  -10.240 -6.876  1.00 14.46 ? 126 ARG A N   1 
ATOM   944  C CA  . ARG A 1 126 ? -6.958  -9.609  -7.143  1.00 16.38 ? 126 ARG A CA  1 
ATOM   945  C C   . ARG A 1 126 ? -6.779  -8.088  -7.271  1.00 14.55 ? 126 ARG A C   1 
ATOM   946  O O   . ARG A 1 126 ? -7.339  -7.472  -8.140  1.00 14.69 ? 126 ARG A O   1 
ATOM   947  C CB  . ARG A 1 126 ? -7.890  -9.963  -5.995  1.00 16.36 ? 126 ARG A CB  1 
ATOM   948  C CG  . ARG A 1 126 ? -9.203  -9.335  -5.996  1.00 20.84 ? 126 ARG A CG  1 
ATOM   949  C CD  . ARG A 1 126 ? -10.025 -9.800  -4.793  1.00 21.96 ? 126 ARG A CD  1 
ATOM   950  N NE  . ARG A 1 126 ? -9.912  -11.247 -4.648  1.00 31.47 ? 126 ARG A NE  1 
ATOM   951  C CZ  . ARG A 1 126 ? -9.536  -11.887 -3.546  1.00 33.53 ? 126 ARG A CZ  1 
ATOM   952  N NH1 . ARG A 1 126 ? -9.225  -11.221 -2.447  1.00 36.39 ? 126 ARG A NH1 1 
ATOM   953  N NH2 . ARG A 1 126 ? -9.495  -13.215 -3.546  1.00 36.80 ? 126 ARG A NH2 1 
ATOM   954  N N   . HIS A 1 127 ? -5.993  -7.510  -6.375  1.00 13.79 ? 127 HIS A N   1 
ATOM   955  C CA  . HIS A 1 127 ? -5.698  -6.077  -6.396  1.00 13.21 ? 127 HIS A CA  1 
ATOM   956  C C   . HIS A 1 127 ? -5.108  -5.668  -7.737  1.00 12.99 ? 127 HIS A C   1 
ATOM   957  O O   . HIS A 1 127 ? -5.576  -4.699  -8.359  1.00 12.73 ? 127 HIS A O   1 
ATOM   958  C CB  . HIS A 1 127 ? -4.753  -5.748  -5.249  1.00 13.16 ? 127 HIS A CB  1 
ATOM   959  C CG  . HIS A 1 127 ? -4.382  -4.302  -5.152  1.00 14.22 ? 127 HIS A CG  1 
ATOM   960  N ND1 . HIS A 1 127 ? -5.232  -3.343  -4.634  1.00 15.09 ? 127 HIS A ND1 1 
ATOM   961  C CD2 . HIS A 1 127 ? -3.239  -3.656  -5.484  1.00 14.96 ? 127 HIS A CD2 1 
ATOM   962  C CE1 . HIS A 1 127 ? -4.624  -2.170  -4.648  1.00 15.86 ? 127 HIS A CE1 1 
ATOM   963  N NE2 . HIS A 1 127 ? -3.414  -2.329  -5.162  1.00 14.96 ? 127 HIS A NE2 1 
ATOM   964  N N   . VAL A 1 128 ? -4.096  -6.403  -8.195  1.00 12.63 ? 128 VAL A N   1 
ATOM   965  C CA  . VAL A 1 128 ? -3.498  -6.107  -9.507  1.00 12.73 ? 128 VAL A CA  1 
ATOM   966  C C   . VAL A 1 128 ? -4.533  -6.218  -10.634 1.00 12.87 ? 128 VAL A C   1 
ATOM   967  O O   . VAL A 1 128 ? -4.638  -5.333  -11.485 1.00 12.25 ? 128 VAL A O   1 
ATOM   968  C CB  . VAL A 1 128 ? -2.265  -6.992  -9.777  1.00 13.04 ? 128 VAL A CB  1 
ATOM   969  C CG1 . VAL A 1 128 ? -1.763  -6.806  -11.186 1.00 13.46 ? 128 VAL A CG1 1 
ATOM   970  C CG2 . VAL A 1 128 ? -1.170  -6.664  -8.774  1.00 13.83 ? 128 VAL A CG2 1 
ATOM   971  N N   . GLU A 1 129 ? -5.317  -7.292  -10.626 1.00 12.53 ? 129 GLU A N   1 
ATOM   972  C CA  . GLU A 1 129 ? -6.311  -7.487  -11.669 1.00 14.08 ? 129 GLU A CA  1 
ATOM   973  C C   . GLU A 1 129 ? -7.323  -6.330  -11.705 1.00 13.71 ? 129 GLU A C   1 
ATOM   974  O O   . GLU A 1 129 ? -7.613  -5.808  -12.778 1.00 13.95 ? 129 GLU A O   1 
ATOM   975  C CB  . GLU A 1 129 ? -7.042  -8.824  -11.498 1.00 13.79 ? 129 GLU A CB  1 
ATOM   976  C CG  . GLU A 1 129 ? -6.163  -10.048 -11.751 1.00 16.01 ? 129 GLU A CG  1 
ATOM   977  C CD  . GLU A 1 129 ? -6.827  -11.352 -11.313 1.00 17.52 ? 129 GLU A CD  1 
ATOM   978  O OE1 . GLU A 1 129 ? -7.765  -11.320 -10.478 1.00 23.08 ? 129 GLU A OE1 1 
ATOM   979  O OE2 . GLU A 1 129 ? -6.375  -12.419 -11.791 1.00 25.02 ? 129 GLU A OE2 1 
ATOM   980  N N   . ILE A 1 130 ? -7.832  -5.935  -10.540 1.00 13.87 ? 130 ILE A N   1 
ATOM   981  C CA  . ILE A 1 130 ? -8.855  -4.880  -10.463 1.00 14.60 ? 130 ILE A CA  1 
ATOM   982  C C   . ILE A 1 130 ? -8.269  -3.547  -10.929 1.00 14.43 ? 130 ILE A C   1 
ATOM   983  O O   . ILE A 1 130 ? -8.876  -2.834  -11.727 1.00 14.34 ? 130 ILE A O   1 
ATOM   984  C CB  . ILE A 1 130 ? -9.454  -4.747  -9.039  1.00 15.08 ? 130 ILE A CB  1 
ATOM   985  C CG1 . ILE A 1 130 ? -10.267 -5.996  -8.680  1.00 16.08 ? 130 ILE A CG1 1 
ATOM   986  C CG2 . ILE A 1 130 ? -10.314 -3.462  -8.925  1.00 16.22 ? 130 ILE A CG2 1 
ATOM   987  C CD1 . ILE A 1 130 ? -10.590 -6.071  -7.196  1.00 18.39 ? 130 ILE A CD1 1 
ATOM   988  N N   . MET A 1 131 ? -7.079  -3.221  -10.430 1.00 14.44 ? 131 MET A N   1 
ATOM   989  C CA  . MET A 1 131 ? -6.420  -1.968  -10.790 1.00 14.85 ? 131 MET A CA  1 
ATOM   990  C C   . MET A 1 131 ? -6.148  -1.862  -12.278 1.00 14.58 ? 131 MET A C   1 
ATOM   991  O O   . MET A 1 131 ? -6.425  -0.848  -12.890 1.00 14.53 ? 131 MET A O   1 
ATOM   992  C CB  . MET A 1 131 ? -5.082  -1.787  -10.071 1.00 15.59 ? 131 MET A CB  1 
ATOM   993  C CG  . MET A 1 131 ? -5.070  -1.899  -8.591  1.00 18.97 ? 131 MET A CG  1 
ATOM   994  S SD  . MET A 1 131 ? -4.523  -0.349  -7.819  1.00 26.87 ? 131 MET A SD  1 
ATOM   995  C CE  . MET A 1 131 ? -6.026  0.427   -8.206  1.00 13.91 ? 131 MET A CE  1 
ATOM   996  N N   . VAL A 1 132 ? -5.565  -2.909  -12.851 1.00 14.91 ? 132 VAL A N   1 
ATOM   997  C CA  . VAL A 1 132 ? -5.256  -2.883  -14.281 1.00 15.54 ? 132 VAL A CA  1 
ATOM   998  C C   . VAL A 1 132 ? -6.519  -2.682  -15.114 1.00 15.48 ? 132 VAL A C   1 
ATOM   999  O O   . VAL A 1 132 ? -6.567  -1.839  -16.021 1.00 15.01 ? 132 VAL A O   1 
ATOM   1000 C CB  . VAL A 1 132 ? -4.502  -4.159  -14.726 1.00 15.67 ? 132 VAL A CB  1 
ATOM   1001 C CG1 . VAL A 1 132 ? -4.553  -4.307  -16.252 1.00 17.82 ? 132 VAL A CG1 1 
ATOM   1002 C CG2 . VAL A 1 132 ? -3.081  -4.095  -14.237 1.00 17.14 ? 132 VAL A CG2 1 
ATOM   1003 N N   . THR A 1 133 ? -7.553  -3.449  -14.783 1.00 15.70 ? 133 THR A N   1 
ATOM   1004 C CA  . THR A 1 133 ? -8.808  -3.377  -15.510 1.00 16.66 ? 133 THR A CA  1 
ATOM   1005 C C   . THR A 1 133 ? -9.345  -1.947  -15.476 1.00 16.94 ? 133 THR A C   1 
ATOM   1006 O O   . THR A 1 133 ? -9.814  -1.436  -16.496 1.00 18.01 ? 133 THR A O   1 
ATOM   1007 C CB  . THR A 1 133 ? -9.832  -4.348  -14.931 1.00 17.28 ? 133 THR A CB  1 
ATOM   1008 O OG1 . THR A 1 133 ? -9.314  -5.680  -15.057 1.00 18.15 ? 133 THR A OG1 1 
ATOM   1009 C CG2 . THR A 1 133 ? -11.156 -4.263  -15.706 1.00 17.86 ? 133 THR A CG2 1 
ATOM   1010 N N   . SER A 1 134 ? -9.225  -1.303  -14.321 1.00 16.71 ? 134 SER A N   1 
ATOM   1011 C CA  . SER A 1 134 ? -9.715  0.057   -14.164 1.00 17.05 ? 134 SER A CA  1 
ATOM   1012 C C   . SER A 1 134 ? -8.837  1.103   -14.855 1.00 16.88 ? 134 SER A C   1 
ATOM   1013 O O   . SER A 1 134 ? -9.311  2.194   -15.164 1.00 17.32 ? 134 SER A O   1 
ATOM   1014 C CB  . SER A 1 134 ? -9.911  0.398   -12.697 1.00 17.91 ? 134 SER A CB  1 
ATOM   1015 O OG  . SER A 1 134 ? -8.687  0.592   -12.021 1.00 21.44 ? 134 SER A OG  1 
ATOM   1016 N N   . LEU A 1 135 ? -7.568  0.780   -15.095 1.00 14.92 ? 135 LEU A N   1 
ATOM   1017 C CA  . LEU A 1 135 ? -6.665  1.757   -15.734 1.00 15.26 ? 135 LEU A CA  1 
ATOM   1018 C C   . LEU A 1 135 ? -6.520  1.574   -17.242 1.00 15.41 ? 135 LEU A C   1 
ATOM   1019 O O   . LEU A 1 135 ? -5.931  2.415   -17.918 1.00 15.85 ? 135 LEU A O   1 
ATOM   1020 C CB  . LEU A 1 135 ? -5.279  1.731   -15.069 1.00 15.06 ? 135 LEU A CB  1 
ATOM   1021 C CG  . LEU A 1 135 ? -5.250  2.255   -13.626 1.00 16.05 ? 135 LEU A CG  1 
ATOM   1022 C CD1 . LEU A 1 135 ? -3.958  1.883   -12.944 1.00 18.43 ? 135 LEU A CD1 1 
ATOM   1023 C CD2 . LEU A 1 135 ? -5.452  3.779   -13.589 1.00 16.27 ? 135 LEU A CD2 1 
ATOM   1024 N N   . ALA A 1 136 ? -7.049  0.475   -17.768 1.00 15.18 ? 136 ALA A N   1 
ATOM   1025 C CA  . ALA A 1 136 ? -6.935  0.186   -19.193 1.00 16.41 ? 136 ALA A CA  1 
ATOM   1026 C C   . ALA A 1 136 ? -8.272  0.432   -19.880 1.00 17.55 ? 136 ALA A C   1 
ATOM   1027 O O   . ALA A 1 136 ? -9.306  -0.116  -19.463 1.00 16.79 ? 136 ALA A O   1 
ATOM   1028 C CB  . ALA A 1 136 ? -6.480  -1.252  -19.404 1.00 16.58 ? 136 ALA A CB  1 
ATOM   1029 N N   . GLU A 1 137 ? -8.261  1.266   -20.911 1.00 18.46 ? 137 GLU A N   1 
ATOM   1030 C CA  . GLU A 1 137 ? -9.514  1.587   -21.612 1.00 20.76 ? 137 GLU A CA  1 
ATOM   1031 C C   . GLU A 1 137 ? -9.832  0.625   -22.757 1.00 20.87 ? 137 GLU A C   1 
ATOM   1032 O O   . GLU A 1 137 ? -10.946 0.631   -23.289 1.00 21.67 ? 137 GLU A O   1 
ATOM   1033 C CB  . GLU A 1 137 ? -9.510  3.033   -22.104 1.00 21.46 ? 137 GLU A CB  1 
ATOM   1034 C CG  . GLU A 1 137 ? -9.699  4.050   -20.985 1.00 27.14 ? 137 GLU A CG  1 
ATOM   1035 C CD  . GLU A 1 137 ? -11.132 4.170   -20.477 1.00 32.69 ? 137 GLU A CD  1 
ATOM   1036 O OE1 . GLU A 1 137 ? -12.017 3.407   -20.933 1.00 36.56 ? 137 GLU A OE1 1 
ATOM   1037 O OE2 . GLU A 1 137 ? -11.374 5.033   -19.601 1.00 36.66 ? 137 GLU A OE2 1 
ATOM   1038 N N   . SER A 1 138 ? -8.858  -0.198  -23.130 1.00 21.00 ? 138 SER A N   1 
ATOM   1039 C CA  . SER A 1 138 ? -8.991  -1.154  -24.235 1.00 21.42 ? 138 SER A CA  1 
ATOM   1040 C C   . SER A 1 138 ? -8.004  -2.297  -24.019 1.00 21.47 ? 138 SER A C   1 
ATOM   1041 O O   . SER A 1 138 ? -7.067  -2.146  -23.239 1.00 20.83 ? 138 SER A O   1 
ATOM   1042 C CB  . SER A 1 138 ? -8.737  -0.466  -25.584 1.00 21.40 ? 138 SER A CB  1 
ATOM   1043 O OG  . SER A 1 138 ? -7.395  -0.005  -25.691 1.00 24.21 ? 138 SER A OG  1 
ATOM   1044 N N   . PRO A 1 139 ? -8.215  -3.456  -24.682 1.00 21.75 ? 139 PRO A N   1 
ATOM   1045 C CA  . PRO A 1 139 ? -7.293  -4.579  -24.439 1.00 21.74 ? 139 PRO A CA  1 
ATOM   1046 C C   . PRO A 1 139 ? -5.825  -4.250  -24.728 1.00 21.64 ? 139 PRO A C   1 
ATOM   1047 O O   . PRO A 1 139 ? -4.945  -4.779  -24.048 1.00 21.05 ? 139 PRO A O   1 
ATOM   1048 C CB  . PRO A 1 139 ? -7.810  -5.692  -25.372 1.00 22.28 ? 139 PRO A CB  1 
ATOM   1049 C CG  . PRO A 1 139 ? -8.763  -5.031  -26.316 1.00 22.69 ? 139 PRO A CG  1 
ATOM   1050 C CD  . PRO A 1 139 ? -9.295  -3.816  -25.625 1.00 22.02 ? 139 PRO A CD  1 
ATOM   1051 N N   . GLU A 1 140 ? -5.559  -3.380  -25.687 1.00 21.58 ? 140 GLU A N   1 
ATOM   1052 C CA  . GLU A 1 140 ? -4.190  -2.987  -25.992 1.00 22.32 ? 140 GLU A CA  1 
ATOM   1053 C C   . GLU A 1 140 ? -3.523  -2.264  -24.822 1.00 20.86 ? 140 GLU A C   1 
ATOM   1054 O O   . GLU A 1 140 ? -2.317  -2.259  -24.707 1.00 21.62 ? 140 GLU A O   1 
ATOM   1055 C CB  . GLU A 1 140 ? -4.154  -2.102  -27.234 1.00 23.28 ? 140 GLU A CB  1 
ATOM   1056 C CG  . GLU A 1 140 ? -5.159  -2.498  -28.299 1.00 28.11 ? 140 GLU A CG  1 
ATOM   1057 C CD  . GLU A 1 140 ? -6.468  -1.753  -28.150 1.00 32.58 ? 140 GLU A CD  1 
ATOM   1058 O OE1 . GLU A 1 140 ? -6.441  -0.511  -28.056 1.00 35.04 ? 140 GLU A OE1 1 
ATOM   1059 O OE2 . GLU A 1 140 ? -7.511  -2.403  -28.112 1.00 36.14 ? 140 GLU A OE2 1 
ATOM   1060 N N   . GLU A 1 141 ? -4.323  -1.656  -23.963 1.00 19.31 ? 141 GLU A N   1 
ATOM   1061 C CA  . GLU A 1 141 ? -3.792  -0.904  -22.819 1.00 18.06 ? 141 GLU A CA  1 
ATOM   1062 C C   . GLU A 1 141 ? -3.533  -1.730  -21.563 1.00 17.08 ? 141 GLU A C   1 
ATOM   1063 O O   . GLU A 1 141 ? -2.983  -1.199  -20.588 1.00 16.05 ? 141 GLU A O   1 
ATOM   1064 C CB  . GLU A 1 141 ? -4.700  0.282   -22.482 1.00 18.00 ? 141 GLU A CB  1 
ATOM   1065 C CG  . GLU A 1 141 ? -4.762  1.306   -23.597 1.00 18.91 ? 141 GLU A CG  1 
ATOM   1066 C CD  . GLU A 1 141 ? -5.670  2.485   -23.300 1.00 20.28 ? 141 GLU A CD  1 
ATOM   1067 O OE1 . GLU A 1 141 ? -6.152  2.630   -22.161 1.00 16.54 ? 141 GLU A OE1 1 
ATOM   1068 O OE2 . GLU A 1 141 ? -5.896  3.285   -24.243 1.00 27.25 ? 141 GLU A OE2 1 
ATOM   1069 N N   . THR A 1 142 ? -3.919  -3.012  -21.577 1.00 16.33 ? 142 THR A N   1 
ATOM   1070 C CA  . THR A 1 142 ? -3.725  -3.884  -20.412 1.00 16.01 ? 142 THR A CA  1 
ATOM   1071 C C   . THR A 1 142 ? -2.238  -3.960  -20.028 1.00 15.37 ? 142 THR A C   1 
ATOM   1072 O O   . THR A 1 142 ? -1.878  -3.709  -18.868 1.00 13.53 ? 142 THR A O   1 
ATOM   1073 C CB  . THR A 1 142 ? -4.332  -5.292  -20.633 1.00 16.89 ? 142 THR A CB  1 
ATOM   1074 O OG1 . THR A 1 142 ? -5.743  -5.145  -20.866 1.00 18.38 ? 142 THR A OG1 1 
ATOM   1075 C CG2 . THR A 1 142 ? -4.110  -6.170  -19.404 1.00 18.79 ? 142 THR A CG2 1 
ATOM   1076 N N   . ASP A 1 143 ? -1.384  -4.256  -21.006 1.00 14.15 ? 143 ASP A N   1 
ATOM   1077 C CA  . ASP A 1 143 ? 0.069   -4.343  -20.756 1.00 14.48 ? 143 ASP A CA  1 
ATOM   1078 C C   . ASP A 1 143 ? 0.695   -2.998  -20.357 1.00 13.15 ? 143 ASP A C   1 
ATOM   1079 O O   . ASP A 1 143 ? 1.619   -2.950  -19.556 1.00 12.16 ? 143 ASP A O   1 
ATOM   1080 C CB  . ASP A 1 143 ? 0.786   -4.919  -21.977 1.00 15.67 ? 143 ASP A CB  1 
ATOM   1081 C CG  . ASP A 1 143 ? 0.679   -6.451  -22.064 1.00 18.85 ? 143 ASP A CG  1 
ATOM   1082 O OD1 . ASP A 1 143 ? 0.083   -7.098  -21.172 1.00 21.51 ? 143 ASP A OD1 1 
ATOM   1083 O OD2 . ASP A 1 143 ? 1.224   -7.020  -23.035 1.00 24.68 ? 143 ASP A OD2 1 
ATOM   1084 N N   . VAL A 1 144 ? 0.186   -1.915  -20.928 1.00 12.67 ? 144 VAL A N   1 
ATOM   1085 C CA  . VAL A 1 144 ? 0.641   -0.562  -20.577 1.00 12.90 ? 144 VAL A CA  1 
ATOM   1086 C C   . VAL A 1 144 ? 0.299   -0.259  -19.110 1.00 12.59 ? 144 VAL A C   1 
ATOM   1087 O O   . VAL A 1 144 ? 1.138   0.244   -18.353 1.00 11.25 ? 144 VAL A O   1 
ATOM   1088 C CB  . VAL A 1 144 ? 0.009   0.472   -21.543 1.00 13.56 ? 144 VAL A CB  1 
ATOM   1089 C CG1 . VAL A 1 144 ? 0.413   1.886   -21.180 1.00 15.43 ? 144 VAL A CG1 1 
ATOM   1090 C CG2 . VAL A 1 144 ? 0.426   0.171   -22.967 1.00 15.46 ? 144 VAL A CG2 1 
ATOM   1091 N N   . ALA A 1 145 ? -0.933  -0.576  -18.704 1.00 11.37 ? 145 ALA A N   1 
ATOM   1092 C CA  . ALA A 1 145 ? -1.332  -0.347  -17.315 1.00 12.01 ? 145 ALA A CA  1 
ATOM   1093 C C   . ALA A 1 145 ? -0.502  -1.186  -16.336 1.00 11.23 ? 145 ALA A C   1 
ATOM   1094 O O   . ALA A 1 145 ? -0.121  -0.711  -15.278 1.00 10.79 ? 145 ALA A O   1 
ATOM   1095 C CB  . ALA A 1 145 ? -2.822  -0.620  -17.133 1.00 12.38 ? 145 ALA A CB  1 
ATOM   1096 N N   . LEU A 1 146 ? -0.226  -2.425  -16.706 1.00 11.05 ? 146 LEU A N   1 
ATOM   1097 C CA  . LEU A 1 146 ? 0.565   -3.302  -15.875 1.00 11.63 ? 146 LEU A CA  1 
ATOM   1098 C C   . LEU A 1 146 ? 1.980   -2.755  -15.716 1.00 10.53 ? 146 LEU A C   1 
ATOM   1099 O O   . LEU A 1 146 ? 2.494   -2.694  -14.623 1.00 9.97  ? 146 LEU A O   1 
ATOM   1100 C CB  . LEU A 1 146 ? 0.622   -4.693  -16.509 1.00 12.36 ? 146 LEU A CB  1 
ATOM   1101 C CG  . LEU A 1 146 ? 0.821   -5.900  -15.617 1.00 15.74 ? 146 LEU A CG  1 
ATOM   1102 C CD1 . LEU A 1 146 ? 0.076   -5.803  -14.324 1.00 15.08 ? 146 LEU A CD1 1 
ATOM   1103 C CD2 . LEU A 1 146 ? 0.433   -7.142  -16.345 1.00 17.32 ? 146 LEU A CD2 1 
ATOM   1104 N N   . ALA A 1 147 ? 2.587   -2.371  -16.827 1.00 10.58 ? 147 ALA A N   1 
ATOM   1105 C CA  . ALA A 1 147 ? 3.951   -1.791  -16.749 1.00 9.83  ? 147 ALA A CA  1 
ATOM   1106 C C   . ALA A 1 147 ? 3.923   -0.495  -15.926 1.00 10.30 ? 147 ALA A C   1 
ATOM   1107 O O   . ALA A 1 147 ? 4.861   -0.203  -15.193 1.00 8.87  ? 147 ALA A O   1 
ATOM   1108 C CB  . ALA A 1 147 ? 4.522   -1.532  -18.132 1.00 10.95 ? 147 ALA A CB  1 
ATOM   1109 N N   . ASP A 1 148 ? 2.837   0.272   -16.034 1.00 9.87  ? 148 ASP A N   1 
ATOM   1110 C CA  . ASP A 1 148 ? 2.723   1.499   -15.232 1.00 10.56 ? 148 ASP A CA  1 
ATOM   1111 C C   . ASP A 1 148 ? 2.662   1.207   -13.728 1.00 10.13 ? 148 ASP A C   1 
ATOM   1112 O O   . ASP A 1 148 ? 3.245   1.918   -12.920 1.00 9.73  ? 148 ASP A O   1 
ATOM   1113 C CB  . ASP A 1 148 ? 1.492   2.327   -15.644 1.00 10.02 ? 148 ASP A CB  1 
ATOM   1114 C CG  . ASP A 1 148 ? 1.639   3.002   -17.009 1.00 12.95 ? 148 ASP A CG  1 
ATOM   1115 O OD1 . ASP A 1 148 ? 2.740   3.049   -17.617 1.00 10.95 ? 148 ASP A OD1 1 
ATOM   1116 O OD2 . ASP A 1 148 ? 0.614   3.534   -17.486 1.00 12.23 ? 148 ASP A OD2 1 
ATOM   1117 N N   . LEU A 1 149 ? 1.937   0.162   -13.346 1.00 9.56  ? 149 LEU A N   1 
ATOM   1118 C CA  . LEU A 1 149 ? 1.896   -0.240  -11.946 1.00 10.21 ? 149 LEU A CA  1 
ATOM   1119 C C   . LEU A 1 149 ? 3.282   -0.643  -11.457 1.00 9.69  ? 149 LEU A C   1 
ATOM   1120 O O   . LEU A 1 149 ? 3.661   -0.358  -10.336 1.00 9.96  ? 149 LEU A O   1 
ATOM   1121 C CB  . LEU A 1 149 ? 0.915   -1.387  -11.743 1.00 11.81 ? 149 LEU A CB  1 
ATOM   1122 C CG  . LEU A 1 149 ? -0.537  -0.940  -11.632 1.00 16.19 ? 149 LEU A CG  1 
ATOM   1123 C CD1 . LEU A 1 149 ? -1.418  -2.180  -11.715 1.00 19.06 ? 149 LEU A CD1 1 
ATOM   1124 C CD2 . LEU A 1 149 ? -0.775  -0.191  -10.303 1.00 18.98 ? 149 LEU A CD2 1 
ATOM   1125 N N   . VAL A 1 150 ? 4.035   -1.302  -12.330 1.00 8.47  ? 150 VAL A N   1 
ATOM   1126 C CA  . VAL A 1 150 ? 5.399   -1.672  -12.011 1.00 8.42  ? 150 VAL A CA  1 
ATOM   1127 C C   . VAL A 1 150 ? 6.241   -0.396  -11.805 1.00 8.64  ? 150 VAL A C   1 
ATOM   1128 O O   . VAL A 1 150 ? 6.999   -0.323  -10.862 1.00 9.15  ? 150 VAL A O   1 
ATOM   1129 C CB  . VAL A 1 150 ? 6.018   -2.569  -13.114 1.00 8.45  ? 150 VAL A CB  1 
ATOM   1130 C CG1 . VAL A 1 150 ? 7.515   -2.727  -12.883 1.00 10.03 ? 150 VAL A CG1 1 
ATOM   1131 C CG2 . VAL A 1 150 ? 5.324   -3.963  -13.135 1.00 10.01 ? 150 VAL A CG2 1 
ATOM   1132 N N   . LEU A 1 151 ? 6.099   0.596   -12.681 1.00 8.46  ? 151 LEU A N   1 
ATOM   1133 C CA  . LEU A 1 151 ? 6.857   1.857   -12.535 1.00 8.77  ? 151 LEU A CA  1 
ATOM   1134 C C   . LEU A 1 151 ? 6.521   2.526   -11.191 1.00 8.56  ? 151 LEU A C   1 
ATOM   1135 O O   . LEU A 1 151 ? 7.391   3.103   -10.535 1.00 8.76  ? 151 LEU A O   1 
ATOM   1136 C CB  . LEU A 1 151 ? 6.572   2.810   -13.701 1.00 9.12  ? 151 LEU A CB  1 
ATOM   1137 C CG  . LEU A 1 151 ? 7.258   2.421   -15.013 1.00 9.59  ? 151 LEU A CG  1 
ATOM   1138 C CD1 . LEU A 1 151 ? 6.612   3.127   -16.197 1.00 11.09 ? 151 LEU A CD1 1 
ATOM   1139 C CD2 . LEU A 1 151 ? 8.760   2.765   -14.908 1.00 9.38  ? 151 LEU A CD2 1 
ATOM   1140 N N   . MET A 1 152 ? 5.255   2.462   -10.799 1.00 8.55  ? 152 MET A N   1 
ATOM   1141 C CA  . MET A 1 152 ? 4.830   3.052   -9.521  1.00 8.44  ? 152 MET A CA  1 
ATOM   1142 C C   . MET A 1 152 ? 5.434   2.314   -8.309  1.00 8.85  ? 152 MET A C   1 
ATOM   1143 O O   . MET A 1 152 ? 6.121   2.909   -7.452  1.00 8.58  ? 152 MET A O   1 
ATOM   1144 C CB  . MET A 1 152 ? 3.294   3.081   -9.443  1.00 9.64  ? 152 MET A CB  1 
ATOM   1145 C CG  . MET A 1 152 ? 2.650   4.094   -10.413 1.00 8.49  ? 152 MET A CG  1 
ATOM   1146 S SD  . MET A 1 152 ? 0.774   4.081   -10.302 1.00 6.42  ? 152 MET A SD  1 
ATOM   1147 C CE  . MET A 1 152 ? 0.368   3.779   -12.007 1.00 14.86 ? 152 MET A CE  1 
ATOM   1148 N N   . ILE A 1 153 ? 5.171   1.013   -8.222  1.00 9.10  ? 153 ILE A N   1 
ATOM   1149 C CA  . ILE A 1 153 ? 5.569   0.263   -7.047  1.00 9.82  ? 153 ILE A CA  1 
ATOM   1150 C C   . ILE A 1 153 ? 7.098   0.219   -6.977  1.00 9.46  ? 153 ILE A C   1 
ATOM   1151 O O   . ILE A 1 153 ? 7.689   0.523   -5.925  1.00 10.66 ? 153 ILE A O   1 
ATOM   1152 C CB  . ILE A 1 153 ? 4.979   -1.168  -7.058  1.00 10.08 ? 153 ILE A CB  1 
ATOM   1153 C CG1 . ILE A 1 153 ? 3.444   -1.129  -7.139  1.00 10.86 ? 153 ILE A CG1 1 
ATOM   1154 C CG2 . ILE A 1 153 ? 5.436   -1.940  -5.835  1.00 11.71 ? 153 ILE A CG2 1 
ATOM   1155 C CD1 . ILE A 1 153 ? 2.860   -2.466  -7.657  1.00 12.45 ? 153 ILE A CD1 1 
ATOM   1156 N N   . GLY A 1 154 ? 7.722   -0.161  -8.098  1.00 10.02 ? 154 GLY A N   1 
ATOM   1157 C CA  . GLY A 1 154 ? 9.188   -0.263  -8.207  1.00 9.45  ? 154 GLY A CA  1 
ATOM   1158 C C   . GLY A 1 154 ? 9.890   1.072   -8.020  1.00 9.65  ? 154 GLY A C   1 
ATOM   1159 O O   . GLY A 1 154 ? 10.948  1.147   -7.382  1.00 9.67  ? 154 GLY A O   1 
ATOM   1160 N N   . GLY A 1 155 ? 9.300   2.124   -8.585  1.00 9.48  ? 155 GLY A N   1 
ATOM   1161 C CA  . GLY A 1 155 ? 9.888   3.466   -8.510  1.00 9.87  ? 155 GLY A CA  1 
ATOM   1162 C C   . GLY A 1 155 ? 9.915   3.939   -7.066  1.00 10.17 ? 155 GLY A C   1 
ATOM   1163 O O   . GLY A 1 155 ? 10.923  4.479   -6.597  1.00 10.25 ? 155 GLY A O   1 
ATOM   1164 N N   . LEU A 1 156 ? 8.806   3.733   -6.357  1.00 9.88  ? 156 LEU A N   1 
ATOM   1165 C CA  . LEU A 1 156 ? 8.722   4.142   -4.957  1.00 10.30 ? 156 LEU A CA  1 
ATOM   1166 C C   . LEU A 1 156 ? 9.678   3.297   -4.095  1.00 10.67 ? 156 LEU A C   1 
ATOM   1167 O O   . LEU A 1 156 ? 10.346  3.811   -3.201  1.00 10.52 ? 156 LEU A O   1 
ATOM   1168 C CB  . LEU A 1 156 ? 7.278   4.081   -4.443  1.00 10.04 ? 156 LEU A CB  1 
ATOM   1169 C CG  . LEU A 1 156 ? 7.094   4.975   -3.217  1.00 12.05 ? 156 LEU A CG  1 
ATOM   1170 C CD1 . LEU A 1 156 ? 6.951   6.422   -3.688  1.00 12.19 ? 156 LEU A CD1 1 
ATOM   1171 C CD2 . LEU A 1 156 ? 5.847   4.526   -2.496  1.00 13.12 ? 156 LEU A CD2 1 
ATOM   1172 N N   . ALA A 1 157 ? 9.763   2.007   -4.403  1.00 10.23 ? 157 ALA A N   1 
ATOM   1173 C CA  . ALA A 1 157 ? 10.619  1.091   -3.649  1.00 10.90 ? 157 ALA A CA  1 
ATOM   1174 C C   . ALA A 1 157 ? 12.080  1.498   -3.767  1.00 10.64 ? 157 ALA A C   1 
ATOM   1175 O O   . ALA A 1 157 ? 12.794  1.594   -2.757  1.00 11.05 ? 157 ALA A O   1 
ATOM   1176 C CB  . ALA A 1 157 ? 10.420  -0.328  -4.149  1.00 11.19 ? 157 ALA A CB  1 
ATOM   1177 N N   . LEU A 1 158 ? 12.509  1.767   -4.996  1.00 9.77  ? 158 LEU A N   1 
ATOM   1178 C CA  . LEU A 1 158 ? 13.897  2.165   -5.250  1.00 10.38 ? 158 LEU A CA  1 
ATOM   1179 C C   . LEU A 1 158 ? 14.196  3.545   -4.653  1.00 10.48 ? 158 LEU A C   1 
ATOM   1180 O O   . LEU A 1 158 ? 15.218  3.727   -4.000  1.00 10.31 ? 158 LEU A O   1 
ATOM   1181 C CB  . LEU A 1 158 ? 14.215  2.152   -6.748  1.00 9.96  ? 158 LEU A CB  1 
ATOM   1182 C CG  . LEU A 1 158 ? 15.647  2.578   -7.158  1.00 10.82 ? 158 LEU A CG  1 
ATOM   1183 C CD1 . LEU A 1 158 ? 16.736  1.754   -6.425  1.00 11.11 ? 158 LEU A CD1 1 
ATOM   1184 C CD2 . LEU A 1 158 ? 15.834  2.488   -8.698  1.00 10.82 ? 158 LEU A CD2 1 
ATOM   1185 N N   . ALA A 1 159 ? 13.286  4.502   -4.856  1.00 10.41 ? 159 ALA A N   1 
ATOM   1186 C CA  . ALA A 1 159 ? 13.460  5.849   -4.298  1.00 11.39 ? 159 ALA A CA  1 
ATOM   1187 C C   . ALA A 1 159 ? 13.564  5.835   -2.766  1.00 11.71 ? 159 ALA A C   1 
ATOM   1188 O O   . ALA A 1 159 ? 14.385  6.541   -2.192  1.00 12.52 ? 159 ALA A O   1 
ATOM   1189 C CB  . ALA A 1 159 ? 12.316  6.764   -4.753  1.00 10.63 ? 159 ALA A CB  1 
ATOM   1190 N N   . ARG A 1 160 ? 12.736  5.024   -2.119  1.00 11.56 ? 160 ARG A N   1 
ATOM   1191 C CA  . ARG A 1 160 ? 12.746  4.912   -0.654  1.00 13.06 ? 160 ARG A CA  1 
ATOM   1192 C C   . ARG A 1 160 ? 14.063  4.306   -0.151  1.00 13.17 ? 160 ARG A C   1 
ATOM   1193 O O   . ARG A 1 160 ? 14.661  4.777   0.842   1.00 13.12 ? 160 ARG A O   1 
ATOM   1194 C CB  . ARG A 1 160 ? 11.572  4.049   -0.206  1.00 12.64 ? 160 ARG A CB  1 
ATOM   1195 C CG  . ARG A 1 160 ? 11.293  4.100   1.265   1.00 14.98 ? 160 ARG A CG  1 
ATOM   1196 C CD  . ARG A 1 160 ? 10.000  3.351   1.552   1.00 15.00 ? 160 ARG A CD  1 
ATOM   1197 N NE  . ARG A 1 160 ? 8.787   4.133   1.285   1.00 13.65 ? 160 ARG A NE  1 
ATOM   1198 C CZ  . ARG A 1 160 ? 7.581   3.585   1.132   1.00 15.00 ? 160 ARG A CZ  1 
ATOM   1199 N NH1 . ARG A 1 160 ? 7.447   2.262   1.149   1.00 14.16 ? 160 ARG A NH1 1 
ATOM   1200 N NH2 . ARG A 1 160 ? 6.514   4.342   0.929   1.00 15.38 ? 160 ARG A NH2 1 
ATOM   1201 N N   . ALA A 1 161 ? 14.513  3.261   -0.843  1.00 12.53 ? 161 ALA A N   1 
ATOM   1202 C CA  . ALA A 1 161 ? 15.778  2.607   -0.508  1.00 12.82 ? 161 ALA A CA  1 
ATOM   1203 C C   . ALA A 1 161 ? 16.926  3.598   -0.571  1.00 13.10 ? 161 ALA A C   1 
ATOM   1204 O O   . ALA A 1 161 ? 17.804  3.582   0.289   1.00 13.46 ? 161 ALA A O   1 
ATOM   1205 C CB  . ALA A 1 161 ? 16.050  1.447   -1.450  1.00 12.90 ? 161 ALA A CB  1 
ATOM   1206 N N   . LEU A 1 162 ? 16.921  4.459   -1.589  1.00 12.95 ? 162 LEU A N   1 
ATOM   1207 C CA  . LEU A 1 162 ? 17.995  5.427   -1.755  1.00 13.89 ? 162 LEU A CA  1 
ATOM   1208 C C   . LEU A 1 162 ? 17.955  6.537   -0.700  1.00 15.00 ? 162 LEU A C   1 
ATOM   1209 O O   . LEU A 1 162 ? 18.994  7.151   -0.391  1.00 15.75 ? 162 LEU A O   1 
ATOM   1210 C CB  . LEU A 1 162 ? 17.971  6.008   -3.168  1.00 13.61 ? 162 LEU A CB  1 
ATOM   1211 C CG  . LEU A 1 162 ? 18.336  5.015   -4.280  1.00 13.71 ? 162 LEU A CG  1 
ATOM   1212 C CD1 . LEU A 1 162 ? 17.914  5.528   -5.643  1.00 14.65 ? 162 LEU A CD1 1 
ATOM   1213 C CD2 . LEU A 1 162 ? 19.826  4.694   -4.263  1.00 14.98 ? 162 LEU A CD2 1 
ATOM   1214 N N   . GLY A 1 163 ? 16.770  6.776   -0.147  1.00 15.51 ? 163 GLY A N   1 
ATOM   1215 C CA  . GLY A 1 163 ? 16.568  7.808   0.886   1.00 16.45 ? 163 GLY A CA  1 
ATOM   1216 C C   . GLY A 1 163 ? 16.459  9.193   0.272   1.00 16.84 ? 163 GLY A C   1 
ATOM   1217 O O   . GLY A 1 163 ? 16.814  9.391   -0.887  1.00 16.51 ? 163 GLY A O   1 
ATOM   1218 N N   . PRO A 1 164 ? 15.963  10.179  1.041   1.00 17.34 ? 164 PRO A N   1 
ATOM   1219 C CA  . PRO A 1 164 ? 15.849  11.529  0.490   1.00 17.94 ? 164 PRO A CA  1 
ATOM   1220 C C   . PRO A 1 164 ? 17.160  12.042  -0.107  1.00 17.79 ? 164 PRO A C   1 
ATOM   1221 O O   . PRO A 1 164 ? 18.254  11.746  0.398   1.00 18.36 ? 164 PRO A O   1 
ATOM   1222 C CB  . PRO A 1 164 ? 15.387  12.360  1.697   1.00 17.91 ? 164 PRO A CB  1 
ATOM   1223 C CG  . PRO A 1 164 ? 14.598  11.369  2.508   1.00 18.22 ? 164 PRO A CG  1 
ATOM   1224 C CD  . PRO A 1 164 ? 15.427  10.101  2.414   1.00 18.23 ? 164 PRO A CD  1 
ATOM   1225 N N   . GLY A 1 165 ? 17.035  12.754  -1.217  1.00 18.19 ? 165 GLY A N   1 
ATOM   1226 C CA  . GLY A 1 165 ? 18.180  13.289  -1.938  1.00 18.27 ? 165 GLY A CA  1 
ATOM   1227 C C   . GLY A 1 165 ? 17.906  13.406  -3.420  1.00 18.69 ? 165 GLY A C   1 
ATOM   1228 O O   . GLY A 1 165 ? 16.842  12.997  -3.916  1.00 17.73 ? 165 GLY A O   1 
ATOM   1229 N N   . GLU A 1 166 ? 18.872  13.959  -4.133  1.00 18.43 ? 166 GLU A N   1 
ATOM   1230 C CA  . GLU A 1 166 ? 18.744  14.176  -5.554  1.00 19.17 ? 166 GLU A CA  1 
ATOM   1231 C C   . GLU A 1 166 ? 18.544  12.905  -6.381  1.00 17.87 ? 166 GLU A C   1 
ATOM   1232 O O   . GLU A 1 166 ? 17.745  12.887  -7.299  1.00 17.39 ? 166 GLU A O   1 
ATOM   1233 C CB  . GLU A 1 166 ? 19.921  14.994  -6.082  1.00 19.93 ? 166 GLU A CB  1 
ATOM   1234 C CG  . GLU A 1 166 ? 19.889  16.436  -5.594  1.00 25.39 ? 166 GLU A CG  1 
ATOM   1235 C CD  . GLU A 1 166 ? 21.048  17.281  -6.101  1.00 31.86 ? 166 GLU A CD  1 
ATOM   1236 O OE1 . GLU A 1 166 ? 21.512  17.059  -7.238  1.00 34.96 ? 166 GLU A OE1 1 
ATOM   1237 O OE2 . GLU A 1 166 ? 21.485  18.175  -5.344  1.00 35.45 ? 166 GLU A OE2 1 
ATOM   1238 N N   . LEU A 1 167 ? 19.280  11.851  -6.055  1.00 16.77 ? 167 LEU A N   1 
ATOM   1239 C CA  . LEU A 1 167 ? 19.155  10.613  -6.832  1.00 16.16 ? 167 LEU A CA  1 
ATOM   1240 C C   . LEU A 1 167 ? 17.740  10.042  -6.693  1.00 14.84 ? 167 LEU A C   1 
ATOM   1241 O O   . LEU A 1 167 ? 17.079  9.731   -7.693  1.00 14.44 ? 167 LEU A O   1 
ATOM   1242 C CB  . LEU A 1 167 ? 20.207  9.578   -6.406  1.00 15.97 ? 167 LEU A CB  1 
ATOM   1243 C CG  . LEU A 1 167 ? 20.221  8.265   -7.198  1.00 16.53 ? 167 LEU A CG  1 
ATOM   1244 C CD1 . LEU A 1 167 ? 20.258  8.481   -8.716  1.00 17.17 ? 167 LEU A CD1 1 
ATOM   1245 C CD2 . LEU A 1 167 ? 21.389  7.393   -6.735  1.00 17.83 ? 167 LEU A CD2 1 
ATOM   1246 N N   . SER A 1 168 ? 17.281  9.956   -5.450  1.00 14.60 ? 168 SER A N   1 
ATOM   1247 C CA  . SER A 1 168 ? 15.957  9.430   -5.145  1.00 14.33 ? 168 SER A CA  1 
ATOM   1248 C C   . SER A 1 168 ? 14.874  10.254  -5.840  1.00 13.86 ? 168 SER A C   1 
ATOM   1249 O O   . SER A 1 168 ? 13.945  9.703   -6.433  1.00 12.90 ? 168 SER A O   1 
ATOM   1250 C CB  . SER A 1 168 ? 15.739  9.427   -3.637  1.00 13.97 ? 168 SER A CB  1 
ATOM   1251 O OG  . SER A 1 168 ? 14.467  8.905   -3.305  1.00 14.21 ? 168 SER A OG  1 
ATOM   1252 N N   . ASP A 1 169 ? 15.012  11.576  -5.780  1.00 13.92 ? 169 ASP A N   1 
ATOM   1253 C CA  . ASP A 1 169 ? 14.069  12.471  -6.456  1.00 14.18 ? 169 ASP A CA  1 
ATOM   1254 C C   . ASP A 1 169 ? 14.040  12.180  -7.957  1.00 13.64 ? 169 ASP A C   1 
ATOM   1255 O O   . ASP A 1 169 ? 12.974  12.157  -8.591  1.00 13.27 ? 169 ASP A O   1 
ATOM   1256 C CB  . ASP A 1 169 ? 14.466  13.934  -6.219  1.00 14.69 ? 169 ASP A CB  1 
ATOM   1257 C CG  . ASP A 1 169 ? 14.134  14.428  -4.807  1.00 17.55 ? 169 ASP A CG  1 
ATOM   1258 O OD1 . ASP A 1 169 ? 13.545  13.690  -3.985  1.00 17.30 ? 169 ASP A OD1 1 
ATOM   1259 O OD2 . ASP A 1 169 ? 14.496  15.591  -4.516  1.00 19.49 ? 169 ASP A OD2 1 
ATOM   1260 N N   . ARG A 1 170 ? 15.217  11.936  -8.526  1.00 13.13 ? 170 ARG A N   1 
ATOM   1261 C CA  . ARG A 1 170 ? 15.320  11.634  -9.938  1.00 12.94 ? 170 ARG A CA  1 
ATOM   1262 C C   . ARG A 1 170 ? 14.662  10.300  -10.304 1.00 12.73 ? 170 ARG A C   1 
ATOM   1263 O O   . ARG A 1 170 ? 14.065  10.199  -11.378 1.00 12.48 ? 170 ARG A O   1 
ATOM   1264 C CB  . ARG A 1 170 ? 16.779  11.671  -10.399 1.00 13.56 ? 170 ARG A CB  1 
ATOM   1265 C CG  . ARG A 1 170 ? 16.884  11.644  -11.903 1.00 15.67 ? 170 ARG A CG  1 
ATOM   1266 C CD  . ARG A 1 170 ? 18.179  12.258  -12.405 1.00 18.24 ? 170 ARG A CD  1 
ATOM   1267 N NE  . ARG A 1 170 ? 18.170  12.320  -13.871 1.00 21.38 ? 170 ARG A NE  1 
ATOM   1268 C CZ  . ARG A 1 170 ? 19.179  12.757  -14.617 1.00 23.31 ? 170 ARG A CZ  1 
ATOM   1269 N NH1 . ARG A 1 170 ? 20.306  13.184  -14.048 1.00 23.57 ? 170 ARG A NH1 1 
ATOM   1270 N NH2 . ARG A 1 170 ? 19.054  12.784  -15.938 1.00 22.72 ? 170 ARG A NH2 1 
ATOM   1271 N N   . VAL A 1 171 ? 14.777  9.306   -9.421  1.00 11.91 ? 171 VAL A N   1 
ATOM   1272 C CA  . VAL A 1 171 ? 14.104  8.005   -9.613  1.00 11.85 ? 171 VAL A CA  1 
ATOM   1273 C C   . VAL A 1 171 ? 12.602  8.216   -9.708  1.00 11.25 ? 171 VAL A C   1 
ATOM   1274 O O   . VAL A 1 171 ? 11.950  7.697   -10.612 1.00 10.92 ? 171 VAL A O   1 
ATOM   1275 C CB  . VAL A 1 171 ? 14.476  6.985   -8.502  1.00 11.56 ? 171 VAL A CB  1 
ATOM   1276 C CG1 . VAL A 1 171 ? 13.591  5.721   -8.567  1.00 12.01 ? 171 VAL A CG1 1 
ATOM   1277 C CG2 . VAL A 1 171 ? 15.966  6.582   -8.622  1.00 12.13 ? 171 VAL A CG2 1 
ATOM   1278 N N   . LEU A 1 172 ? 12.054  9.014   -8.794  1.00 11.32 ? 172 LEU A N   1 
ATOM   1279 C CA  . LEU A 1 172 ? 10.609  9.272   -8.837  1.00 11.15 ? 172 LEU A CA  1 
ATOM   1280 C C   . LEU A 1 172 ? 10.211  9.946   -10.154 1.00 11.26 ? 172 LEU A C   1 
ATOM   1281 O O   . LEU A 1 172 ? 9.229   9.560   -10.800 1.00 10.31 ? 172 LEU A O   1 
ATOM   1282 C CB  . LEU A 1 172 ? 10.192  10.147  -7.648  1.00 11.84 ? 172 LEU A CB  1 
ATOM   1283 C CG  . LEU A 1 172 ? 10.331  9.544   -6.250  1.00 11.14 ? 172 LEU A CG  1 
ATOM   1284 C CD1 . LEU A 1 172 ? 10.066  10.632  -5.188  1.00 12.12 ? 172 LEU A CD1 1 
ATOM   1285 C CD2 . LEU A 1 172 ? 9.368   8.355   -6.063  1.00 11.62 ? 172 LEU A CD2 1 
ATOM   1286 N N   . ARG A 1 173 ? 10.945  10.975  -10.538 1.00 10.98 ? 173 ARG A N   1 
ATOM   1287 C CA  . ARG A 1 173 ? 10.672  11.686  -11.779 1.00 12.27 ? 173 ARG A CA  1 
ATOM   1288 C C   . ARG A 1 173 ? 10.769  10.770  -13.012 1.00 11.24 ? 173 ARG A C   1 
ATOM   1289 O O   . ARG A 1 173 ? 9.937   10.803  -13.890 1.00 10.37 ? 173 ARG A O   1 
ATOM   1290 C CB  . ARG A 1 173 ? 11.699  12.783  -11.974 1.00 13.20 ? 173 ARG A CB  1 
ATOM   1291 C CG  . ARG A 1 173 ? 11.150  14.144  -12.131 1.00 18.44 ? 173 ARG A CG  1 
ATOM   1292 C CD  . ARG A 1 173 ? 11.996  15.233  -11.462 1.00 22.86 ? 173 ARG A CD  1 
ATOM   1293 N NE  . ARG A 1 173 ? 13.401  15.156  -11.846 1.00 26.60 ? 173 ARG A NE  1 
ATOM   1294 C CZ  . ARG A 1 173 ? 14.419  15.272  -11.007 1.00 27.75 ? 173 ARG A CZ  1 
ATOM   1295 N NH1 . ARG A 1 173 ? 14.214  15.468  -9.728  1.00 28.44 ? 173 ARG A NH1 1 
ATOM   1296 N NH2 . ARG A 1 173 ? 15.656  15.190  -11.458 1.00 30.01 ? 173 ARG A NH2 1 
ATOM   1297 N N   . ALA A 1 174 ? 11.846  10.009  -13.078 1.00 10.33 ? 174 ALA A N   1 
ATOM   1298 C CA  . ALA A 1 174 ? 12.092  9.174   -14.260 1.00 10.07 ? 174 ALA A CA  1 
ATOM   1299 C C   . ALA A 1 174 ? 10.977  8.144   -14.403 1.00 10.23 ? 174 ALA A C   1 
ATOM   1300 O O   . ALA A 1 174 ? 10.480  7.909   -15.501 1.00 11.03 ? 174 ALA A O   1 
ATOM   1301 C CB  . ALA A 1 174 ? 13.453  8.485   -14.144 1.00 10.94 ? 174 ALA A CB  1 
ATOM   1302 N N   . ALA A 1 175 ? 10.576  7.560   -13.276 1.00 10.12 ? 175 ALA A N   1 
ATOM   1303 C CA  . ALA A 1 175 ? 9.532   6.529   -13.268 1.00 11.05 ? 175 ALA A CA  1 
ATOM   1304 C C   . ALA A 1 175 ? 8.198   7.146   -13.710 1.00 11.56 ? 175 ALA A C   1 
ATOM   1305 O O   . ALA A 1 175 ? 7.517   6.600   -14.595 1.00 11.11 ? 175 ALA A O   1 
ATOM   1306 C CB  . ALA A 1 175 ? 9.426   5.893   -11.875 1.00 10.87 ? 175 ALA A CB  1 
ATOM   1307 N N   . LYS A 1 176 ? 7.855   8.303   -13.135 1.00 11.75 ? 176 LYS A N   1 
ATOM   1308 C CA  . LYS A 1 176 ? 6.647   9.017   -13.547 1.00 12.37 ? 176 LYS A CA  1 
ATOM   1309 C C   . LYS A 1 176 ? 6.662   9.338   -15.034 1.00 12.74 ? 176 LYS A C   1 
ATOM   1310 O O   . LYS A 1 176 ? 5.669   9.127   -15.750 1.00 12.58 ? 176 LYS A O   1 
ATOM   1311 C CB  . LYS A 1 176 ? 6.501   10.342  -12.778 1.00 13.60 ? 176 LYS A CB  1 
ATOM   1312 C CG  . LYS A 1 176 ? 5.567   10.305  -11.623 1.00 18.41 ? 176 LYS A CG  1 
ATOM   1313 C CD  . LYS A 1 176 ? 5.395   11.717  -11.039 1.00 20.07 ? 176 LYS A CD  1 
ATOM   1314 C CE  . LYS A 1 176 ? 6.636   12.134  -10.244 1.00 24.17 ? 176 LYS A CE  1 
ATOM   1315 N NZ  . LYS A 1 176 ? 6.369   13.352  -9.424  1.00 25.96 ? 176 LYS A NZ  1 
ATOM   1316 N N   . GLN A 1 177 ? 7.792   9.846   -15.517 1.00 12.29 ? 177 GLN A N   1 
ATOM   1317 C CA  . GLN A 1 177 ? 7.889   10.261  -16.913 1.00 13.62 ? 177 GLN A CA  1 
ATOM   1318 C C   . GLN A 1 177 ? 7.780   9.112   -17.928 1.00 13.02 ? 177 GLN A C   1 
ATOM   1319 O O   . GLN A 1 177 ? 7.457   9.335   -19.098 1.00 14.00 ? 177 GLN A O   1 
ATOM   1320 C CB  . GLN A 1 177 ? 9.182   11.025  -17.143 1.00 14.84 ? 177 GLN A CB  1 
ATOM   1321 C CG  . GLN A 1 177 ? 9.181   12.397  -16.509 1.00 19.12 ? 177 GLN A CG  1 
ATOM   1322 C CD  . GLN A 1 177 ? 10.564  13.014  -16.475 1.00 23.58 ? 177 GLN A CD  1 
ATOM   1323 O OE1 . GLN A 1 177 ? 11.528  12.477  -17.048 1.00 28.21 ? 177 GLN A OE1 1 
ATOM   1324 N NE2 . GLN A 1 177 ? 10.679  14.128  -15.776 1.00 26.08 ? 177 GLN A NE2 1 
ATOM   1325 N N   . ALA A 1 178 ? 8.029   7.887   -17.475 1.00 12.68 ? 178 ALA A N   1 
ATOM   1326 C CA  . ALA A 1 178 ? 7.962   6.722   -18.359 1.00 12.60 ? 178 ALA A CA  1 
ATOM   1327 C C   . ALA A 1 178 ? 6.569   6.111   -18.436 1.00 12.84 ? 178 ALA A C   1 
ATOM   1328 O O   . ALA A 1 178 ? 6.325   5.200   -19.222 1.00 12.13 ? 178 ALA A O   1 
ATOM   1329 C CB  . ALA A 1 178 ? 8.963   5.669   -17.917 1.00 13.16 ? 178 ALA A CB  1 
ATOM   1330 N N   . VAL A 1 179 ? 5.660   6.604   -17.606 1.00 12.44 ? 179 VAL A N   1 
ATOM   1331 C CA  . VAL A 1 179 ? 4.285   6.096   -17.608 1.00 13.03 ? 179 VAL A CA  1 
ATOM   1332 C C   . VAL A 1 179 ? 3.608   6.437   -18.933 1.00 13.34 ? 179 VAL A C   1 
ATOM   1333 O O   . VAL A 1 179 ? 3.703   7.579   -19.406 1.00 13.43 ? 179 VAL A O   1 
ATOM   1334 C CB  . VAL A 1 179 ? 3.514   6.680   -16.403 1.00 12.88 ? 179 VAL A CB  1 
ATOM   1335 C CG1 . VAL A 1 179 ? 1.986   6.437   -16.519 1.00 15.13 ? 179 VAL A CG1 1 
ATOM   1336 C CG2 . VAL A 1 179 ? 4.058   6.064   -15.130 1.00 12.99 ? 179 VAL A CG2 1 
ATOM   1337 N N   . ASN A 1 180 ? 2.942   5.445   -19.527 1.00 13.28 ? 180 ASN A N   1 
ATOM   1338 C CA  . ASN A 1 180 ? 2.248   5.608   -20.819 1.00 15.05 ? 180 ASN A CA  1 
ATOM   1339 C C   . ASN A 1 180 ? 0.763   5.282   -20.683 1.00 15.03 ? 180 ASN A C   1 
ATOM   1340 O O   . ASN A 1 180 ? 0.009   5.341   -21.656 1.00 15.51 ? 180 ASN A O   1 
ATOM   1341 C CB  . ASN A 1 180 ? 2.858   4.691   -21.883 1.00 16.19 ? 180 ASN A CB  1 
ATOM   1342 C CG  . ASN A 1 180 ? 4.150   5.235   -22.476 1.00 19.05 ? 180 ASN A CG  1 
ATOM   1343 O OD1 . ASN A 1 180 ? 4.373   6.444   -22.545 1.00 22.94 ? 180 ASN A OD1 1 
ATOM   1344 N ND2 . ASN A 1 180 ? 4.999   4.329   -22.935 1.00 23.24 ? 180 ASN A ND2 1 
ATOM   1345 O OXT . ASN A 1 180 ? 0.291   4.947   -19.593 1.00 15.27 ? 180 ASN A OXT 1 
HETATM 1346 O O   . HOH B 2 .   ? 5.207   0.385   1.469   1.00 16.00 ? 181 HOH A O   1 
HETATM 1347 O O   . HOH B 2 .   ? 7.383   -12.601 -2.661  1.00 12.84 ? 182 HOH A O   1 
HETATM 1348 O O   . HOH B 2 .   ? 18.749  10.240  -2.958  1.00 17.37 ? 183 HOH A O   1 
HETATM 1349 O O   . HOH B 2 .   ? -1.603  -0.236  -4.899  1.00 13.66 ? 184 HOH A O   1 
HETATM 1350 O O   . HOH B 2 .   ? -2.085  6.689   -7.242  1.00 15.70 ? 185 HOH A O   1 
HETATM 1351 O O   . HOH B 2 .   ? 11.800  8.376   -17.823 1.00 14.90 ? 186 HOH A O   1 
HETATM 1352 O O   . HOH B 2 .   ? 9.373   0.143   0.958   1.00 14.98 ? 187 HOH A O   1 
HETATM 1353 O O   . HOH B 2 .   ? 1.201   -15.240 0.151   1.00 15.64 ? 188 HOH A O   1 
HETATM 1354 O O   . HOH B 2 .   ? 2.305   11.992  -14.133 1.00 15.88 ? 189 HOH A O   1 
HETATM 1355 O O   . HOH B 2 .   ? -10.823 16.117  -14.529 1.00 13.41 ? 190 HOH A O   1 
HETATM 1356 O O   . HOH B 2 .   ? -9.672  13.231  -11.064 1.00 19.26 ? 191 HOH A O   1 
HETATM 1357 O O   . HOH B 2 .   ? 3.740   3.542   0.775   1.00 18.11 ? 192 HOH A O   1 
HETATM 1358 O O   . HOH B 2 .   ? 9.444   -5.666  -1.004  1.00 14.65 ? 193 HOH A O   1 
HETATM 1359 O O   . HOH B 2 .   ? 14.343  14.028  -1.430  1.00 20.35 ? 194 HOH A O   1 
HETATM 1360 O O   . HOH B 2 .   ? -1.129  -20.235 3.713   0.50 21.00 ? 195 HOH A O   1 
HETATM 1361 O O   . HOH B 2 .   ? 1.119   11.778  -3.185  1.00 22.83 ? 196 HOH A O   1 
HETATM 1362 O O   . HOH B 2 .   ? -2.237  -5.376  -23.588 1.00 18.32 ? 197 HOH A O   1 
HETATM 1363 O O   . HOH B 2 .   ? 5.495   15.159  -2.261  1.00 21.74 ? 198 HOH A O   1 
HETATM 1364 O O   . HOH B 2 .   ? 7.797   5.037   -21.426 1.00 19.30 ? 199 HOH A O   1 
HETATM 1365 O O   . HOH B 2 .   ? -4.761  4.921   -5.313  1.00 19.53 ? 200 HOH A O   1 
HETATM 1366 O O   . HOH B 2 .   ? 11.799  0.215   -0.561  1.00 21.43 ? 201 HOH A O   1 
HETATM 1367 O O   . HOH B 2 .   ? -12.740 -1.224  15.172  1.00 20.86 ? 202 HOH A O   1 
HETATM 1368 O O   . HOH B 2 .   ? 10.277  -0.451  3.571   1.00 21.42 ? 203 HOH A O   1 
HETATM 1369 O O   . HOH B 2 .   ? -3.852  -16.754 4.562   1.00 21.11 ? 204 HOH A O   1 
HETATM 1370 O O   . HOH B 2 .   ? 9.923   -13.713 -2.882  1.00 19.02 ? 205 HOH A O   1 
HETATM 1371 O O   . HOH B 2 .   ? 13.863  6.188   2.875   1.00 20.53 ? 206 HOH A O   1 
HETATM 1372 O O   . HOH B 2 .   ? -12.559 -6.327  19.033  1.00 24.84 ? 207 HOH A O   1 
HETATM 1373 O O   . HOH B 2 .   ? 2.037   -17.461 -1.385  1.00 28.34 ? 208 HOH A O   1 
HETATM 1374 O O   . HOH B 2 .   ? -0.771  8.104   -3.129  1.00 24.70 ? 209 HOH A O   1 
HETATM 1375 O O   . HOH B 2 .   ? -10.837 -2.322  13.502  1.00 20.09 ? 210 HOH A O   1 
HETATM 1376 O O   . HOH B 2 .   ? 6.956   14.764  -5.020  1.00 25.84 ? 211 HOH A O   1 
HETATM 1377 O O   . HOH B 2 .   ? 19.538  9.465   0.915   1.00 23.60 ? 212 HOH A O   1 
HETATM 1378 O O   . HOH B 2 .   ? 21.488  7.371   -1.574  1.00 24.47 ? 213 HOH A O   1 
HETATM 1379 O O   . HOH B 2 .   ? 21.659  11.848  -4.242  1.00 26.96 ? 214 HOH A O   1 
HETATM 1380 O O   . HOH B 2 .   ? -10.347 -10.071 14.608  1.00 27.29 ? 215 HOH A O   1 
HETATM 1381 O O   . HOH B 2 .   ? 10.923  13.820  -7.302  1.00 24.32 ? 216 HOH A O   1 
HETATM 1382 O O   . HOH B 2 .   ? 9.280   -6.779  1.467   1.00 24.64 ? 217 HOH A O   1 
HETATM 1383 O O   . HOH B 2 .   ? -7.021  -11.557 8.671   1.00 27.46 ? 218 HOH A O   1 
HETATM 1384 O O   . HOH B 2 .   ? -11.894 -8.132  17.044  1.00 23.86 ? 219 HOH A O   1 
HETATM 1385 O O   . HOH B 2 .   ? -7.839  1.451   12.267  1.00 30.35 ? 220 HOH A O   1 
HETATM 1386 O O   . HOH B 2 .   ? 5.252   2.545   -19.504 1.00 23.19 ? 221 HOH A O   1 
HETATM 1387 O O   . HOH B 2 .   ? -4.012  2.744   1.877   1.00 25.24 ? 222 HOH A O   1 
HETATM 1388 O O   . HOH B 2 .   ? -8.011  -5.401  -0.422  1.00 22.23 ? 223 HOH A O   1 
HETATM 1389 O O   . HOH B 2 .   ? 6.139   -18.556 -5.038  1.00 25.71 ? 224 HOH A O   1 
HETATM 1390 O O   . HOH B 2 .   ? 9.164   -7.302  7.530   1.00 28.86 ? 225 HOH A O   1 
HETATM 1391 O O   . HOH B 2 .   ? 0.649   -19.825 -4.374  1.00 26.45 ? 226 HOH A O   1 
HETATM 1392 O O   . HOH B 2 .   ? -11.699 -2.753  -12.032 1.00 21.89 ? 227 HOH A O   1 
HETATM 1393 O O   . HOH B 2 .   ? 4.180   13.288  -8.029  1.00 24.74 ? 228 HOH A O   1 
HETATM 1394 O O   . HOH B 2 .   ? 3.967   4.896   3.250   1.00 30.93 ? 229 HOH A O   1 
HETATM 1395 O O   . HOH B 2 .   ? -8.129  -11.655 13.794  1.00 27.57 ? 230 HOH A O   1 
HETATM 1396 O O   . HOH B 2 .   ? -20.109 1.806   18.781  1.00 31.43 ? 231 HOH A O   1 
HETATM 1397 O O   . HOH B 2 .   ? -7.480  -9.811  11.614  1.00 27.55 ? 232 HOH A O   1 
HETATM 1398 O O   . HOH B 2 .   ? 16.897  15.225  -8.521  1.00 24.52 ? 233 HOH A O   1 
HETATM 1399 O O   . HOH B 2 .   ? -13.149 14.292  -17.725 1.00 32.89 ? 234 HOH A O   1 
HETATM 1400 O O   . HOH B 2 .   ? -14.371 -4.885  17.867  1.00 25.97 ? 235 HOH A O   1 
HETATM 1401 O O   . HOH B 2 .   ? 11.005  7.885   -20.324 1.00 27.68 ? 236 HOH A O   1 
HETATM 1402 O O   . HOH B 2 .   ? 8.552   14.198  2.053   1.00 30.29 ? 237 HOH A O   1 
HETATM 1403 O O   . HOH B 2 .   ? -14.674 -3.149  15.462  1.00 29.51 ? 238 HOH A O   1 
HETATM 1404 O O   . HOH B 2 .   ? 8.244   13.117  -7.268  1.00 24.56 ? 239 HOH A O   1 
HETATM 1405 O O   . HOH B 2 .   ? -0.202  8.297   -19.254 1.00 25.52 ? 240 HOH A O   1 
HETATM 1406 O O   . HOH B 2 .   ? -5.734  9.821   -24.359 1.00 29.34 ? 241 HOH A O   1 
HETATM 1407 O O   . HOH B 2 .   ? -16.008 14.064  -16.303 1.00 26.39 ? 242 HOH A O   1 
HETATM 1408 O O   . HOH B 2 .   ? -10.453 13.124  -21.630 1.00 31.08 ? 243 HOH A O   1 
HETATM 1409 O O   . HOH B 2 .   ? 3.878   15.069  -10.595 1.00 25.69 ? 244 HOH A O   1 
HETATM 1410 O O   . HOH B 2 .   ? 21.073  15.012  -2.836  1.00 29.52 ? 245 HOH A O   1 
HETATM 1411 O O   . HOH B 2 .   ? -16.532 -3.748  18.757  1.00 28.84 ? 246 HOH A O   1 
HETATM 1412 O O   . HOH B 2 .   ? -0.088  -17.466 10.131  1.00 33.33 ? 247 HOH A O   1 
HETATM 1413 O O   . HOH B 2 .   ? 9.874   5.976   4.160   1.00 32.79 ? 248 HOH A O   1 
HETATM 1414 O O   . HOH B 2 .   ? -5.549  13.799  -23.107 1.00 33.42 ? 249 HOH A O   1 
HETATM 1415 O O   . HOH B 2 .   ? 9.074   -14.343 0.037   1.00 37.94 ? 250 HOH A O   1 
HETATM 1416 O O   . HOH B 2 .   ? -9.908  -7.256  5.635   1.00 39.94 ? 251 HOH A O   1 
HETATM 1417 O O   . HOH B 2 .   ? 2.057   9.712   -18.335 1.00 27.64 ? 252 HOH A O   1 
HETATM 1418 O O   . HOH B 2 .   ? 1.094   -15.069 13.511  1.00 35.99 ? 253 HOH A O   1 
HETATM 1419 O O   . HOH B 2 .   ? 5.859   8.511   -21.122 1.00 32.09 ? 254 HOH A O   1 
HETATM 1420 O O   . HOH B 2 .   ? -16.876 9.357   18.238  1.00 40.59 ? 255 HOH A O   1 
HETATM 1421 O O   . HOH B 2 .   ? -13.214 9.688   21.881  1.00 36.11 ? 256 HOH A O   1 
HETATM 1422 O O   . HOH B 2 .   ? 6.896   6.957   -22.889 1.00 25.74 ? 257 HOH A O   1 
HETATM 1423 O O   . HOH B 2 .   ? -8.528  -10.723 6.660   1.00 34.78 ? 258 HOH A O   1 
HETATM 1424 O O   . HOH B 2 .   ? -12.089 -2.536  -5.611  1.00 33.64 ? 259 HOH A O   1 
HETATM 1425 O O   . HOH B 2 .   ? 8.694   4.350   5.579   1.00 37.56 ? 260 HOH A O   1 
HETATM 1426 O O   . HOH B 2 .   ? -4.473  7.631   -5.864  1.00 27.70 ? 261 HOH A O   1 
HETATM 1427 O O   . HOH B 2 .   ? 11.921  10.697  -19.349 1.00 35.75 ? 262 HOH A O   1 
HETATM 1428 O O   . HOH B 2 .   ? -2.827  3.537   16.921  1.00 33.71 ? 263 HOH A O   1 
HETATM 1429 O O   . HOH B 2 .   ? -12.817 6.713   24.760  1.00 30.07 ? 264 HOH A O   1 
HETATM 1430 O O   . HOH B 2 .   ? -9.159  6.095   -23.320 1.00 46.18 ? 265 HOH A O   1 
HETATM 1431 O O   . HOH B 2 .   ? 11.053  -2.777  -2.014  1.00 22.07 ? 266 HOH A O   1 
HETATM 1432 O O   . HOH B 2 .   ? 3.309   1.018   14.251  1.00 34.85 ? 267 HOH A O   1 
HETATM 1433 O O   . HOH B 2 .   ? -11.884 7.949   -16.019 1.00 42.74 ? 268 HOH A O   1 
HETATM 1434 O O   . HOH B 2 .   ? 11.991  16.046  -8.392  1.00 41.98 ? 269 HOH A O   1 
HETATM 1435 O O   . HOH B 2 .   ? -13.211 1.803   -22.963 1.00 31.48 ? 270 HOH A O   1 
HETATM 1436 O O   . HOH B 2 .   ? -6.931  -13.919 -6.090  1.00 32.22 ? 271 HOH A O   1 
HETATM 1437 O O   . HOH B 2 .   ? -11.984 -0.732  -2.427  1.00 35.59 ? 272 HOH A O   1 
HETATM 1438 O O   . HOH B 2 .   ? -13.288 5.217   29.458  1.00 33.91 ? 273 HOH A O   1 
HETATM 1439 O O   . HOH B 2 .   ? -0.183  6.100   5.401   1.00 37.00 ? 274 HOH A O   1 
HETATM 1440 O O   . HOH B 2 .   ? 5.169   -10.941 17.610  1.00 36.79 ? 275 HOH A O   1 
HETATM 1441 O O   . HOH B 2 .   ? 1.387   14.529  -4.313  1.00 40.01 ? 276 HOH A O   1 
HETATM 1442 O O   . HOH B 2 .   ? -3.399  -15.735 7.363   1.00 37.06 ? 277 HOH A O   1 
HETATM 1443 O O   . HOH B 2 .   ? -5.330  -12.451 -14.477 1.00 36.30 ? 278 HOH A O   1 
HETATM 1444 O O   . HOH B 2 .   ? -10.020 -0.377  3.183   1.00 40.43 ? 279 HOH A O   1 
HETATM 1445 O O   . HOH B 2 .   ? -6.544  5.861   -23.214 1.00 29.62 ? 280 HOH A O   1 
HETATM 1446 O O   . HOH B 2 .   ? 7.113   4.983   -24.953 0.50 33.96 ? 281 HOH A O   1 
HETATM 1447 O O   . HOH B 2 .   ? -3.960  4.866   -23.905 1.00 35.81 ? 282 HOH A O   1 
HETATM 1448 O O   . HOH B 2 .   ? 4.624   1.574   -22.163 1.00 35.10 ? 283 HOH A O   1 
HETATM 1449 O O   . HOH B 2 .   ? 6.421   3.649   4.235   1.00 29.88 ? 284 HOH A O   1 
HETATM 1450 O O   . HOH B 2 .   ? 1.276   8.957   7.418   1.00 45.74 ? 285 HOH A O   1 
HETATM 1451 O O   . HOH B 2 .   ? -3.480  -19.490 4.833   1.00 31.87 ? 286 HOH A O   1 
HETATM 1452 O O   . HOH B 2 .   ? -9.448  -7.826  0.368   1.00 38.44 ? 287 HOH A O   1 
HETATM 1453 O O   . HOH B 2 .   ? -14.040 4.020   17.311  1.00 41.64 ? 288 HOH A O   1 
HETATM 1454 O O   . HOH B 2 .   ? 6.128   -9.351  20.466  1.00 43.67 ? 289 HOH A O   1 
HETATM 1455 O O   . HOH B 2 .   ? -2.882  8.982   0.936   1.00 36.60 ? 290 HOH A O   1 
HETATM 1456 O O   . HOH B 2 .   ? -13.968 5.184   -5.051  1.00 33.70 ? 291 HOH A O   1 
HETATM 1457 O O   . HOH B 2 .   ? -10.230 -0.277  11.689  1.00 35.56 ? 292 HOH A O   1 
HETATM 1458 O O   . HOH B 2 .   ? 4.258   -19.246 -1.492  1.00 31.81 ? 293 HOH A O   1 
HETATM 1459 O O   . HOH B 2 .   ? -9.313  4.069   17.499  1.00 38.08 ? 294 HOH A O   1 
HETATM 1460 O O   . HOH B 2 .   ? -15.153 9.979   -9.088  1.00 35.75 ? 295 HOH A O   1 
HETATM 1461 O O   . HOH B 2 .   ? -9.586  4.362   -17.583 1.00 77.75 ? 296 HOH A O   1 
HETATM 1462 O O   . HOH B 2 .   ? -0.227  4.374   -24.368 1.00 33.53 ? 297 HOH A O   1 
HETATM 1463 O O   . HOH B 2 .   ? -5.504  -7.412  -23.122 1.00 33.48 ? 298 HOH A O   1 
HETATM 1464 O O   . HOH B 2 .   ? -12.212 13.549  -9.169  1.00 45.24 ? 299 HOH A O   1 
HETATM 1465 O O   . HOH B 2 .   ? 11.899  4.010   4.547   1.00 33.89 ? 300 HOH A O   1 
HETATM 1466 O O   . HOH B 2 .   ? 0.821   -13.990 17.119  1.00 36.24 ? 301 HOH A O   1 
HETATM 1467 O O   . HOH B 2 .   ? -5.113  -19.408 -3.697  1.00 38.22 ? 302 HOH A O   1 
HETATM 1468 O O   . HOH B 2 .   ? -6.726  9.032   -6.536  1.00 46.01 ? 303 HOH A O   1 
HETATM 1469 O O   . HOH B 2 .   ? 2.991   5.540   7.264   1.00 45.29 ? 304 HOH A O   1 
HETATM 1470 O O   . HOH B 2 .   ? -13.662 0.935   13.476  1.00 36.01 ? 305 HOH A O   1 
HETATM 1471 O O   . HOH B 2 .   ? 14.977  14.327  -14.279 1.00 46.57 ? 306 HOH A O   1 
HETATM 1472 O O   . HOH B 2 .   ? 11.471  -7.301  2.946   0.50 46.55 ? 307 HOH A O   1 
HETATM 1473 O O   . HOH B 2 .   ? 3.477   1.188   -20.029 1.00 30.78 ? 308 HOH A O   1 
HETATM 1474 O O   . HOH B 2 .   ? 9.869   -3.658  4.368   1.00 43.34 ? 309 HOH A O   1 
HETATM 1475 O O   . HOH B 2 .   ? -5.207  3.435   4.283   1.00 37.25 ? 310 HOH A O   1 
HETATM 1476 O O   . HOH B 2 .   ? -6.085  1.262   10.177  1.00 42.27 ? 311 HOH A O   1 
HETATM 1477 O O   . HOH B 2 .   ? 21.102  13.594  -11.154 1.00 37.76 ? 312 HOH A O   1 
HETATM 1478 O O   . HOH B 2 .   ? 22.928  13.478  -14.977 1.00 38.28 ? 313 HOH A O   1 
HETATM 1479 O O   . HOH B 2 .   ? -9.691  3.489   22.917  1.00 49.54 ? 314 HOH A O   1 
HETATM 1480 O O   . HOH B 2 .   ? -10.297 -9.759  -9.902  1.00 42.69 ? 315 HOH A O   1 
HETATM 1481 O O   . HOH B 2 .   ? -0.342  -19.760 7.864   0.50 46.44 ? 316 HOH A O   1 
HETATM 1482 O O   . HOH B 2 .   ? -8.902  13.265  -24.062 1.00 42.54 ? 317 HOH A O   1 
HETATM 1483 O O   . HOH B 2 .   ? 6.473   15.656  -7.204  1.00 42.12 ? 318 HOH A O   1 
HETATM 1484 O O   . HOH B 2 .   ? 12.626  -7.496  6.731   1.00 39.37 ? 319 HOH A O   1 
HETATM 1485 O O   . HOH B 2 .   ? 3.498   15.255  -6.085  1.00 37.25 ? 320 HOH A O   1 
HETATM 1486 O O   . HOH B 2 .   ? -3.940  13.309  -10.280 1.00 50.28 ? 321 HOH A O   1 
HETATM 1487 O O   . HOH B 2 .   ? -10.555 -3.809  8.689   1.00 37.00 ? 322 HOH A O   1 
HETATM 1488 O O   . HOH B 2 .   ? 1.405   -19.847 1.162   1.00 39.90 ? 323 HOH A O   1 
HETATM 1489 O O   . HOH B 2 .   ? 3.824   -17.986 6.591   1.00 34.58 ? 324 HOH A O   1 
HETATM 1490 O O   . HOH B 2 .   ? -2.502  -21.148 -4.473  0.50 34.09 ? 325 HOH A O   1 
HETATM 1491 O O   . HOH B 2 .   ? -12.069 -0.619  -7.920  1.00 36.21 ? 326 HOH A O   1 
HETATM 1492 O O   . HOH B 2 .   ? 2.783   15.627  -2.401  1.00 41.93 ? 327 HOH A O   1 
HETATM 1493 O O   . HOH B 2 .   ? 15.499  17.156  -6.725  1.00 40.81 ? 328 HOH A O   1 
HETATM 1494 O O   . HOH B 2 .   ? -0.783  -19.324 -6.863  1.00 41.60 ? 329 HOH A O   1 
HETATM 1495 O O   . HOH B 2 .   ? 16.513  16.379  -2.674  1.00 46.00 ? 330 HOH A O   1 
HETATM 1496 O O   . HOH B 2 .   ? 1.591   11.335  -20.510 1.00 35.58 ? 331 HOH A O   1 
HETATM 1497 O O   . HOH B 2 .   ? 15.626  -4.651  11.025  1.00 44.72 ? 332 HOH A O   1 
HETATM 1498 O O   . HOH B 2 .   ? 2.488   6.432   4.900   1.00 40.61 ? 333 HOH A O   1 
HETATM 1499 O O   . HOH B 2 .   ? -16.667 10.642  16.053  1.00 42.57 ? 334 HOH A O   1 
HETATM 1500 O O   . HOH B 2 .   ? -2.223  2.395   -5.531  1.00 17.42 ? 335 HOH A O   1 
HETATM 1501 O O   . HOH B 2 .   ? 3.999   -16.805 9.343   1.00 46.09 ? 336 HOH A O   1 
HETATM 1502 O O   . HOH B 2 .   ? -2.524  14.285  -8.649  0.50 65.19 ? 337 HOH A O   1 
HETATM 1503 O O   . HOH B 2 .   ? -21.717 6.310   15.095  1.00 42.05 ? 338 HOH A O   1 
HETATM 1504 O O   . HOH B 2 .   ? -0.936  12.598  -1.474  1.00 43.09 ? 339 HOH A O   1 
HETATM 1505 O O   . HOH B 2 .   ? 2.908   2.613   -24.470 1.00 45.24 ? 340 HOH A O   1 
HETATM 1506 O O   . HOH B 2 .   ? 15.302  16.386  -0.251  1.00 50.12 ? 341 HOH A O   1 
HETATM 1507 O O   . HOH B 2 .   ? 12.313  -9.668  8.323   0.50 49.30 ? 342 HOH A O   1 
HETATM 1508 O O   . HOH B 2 .   ? -2.348  4.645   5.804   1.00 46.87 ? 343 HOH A O   1 
HETATM 1509 O O   . HOH B 2 .   ? -2.311  12.114  2.530   1.00 42.55 ? 344 HOH A O   1 
HETATM 1510 O O   . HOH B 2 .   ? 10.970  -16.286 -0.432  1.00 43.48 ? 345 HOH A O   1 
HETATM 1511 O O   . HOH B 2 .   ? -3.360  -10.919 24.348  1.00 83.04 ? 346 HOH A O   1 
HETATM 1512 O O   . HOH B 2 .   ? -8.518  -4.817  24.834  1.00 43.79 ? 347 HOH A O   1 
HETATM 1513 O O   . HOH B 2 .   ? -11.307 -3.416  24.549  1.00 44.66 ? 348 HOH A O   1 
HETATM 1514 O O   . HOH B 2 .   ? 15.666  -2.202  12.094  1.00 49.22 ? 349 HOH A O   1 
HETATM 1515 O O   . HOH B 2 .   ? 3.615   -18.567 1.345   1.00 39.00 ? 350 HOH A O   1 
HETATM 1516 O O   . HOH B 2 .   ? -12.930 -1.397  -10.179 1.00 39.82 ? 351 HOH A O   1 
HETATM 1517 O O   . HOH B 2 .   ? -6.623  -17.952 1.860   1.00 46.28 ? 352 HOH A O   1 
HETATM 1518 O O   . HOH B 2 .   ? -4.273  -16.687 12.192  1.00 47.09 ? 353 HOH A O   1 
HETATM 1519 O O   . HOH B 2 .   ? -16.241 14.195  -19.380 1.00 38.89 ? 354 HOH A O   1 
HETATM 1520 O O   . HOH B 2 .   ? -1.642  2.327   -7.618  1.00 27.11 ? 355 HOH A O   1 
HETATM 1521 O O   . HOH B 2 .   ? -21.074 4.126   19.136  1.00 74.74 ? 356 HOH A O   1 
HETATM 1522 O O   . HOH B 2 .   ? 12.624  -10.550 10.326  0.50 40.36 ? 357 HOH A O   1 
HETATM 1523 O O   . HOH B 2 .   ? -10.433 1.383   -8.197  1.00 49.18 ? 358 HOH A O   1 
HETATM 1524 O O   . HOH B 2 .   ? -9.558  -2.358  -28.913 1.00 42.95 ? 359 HOH A O   1 
HETATM 1525 O O   . HOH B 2 .   ? -13.659 13.583  -20.874 1.00 43.81 ? 360 HOH A O   1 
HETATM 1526 O O   . HOH B 2 .   ? 6.910   16.781  -0.561  1.00 40.99 ? 361 HOH A O   1 
HETATM 1527 O O   . HOH B 2 .   ? -6.307  -16.552 4.010   1.00 46.98 ? 362 HOH A O   1 
HETATM 1528 O O   . HOH B 2 .   ? -6.882  -13.464 -8.618  1.00 43.82 ? 363 HOH A O   1 
HETATM 1529 O O   . HOH B 2 .   ? -15.345 10.279  20.231  1.00 42.10 ? 364 HOH A O   1 
HETATM 1530 O O   . HOH B 2 .   ? 0.562   17.117  3.312   1.00 67.82 ? 365 HOH A O   1 
HETATM 1531 O O   . HOH B 2 .   ? 12.190  -18.352 0.798   1.00 42.63 ? 366 HOH A O   1 
HETATM 1532 O O   . HOH B 2 .   ? 12.739  15.713  0.391   1.00 46.96 ? 367 HOH A O   1 
HETATM 1533 O O   . HOH B 2 .   ? 4.116   2.199   24.903  1.00 48.72 ? 368 HOH A O   1 
HETATM 1534 O O   . HOH B 2 .   ? 12.414  8.591   3.323   1.00 39.18 ? 369 HOH A O   1 
HETATM 1535 O O   . HOH B 2 .   ? -15.888 9.604   -6.503  1.00 45.08 ? 370 HOH A O   1 
HETATM 1536 O O   . HOH B 2 .   ? -13.439 -3.233  11.335  1.00 41.21 ? 371 HOH A O   1 
HETATM 1537 O O   . HOH B 2 .   ? 8.615   15.025  -14.006 1.00 45.25 ? 372 HOH A O   1 
HETATM 1538 O O   . HOH B 2 .   ? -2.743  -16.720 -6.339  1.00 49.68 ? 373 HOH A O   1 
HETATM 1539 O O   . HOH B 2 .   ? 2.364   -2.078  25.305  1.00 40.78 ? 374 HOH A O   1 
HETATM 1540 O O   . HOH B 2 .   ? -8.643  11.340  -1.885  1.00 45.46 ? 375 HOH A O   1 
# 
